data_2XF2
#
_entry.id   2XF2
#
_cell.length_a   144.300
_cell.length_b   144.300
_cell.length_c   133.800
_cell.angle_alpha   90.00
_cell.angle_beta   90.00
_cell.angle_gamma   120.00
#
_symmetry.space_group_name_H-M   'P 31 2 1'
#
loop_
_entity.id
_entity.type
_entity.pdbx_description
1 polymer CATALASE
2 non-polymer 'CIS-HEME D HYDROXYCHLORIN GAMMA-SPIROLACTONE'
3 non-polymer 2-acetamido-2-deoxy-beta-D-glucopyranose
4 non-polymer 3-AMINO-1,2,4-TRIAZOLE
5 non-polymer 'CALCIUM ION'
6 water water
#
_entity_poly.entity_id   1
_entity_poly.type   'polypeptide(L)'
_entity_poly.pdbx_seq_one_letter_code
;QQFLSQFYLNDQDVYLTSNVGGPIQDENSLSAGQRGATLLQDFIFREKIQRFDHERVPERAVHARGTGAHGTFTSYGDWS
NLTAASFLSAEGKETPMFTRFSTVAGSRGSADTARDVHGFATRFYTDEGNFDIVGNNIPVFFIQDAILFPDLIHAVKPRG
DNQIPQAATAHDSAWDFFSQQPSVLHTLLWAMAGHGIPRSFRHVNGFGVHTFRLVTDDGKTKLVKFHWKGLQGKASFVWE
EAQQTAGKNADFMRQDLFQSIQAGRFPEWELGVQIMQEQDQLKFGFDLLDPTKIVPEELVPVTILGKMQLNRNPMNYFAE
TEQVMFQPGHIVRGVDFTEDPLLQGRLFSYLDTQLNRHGGPNFEQLPINRPRAPIHNNNRDGAGQMFIPLDPNAYSPNTE
NKGSPKQANETVGKGFFTAPERTASGKLQRTLSTTFENNWSQPRLFWNSLVNAQKEFIVDAMRFETSNVSSSVVRDDVII
QLNRISDNLATRVASAIGVEAPKPNSSFYHDNTTAHIGAFGEKLAKLDGLKVGLLASVNKPASIAQGAKLQVALSSVGVD
VVVVAERMANNVDETYSASDAVQFDAVVVADGAEGLFGADSFTVEPSAGSGASTLYPAGRPLNILLDAFRFGKTVGALGS
GSDALESGQISSERQGVYTGKNAGDAFAKDIKSGLSTFKFLDRFAVDE
;
_entity_poly.pdbx_strand_id   A,E
#
loop_
_chem_comp.id
_chem_comp.type
_chem_comp.name
_chem_comp.formula
3TR non-polymer 3-AMINO-1,2,4-TRIAZOLE 'C2 H4 N4'
CA non-polymer 'CALCIUM ION' 'Ca 2'
HDD non-polymer 'CIS-HEME D HYDROXYCHLORIN GAMMA-SPIROLACTONE' 'C34 H32 Fe N4 O5'
NAG D-saccharide, beta linking 2-acetamido-2-deoxy-beta-D-glucopyranose 'C8 H15 N O6'
#
# COMPACT_ATOMS: atom_id res chain seq x y z
N GLN A 1 -4.01 -30.52 9.21
CA GLN A 1 -4.51 -30.41 7.81
C GLN A 1 -5.62 -31.42 7.51
N GLN A 2 -5.76 -32.41 8.38
CA GLN A 2 -6.86 -33.38 8.26
C GLN A 2 -8.22 -32.68 8.23
N PHE A 3 -8.39 -31.65 9.07
CA PHE A 3 -9.67 -30.94 9.13
C PHE A 3 -9.93 -30.07 7.91
N LEU A 4 -8.97 -29.19 7.58
CA LEU A 4 -9.16 -28.23 6.48
C LEU A 4 -9.19 -28.86 5.09
N SER A 5 -8.58 -30.04 4.96
CA SER A 5 -8.48 -30.72 3.65
C SER A 5 -9.83 -31.10 3.06
N GLN A 6 -10.87 -31.24 3.90
CA GLN A 6 -12.19 -31.53 3.38
C GLN A 6 -12.77 -30.38 2.54
N PHE A 7 -12.18 -29.20 2.63
CA PHE A 7 -12.68 -28.01 1.91
C PHE A 7 -11.82 -27.66 0.70
N TYR A 8 -10.77 -28.46 0.49
CA TYR A 8 -9.83 -28.22 -0.60
C TYR A 8 -10.45 -28.49 -1.97
N LEU A 9 -10.13 -27.65 -2.94
CA LEU A 9 -10.50 -27.89 -4.33
C LEU A 9 -9.22 -28.08 -5.09
N ASN A 10 -9.06 -29.27 -5.67
CA ASN A 10 -7.87 -29.60 -6.43
C ASN A 10 -8.17 -29.46 -7.93
N ASP A 11 -7.40 -28.63 -8.62
CA ASP A 11 -7.64 -28.33 -10.03
C ASP A 11 -6.47 -28.76 -10.92
N GLN A 12 -5.88 -29.90 -10.58
CA GLN A 12 -4.81 -30.46 -11.40
C GLN A 12 -5.41 -31.42 -12.42
N ASP A 13 -5.08 -31.19 -13.69
CA ASP A 13 -5.49 -32.10 -14.77
C ASP A 13 -6.99 -32.39 -14.81
N VAL A 14 -7.78 -31.32 -14.91
CA VAL A 14 -9.24 -31.45 -14.90
C VAL A 14 -9.84 -30.54 -15.96
N TYR A 15 -11.07 -30.84 -16.40
CA TYR A 15 -11.84 -29.94 -17.23
C TYR A 15 -12.50 -28.82 -16.43
N LEU A 16 -12.61 -27.68 -17.06
CA LEU A 16 -13.28 -26.51 -16.50
C LEU A 16 -14.80 -26.72 -16.38
N THR A 17 -15.36 -26.33 -15.23
CA THR A 17 -16.78 -26.44 -15.00
C THR A 17 -17.35 -25.11 -14.49
N SER A 18 -18.66 -24.96 -14.57
CA SER A 18 -19.32 -23.87 -13.85
C SER A 18 -19.29 -24.17 -12.33
N ASN A 19 -19.81 -23.22 -11.56
CA ASN A 19 -19.97 -23.43 -10.11
C ASN A 19 -20.99 -24.50 -9.76
N VAL A 20 -21.81 -24.93 -10.73
CA VAL A 20 -22.75 -26.02 -10.48
C VAL A 20 -22.42 -27.30 -11.29
N GLY A 21 -21.15 -27.45 -11.65
CA GLY A 21 -20.65 -28.73 -12.14
C GLY A 21 -20.85 -29.02 -13.61
N GLY A 22 -21.26 -28.01 -14.38
CA GLY A 22 -21.44 -28.18 -15.83
C GLY A 22 -20.15 -27.85 -16.56
N PRO A 23 -19.61 -28.79 -17.37
CA PRO A 23 -18.37 -28.48 -18.08
C PRO A 23 -18.58 -27.35 -19.08
N ILE A 24 -17.61 -26.44 -19.14
CA ILE A 24 -17.73 -25.24 -19.96
C ILE A 24 -16.40 -24.84 -20.58
N GLN A 25 -16.47 -23.91 -21.53
CA GLN A 25 -15.31 -23.14 -21.97
C GLN A 25 -15.54 -21.67 -21.61
N ASP A 26 -14.49 -20.90 -21.41
CA ASP A 26 -14.68 -19.55 -20.85
C ASP A 26 -13.79 -18.48 -21.49
N GLU A 27 -13.42 -18.69 -22.76
CA GLU A 27 -12.45 -17.83 -23.41
C GLU A 27 -13.04 -16.90 -24.48
N ASN A 28 -14.28 -17.14 -24.89
CA ASN A 28 -14.95 -16.25 -25.85
C ASN A 28 -16.40 -16.00 -25.45
N SER A 29 -16.83 -14.74 -25.55
CA SER A 29 -18.24 -14.41 -25.32
C SER A 29 -19.07 -14.95 -26.48
N LEU A 30 -20.34 -15.26 -26.22
CA LEU A 30 -21.29 -15.67 -27.25
C LEU A 30 -21.74 -14.42 -27.99
N SER A 31 -21.50 -14.40 -29.31
CA SER A 31 -21.84 -13.25 -30.14
C SER A 31 -22.79 -13.63 -31.28
N ALA A 32 -23.55 -12.63 -31.73
CA ALA A 32 -24.45 -12.79 -32.87
C ALA A 32 -23.60 -12.58 -34.11
N GLY A 33 -23.02 -13.65 -34.63
CA GLY A 33 -22.09 -13.58 -35.77
C GLY A 33 -20.67 -13.29 -35.32
N GLN A 34 -19.74 -13.35 -36.27
CA GLN A 34 -18.33 -13.22 -35.97
C GLN A 34 -17.95 -11.88 -35.30
N ARG A 35 -18.55 -10.79 -35.78
CA ARG A 35 -18.21 -9.47 -35.27
C ARG A 35 -19.43 -8.81 -34.61
N GLY A 36 -20.31 -9.63 -34.04
CA GLY A 36 -21.56 -9.13 -33.53
C GLY A 36 -21.56 -8.85 -32.03
N ALA A 37 -22.71 -8.40 -31.56
CA ALA A 37 -22.93 -8.02 -30.18
C ALA A 37 -22.99 -9.26 -29.30
N THR A 38 -22.67 -9.07 -28.02
CA THR A 38 -22.70 -10.18 -27.05
C THR A 38 -24.15 -10.43 -26.61
N LEU A 39 -24.50 -11.70 -26.48
CA LEU A 39 -25.87 -12.08 -26.12
C LEU A 39 -26.07 -12.19 -24.62
N LEU A 40 -27.23 -11.72 -24.18
CA LEU A 40 -27.61 -11.85 -22.78
C LEU A 40 -27.67 -13.30 -22.29
N GLN A 41 -28.03 -14.23 -23.19
CA GLN A 41 -28.15 -15.63 -22.81
C GLN A 41 -26.81 -16.32 -22.55
N ASP A 42 -25.70 -15.61 -22.72
CA ASP A 42 -24.40 -16.14 -22.36
C ASP A 42 -24.25 -16.23 -20.84
N PHE A 43 -24.75 -17.32 -20.27
CA PHE A 43 -24.69 -17.52 -18.83
C PHE A 43 -23.27 -17.81 -18.37
N ILE A 44 -22.44 -18.33 -19.28
CA ILE A 44 -21.03 -18.61 -18.95
C ILE A 44 -20.30 -17.32 -18.67
N PHE A 45 -20.44 -16.37 -19.59
CA PHE A 45 -19.92 -15.02 -19.40
C PHE A 45 -20.41 -14.43 -18.07
N ARG A 46 -21.73 -14.39 -17.87
CA ARG A 46 -22.25 -13.69 -16.70
C ARG A 46 -21.86 -14.34 -15.35
N GLU A 47 -21.82 -15.66 -15.28
CA GLU A 47 -21.43 -16.31 -14.00
C GLU A 47 -19.95 -16.01 -13.70
N LYS A 48 -19.13 -16.01 -14.74
CA LYS A 48 -17.69 -15.78 -14.56
C LYS A 48 -17.42 -14.36 -14.09
N ILE A 49 -18.07 -13.40 -14.75
CA ILE A 49 -17.85 -11.99 -14.45
C ILE A 49 -18.54 -11.62 -13.14
N GLN A 50 -19.69 -12.21 -12.84
CA GLN A 50 -20.33 -11.94 -11.54
C GLN A 50 -19.44 -12.37 -10.39
N ARG A 51 -18.85 -13.57 -10.48
CA ARG A 51 -17.90 -13.98 -9.43
C ARG A 51 -16.77 -12.96 -9.30
N PHE A 52 -16.23 -12.54 -10.43
CA PHE A 52 -15.14 -11.58 -10.41
C PHE A 52 -15.58 -10.25 -9.77
N ASP A 53 -16.72 -9.72 -10.23
CA ASP A 53 -17.26 -8.44 -9.78
C ASP A 53 -17.45 -8.39 -8.27
N HIS A 54 -17.61 -9.57 -7.65
CA HIS A 54 -17.92 -9.64 -6.24
C HIS A 54 -16.82 -10.29 -5.41
N GLU A 55 -15.60 -10.33 -5.94
CA GLU A 55 -14.50 -10.97 -5.22
C GLU A 55 -14.13 -10.32 -3.90
N ARG A 56 -14.26 -9.00 -3.83
CA ARG A 56 -13.71 -8.24 -2.70
C ARG A 56 -14.67 -8.18 -1.52
N VAL A 57 -14.08 -8.16 -0.32
CA VAL A 57 -14.82 -7.92 0.91
C VAL A 57 -14.15 -6.73 1.59
N PRO A 58 -14.87 -6.08 2.52
CA PRO A 58 -14.23 -4.92 3.16
C PRO A 58 -12.95 -5.36 3.89
N GLU A 59 -11.89 -4.57 3.78
CA GLU A 59 -10.71 -4.83 4.60
C GLU A 59 -11.04 -4.59 6.08
N ARG A 60 -10.26 -5.22 6.96
CA ARG A 60 -10.43 -5.00 8.38
C ARG A 60 -10.30 -3.51 8.70
N ALA A 61 -11.12 -3.00 9.62
CA ALA A 61 -11.15 -1.56 9.95
C ALA A 61 -9.80 -1.09 10.48
N VAL A 62 -9.12 -1.97 11.20
CA VAL A 62 -7.71 -1.78 11.56
C VAL A 62 -7.05 -3.13 11.32
N HIS A 63 -5.72 -3.13 11.15
CA HIS A 63 -4.94 -4.35 10.85
C HIS A 63 -5.27 -4.94 9.51
N ALA A 64 -5.63 -4.08 8.55
CA ALA A 64 -5.98 -4.53 7.21
C ALA A 64 -4.81 -5.24 6.52
N ARG A 65 -3.59 -4.79 6.82
CA ARG A 65 -2.40 -5.32 6.18
C ARG A 65 -1.77 -6.37 7.08
N GLY A 66 -1.86 -7.63 6.69
CA GLY A 66 -1.33 -8.69 7.53
C GLY A 66 -1.09 -9.99 6.82
N THR A 67 -0.45 -10.93 7.52
N THR A 67 -0.51 -10.95 7.56
CA THR A 67 -0.23 -12.28 6.98
CA THR A 67 -0.14 -12.25 7.00
C THR A 67 -0.36 -13.31 8.07
C THR A 67 -0.29 -13.32 8.07
N GLY A 68 -0.64 -14.53 7.64
CA GLY A 68 -0.94 -15.62 8.57
C GLY A 68 -0.20 -16.90 8.28
N ALA A 69 -0.15 -17.77 9.28
CA ALA A 69 0.39 -19.11 9.12
C ALA A 69 -0.25 -20.04 10.14
N HIS A 70 -0.26 -21.32 9.77
CA HIS A 70 -0.72 -22.39 10.64
C HIS A 70 0.40 -22.86 11.54
N GLY A 71 0.02 -23.37 12.71
CA GLY A 71 1.04 -23.91 13.59
C GLY A 71 0.49 -24.84 14.62
N THR A 72 1.29 -25.10 15.64
N THR A 72 1.31 -25.05 15.65
CA THR A 72 0.89 -26.01 16.69
CA THR A 72 1.07 -26.04 16.69
C THR A 72 1.51 -25.57 18.00
C THR A 72 1.49 -25.41 18.01
N PHE A 73 0.73 -25.69 19.06
CA PHE A 73 1.13 -25.34 20.40
C PHE A 73 1.36 -26.63 21.18
N THR A 74 2.41 -26.65 21.99
CA THR A 74 2.63 -27.79 22.90
C THR A 74 2.68 -27.27 24.33
N SER A 75 1.90 -27.86 25.23
CA SER A 75 1.94 -27.47 26.64
C SER A 75 3.16 -28.09 27.28
N TYR A 76 3.87 -27.30 28.09
CA TYR A 76 5.02 -27.82 28.83
C TYR A 76 4.61 -28.50 30.15
N GLY A 77 3.34 -28.47 30.50
CA GLY A 77 2.93 -29.00 31.78
C GLY A 77 1.46 -29.23 31.98
N ASP A 78 1.13 -29.80 33.13
CA ASP A 78 -0.23 -29.90 33.59
C ASP A 78 -0.46 -28.65 34.44
N TRP A 79 -1.20 -27.68 33.89
CA TRP A 79 -1.37 -26.40 34.56
C TRP A 79 -2.71 -26.30 35.28
N SER A 80 -3.31 -27.45 35.56
CA SER A 80 -4.66 -27.49 36.15
C SER A 80 -4.79 -26.81 37.53
N ASN A 81 -3.66 -26.64 38.22
CA ASN A 81 -3.66 -25.87 39.49
C ASN A 81 -3.69 -24.37 39.28
N LEU A 82 -3.51 -23.94 38.02
CA LEU A 82 -3.49 -22.54 37.64
C LEU A 82 -4.74 -22.21 36.83
N THR A 83 -5.13 -23.14 35.95
CA THR A 83 -6.27 -22.90 35.06
C THR A 83 -6.96 -24.19 34.64
N ALA A 84 -8.27 -24.10 34.48
CA ALA A 84 -9.06 -25.22 33.96
C ALA A 84 -8.96 -25.37 32.44
N ALA A 85 -8.26 -24.47 31.77
CA ALA A 85 -8.17 -24.49 30.30
C ALA A 85 -7.65 -25.84 29.77
N SER A 86 -8.47 -26.47 28.93
CA SER A 86 -8.20 -27.83 28.47
C SER A 86 -6.86 -27.97 27.75
N PHE A 87 -6.52 -26.98 26.93
CA PHE A 87 -5.31 -27.04 26.13
C PHE A 87 -4.04 -26.95 26.97
N LEU A 88 -4.18 -26.65 28.26
CA LEU A 88 -3.02 -26.58 29.16
C LEU A 88 -3.09 -27.66 30.25
N SER A 89 -3.87 -28.71 29.98
CA SER A 89 -4.17 -29.71 31.01
C SER A 89 -3.17 -30.86 31.12
N ALA A 90 -2.23 -30.97 30.19
CA ALA A 90 -1.28 -32.10 30.24
C ALA A 90 0.04 -31.71 29.61
N GLU A 91 1.14 -32.18 30.20
CA GLU A 91 2.44 -32.00 29.62
C GLU A 91 2.47 -32.70 28.26
N GLY A 92 2.90 -31.98 27.23
CA GLY A 92 2.93 -32.53 25.88
C GLY A 92 1.65 -32.48 25.06
N LYS A 93 0.57 -31.99 25.66
N LYS A 93 0.55 -32.01 25.65
CA LYS A 93 -0.69 -31.82 24.93
CA LYS A 93 -0.70 -31.91 24.89
C LYS A 93 -0.47 -30.85 23.78
C LYS A 93 -0.57 -30.83 23.81
N GLU A 94 -0.96 -31.21 22.60
CA GLU A 94 -0.78 -30.37 21.41
C GLU A 94 -2.11 -29.85 20.90
N THR A 95 -2.10 -28.58 20.46
CA THR A 95 -3.31 -27.93 19.95
C THR A 95 -2.95 -27.21 18.65
N PRO A 96 -3.78 -27.38 17.59
CA PRO A 96 -3.52 -26.65 16.35
C PRO A 96 -3.76 -25.16 16.55
N MET A 97 -3.04 -24.36 15.79
CA MET A 97 -3.16 -22.91 15.88
C MET A 97 -3.22 -22.27 14.50
N PHE A 98 -3.77 -21.06 14.46
CA PHE A 98 -3.55 -20.18 13.33
C PHE A 98 -3.19 -18.81 13.90
N THR A 99 -2.22 -18.15 13.26
CA THR A 99 -1.71 -16.87 13.73
C THR A 99 -1.68 -15.88 12.60
N ARG A 100 -2.09 -14.65 12.90
CA ARG A 100 -1.99 -13.57 11.92
C ARG A 100 -1.22 -12.42 12.55
N PHE A 101 -0.29 -11.85 11.75
CA PHE A 101 0.53 -10.71 12.14
C PHE A 101 0.13 -9.54 11.26
N SER A 102 0.31 -8.32 11.74
CA SER A 102 -0.24 -7.19 10.97
C SER A 102 0.39 -5.86 11.36
N THR A 103 0.15 -4.83 10.56
CA THR A 103 0.33 -3.45 11.03
C THR A 103 -1.06 -3.00 11.48
N VAL A 104 -1.22 -1.74 11.86
CA VAL A 104 -2.52 -1.26 12.36
C VAL A 104 -3.20 -0.31 11.39
N ALA A 105 -2.49 0.74 10.97
CA ALA A 105 -3.13 1.88 10.31
C ALA A 105 -3.36 1.72 8.81
N GLY A 106 -2.40 1.13 8.11
CA GLY A 106 -2.44 1.09 6.65
C GLY A 106 -3.55 0.22 6.09
N SER A 107 -3.98 0.56 4.88
CA SER A 107 -4.96 -0.25 4.16
C SER A 107 -4.24 -1.48 3.58
N ARG A 108 -5.08 -2.34 3.03
N ARG A 108 -4.92 -2.45 2.95
CA ARG A 108 -4.64 -3.34 2.11
CA ARG A 108 -4.34 -3.84 2.71
C ARG A 108 -3.78 -2.67 1.05
C ARG A 108 -3.14 -4.18 1.71
N GLY A 109 -2.60 -3.15 1.07
CA GLY A 109 -1.63 -3.08 -0.02
C GLY A 109 -0.60 -2.06 0.42
N SER A 110 -0.76 -1.52 1.64
CA SER A 110 0.28 -0.64 2.22
C SER A 110 1.54 -1.43 2.57
N ALA A 111 2.65 -0.72 2.75
CA ALA A 111 3.94 -1.39 2.93
C ALA A 111 4.04 -2.10 4.28
N ASP A 112 4.65 -3.28 4.25
CA ASP A 112 4.92 -4.04 5.46
C ASP A 112 5.77 -3.23 6.44
N THR A 113 6.69 -2.45 5.91
CA THR A 113 7.67 -1.77 6.78
C THR A 113 7.32 -0.31 7.12
N ALA A 114 6.03 0.01 7.12
CA ALA A 114 5.55 1.27 7.73
C ALA A 114 5.87 1.26 9.23
N ARG A 115 6.09 2.43 9.84
CA ARG A 115 6.23 2.47 11.29
C ARG A 115 4.85 2.40 11.93
N ASP A 116 4.65 1.42 12.79
CA ASP A 116 3.35 1.19 13.40
C ASP A 116 3.46 0.23 14.56
N VAL A 117 2.40 0.18 15.36
CA VAL A 117 2.17 -0.94 16.25
C VAL A 117 1.87 -2.17 15.35
N HIS A 118 2.18 -3.37 15.84
CA HIS A 118 1.93 -4.58 15.05
C HIS A 118 1.02 -5.55 15.78
N GLY A 119 0.11 -6.15 15.03
CA GLY A 119 -0.77 -7.18 15.58
C GLY A 119 -0.07 -8.52 15.70
N PHE A 120 -0.53 -9.31 16.66
CA PHE A 120 0.03 -10.63 16.93
C PHE A 120 -1.16 -11.43 17.45
N ALA A 121 -1.95 -11.99 16.54
CA ALA A 121 -3.20 -12.63 16.90
C ALA A 121 -3.06 -14.16 16.78
N THR A 122 -3.34 -14.88 17.86
CA THR A 122 -3.11 -16.32 17.89
C THR A 122 -4.38 -17.03 18.28
N ARG A 123 -4.78 -17.98 17.44
CA ARG A 123 -5.93 -18.82 17.73
C ARG A 123 -5.50 -20.22 18.12
N PHE A 124 -6.05 -20.72 19.23
CA PHE A 124 -5.89 -22.13 19.62
C PHE A 124 -7.22 -22.83 19.29
N TYR A 125 -7.16 -23.86 18.46
CA TYR A 125 -8.38 -24.64 18.17
C TYR A 125 -8.47 -25.74 19.23
N THR A 126 -8.95 -25.38 20.41
CA THR A 126 -8.93 -26.36 21.51
C THR A 126 -10.11 -27.34 21.43
N ASP A 127 -9.98 -28.45 22.17
CA ASP A 127 -11.07 -29.42 22.22
C ASP A 127 -12.28 -28.94 23.03
N GLU A 128 -12.18 -27.75 23.63
CA GLU A 128 -13.28 -27.15 24.37
C GLU A 128 -13.65 -25.77 23.83
N GLY A 129 -13.33 -25.56 22.56
CA GLY A 129 -13.71 -24.33 21.88
C GLY A 129 -12.52 -23.56 21.34
N ASN A 130 -12.78 -22.66 20.39
CA ASN A 130 -11.70 -21.77 19.92
C ASN A 130 -11.36 -20.73 20.98
N PHE A 131 -10.06 -20.55 21.21
CA PHE A 131 -9.58 -19.55 22.15
C PHE A 131 -8.61 -18.65 21.41
N ASP A 132 -8.92 -17.36 21.34
CA ASP A 132 -8.08 -16.39 20.66
C ASP A 132 -7.43 -15.46 21.68
N ILE A 133 -6.12 -15.26 21.55
CA ILE A 133 -5.46 -14.14 22.22
C ILE A 133 -5.11 -13.15 21.12
N VAL A 134 -5.76 -11.99 21.14
CA VAL A 134 -5.62 -11.01 20.07
C VAL A 134 -4.69 -9.90 20.60
N GLY A 135 -3.40 -10.07 20.32
CA GLY A 135 -2.37 -9.23 20.94
C GLY A 135 -1.60 -8.35 19.99
N ASN A 136 -0.52 -7.76 20.49
CA ASN A 136 0.30 -6.82 19.72
C ASN A 136 1.77 -7.13 20.02
N ASN A 137 2.69 -6.51 19.28
CA ASN A 137 4.11 -6.69 19.55
C ASN A 137 4.66 -5.70 20.60
N ILE A 138 3.74 -4.92 21.18
CA ILE A 138 4.04 -3.93 22.23
C ILE A 138 3.09 -4.20 23.38
N PRO A 139 3.56 -4.15 24.63
CA PRO A 139 2.74 -4.62 25.77
C PRO A 139 1.69 -3.63 26.29
N VAL A 140 1.72 -2.41 25.80
CA VAL A 140 0.82 -1.36 26.29
C VAL A 140 0.14 -0.74 25.09
N PHE A 141 -1.06 -0.21 25.29
CA PHE A 141 -1.75 0.45 24.20
C PHE A 141 -1.99 1.93 24.49
N PHE A 142 -2.35 2.70 23.45
CA PHE A 142 -2.41 4.16 23.49
C PHE A 142 -3.46 4.73 24.44
N ILE A 143 -4.58 4.03 24.58
CA ILE A 143 -5.76 4.58 25.25
C ILE A 143 -6.26 3.66 26.35
N GLN A 144 -7.03 4.24 27.26
CA GLN A 144 -7.46 3.56 28.47
C GLN A 144 -8.93 3.13 28.47
N ASP A 145 -9.67 3.53 27.45
CA ASP A 145 -11.10 3.13 27.35
C ASP A 145 -11.38 2.85 25.88
N ALA A 146 -12.06 1.73 25.62
CA ALA A 146 -12.40 1.35 24.25
C ALA A 146 -13.20 2.42 23.50
N ILE A 147 -13.96 3.25 24.23
CA ILE A 147 -14.83 4.23 23.60
C ILE A 147 -14.00 5.28 22.82
N LEU A 148 -12.71 5.39 23.16
CA LEU A 148 -11.83 6.34 22.48
C LEU A 148 -11.22 5.77 21.21
N PHE A 149 -11.51 4.52 20.88
CA PHE A 149 -10.84 3.91 19.74
C PHE A 149 -11.06 4.64 18.42
N PRO A 150 -12.32 4.99 18.09
CA PRO A 150 -12.52 5.72 16.83
C PRO A 150 -11.80 7.06 16.80
N ASP A 151 -11.65 7.69 17.97
CA ASP A 151 -10.93 8.97 18.01
C ASP A 151 -9.45 8.77 17.68
N LEU A 152 -8.83 7.79 18.35
CA LEU A 152 -7.43 7.45 18.11
C LEU A 152 -7.24 7.08 16.65
N ILE A 153 -8.10 6.20 16.14
CA ILE A 153 -7.92 5.69 14.79
C ILE A 153 -8.22 6.75 13.74
N HIS A 154 -9.26 7.57 13.94
CA HIS A 154 -9.49 8.67 13.00
C HIS A 154 -8.29 9.63 12.96
N ALA A 155 -7.64 9.84 14.10
CA ALA A 155 -6.49 10.76 14.17
C ALA A 155 -5.26 10.21 13.45
N VAL A 156 -5.04 8.90 13.57
CA VAL A 156 -3.84 8.26 13.02
C VAL A 156 -4.01 8.00 11.52
N LYS A 157 -5.24 7.66 11.11
CA LYS A 157 -5.53 7.36 9.71
C LYS A 157 -5.48 8.63 8.86
N PRO A 158 -5.48 8.49 7.52
CA PRO A 158 -5.36 9.65 6.63
C PRO A 158 -6.44 10.70 6.88
N ARG A 159 -6.12 11.95 6.52
N ARG A 159 -6.12 11.95 6.55
CA ARG A 159 -7.06 13.06 6.62
CA ARG A 159 -7.05 13.06 6.75
C ARG A 159 -8.39 12.73 5.95
C ARG A 159 -8.33 12.85 5.93
N GLY A 160 -9.47 13.26 6.51
CA GLY A 160 -10.80 13.00 5.94
C GLY A 160 -11.06 13.61 4.59
N ASP A 161 -10.38 14.71 4.27
CA ASP A 161 -10.67 15.39 3.00
C ASP A 161 -9.98 14.75 1.79
N ASN A 162 -8.70 14.37 1.96
CA ASN A 162 -7.91 13.92 0.82
C ASN A 162 -7.29 12.53 0.98
N GLN A 163 -7.53 11.90 2.12
CA GLN A 163 -6.98 10.58 2.43
C GLN A 163 -5.45 10.53 2.26
N ILE A 164 -4.78 11.50 2.86
CA ILE A 164 -3.31 11.54 2.96
C ILE A 164 -2.99 11.76 4.43
N PRO A 165 -1.94 11.10 4.97
CA PRO A 165 -1.01 10.17 4.33
C PRO A 165 -1.31 8.72 4.67
N GLN A 166 -0.94 7.82 3.76
CA GLN A 166 -1.11 6.38 3.98
C GLN A 166 -0.16 5.83 5.04
N ALA A 167 -0.69 5.06 5.98
CA ALA A 167 0.11 4.20 6.87
C ALA A 167 1.20 5.00 7.61
N ALA A 168 0.80 6.13 8.19
CA ALA A 168 1.77 7.05 8.77
C ALA A 168 1.13 7.89 9.85
N THR A 169 1.87 8.11 10.93
CA THR A 169 1.44 9.04 11.98
C THR A 169 2.05 10.42 11.77
N ALA A 170 2.82 10.60 10.68
CA ALA A 170 3.56 11.85 10.45
C ALA A 170 2.67 12.93 9.83
N HIS A 171 1.65 13.34 10.58
CA HIS A 171 0.72 14.37 10.16
C HIS A 171 0.04 14.95 11.40
N ASP A 172 -0.50 16.15 11.25
CA ASP A 172 -1.03 16.94 12.36
C ASP A 172 -2.00 16.22 13.29
N SER A 173 -3.01 15.55 12.72
CA SER A 173 -4.09 14.98 13.54
C SER A 173 -3.57 13.94 14.54
N ALA A 174 -2.61 13.13 14.12
CA ALA A 174 -2.08 12.07 14.98
C ALA A 174 -1.42 12.68 16.20
N TRP A 175 -0.53 13.64 15.95
CA TRP A 175 0.21 14.29 17.04
C TRP A 175 -0.66 15.23 17.86
N ASP A 176 -1.73 15.75 17.25
CA ASP A 176 -2.74 16.50 17.99
C ASP A 176 -3.38 15.57 19.04
N PHE A 177 -3.83 14.39 18.60
CA PHE A 177 -4.44 13.43 19.51
C PHE A 177 -3.45 12.98 20.59
N PHE A 178 -2.21 12.65 20.19
CA PHE A 178 -1.21 12.18 21.15
C PHE A 178 -0.95 13.24 22.23
N SER A 179 -0.90 14.49 21.84
CA SER A 179 -0.56 15.54 22.81
C SER A 179 -1.78 15.98 23.64
N GLN A 180 -2.98 15.73 23.12
CA GLN A 180 -4.20 16.03 23.88
C GLN A 180 -4.55 14.89 24.84
N GLN A 181 -4.06 13.69 24.54
CA GLN A 181 -4.42 12.51 25.30
C GLN A 181 -3.12 11.84 25.76
N PRO A 182 -2.53 12.34 26.86
CA PRO A 182 -1.18 11.88 27.27
C PRO A 182 -1.09 10.40 27.67
N SER A 183 -2.23 9.71 27.81
CA SER A 183 -2.19 8.26 28.03
C SER A 183 -1.40 7.58 26.90
N VAL A 184 -1.37 8.22 25.73
CA VAL A 184 -0.75 7.65 24.52
C VAL A 184 0.77 7.57 24.57
N LEU A 185 1.38 8.30 25.52
CA LEU A 185 2.84 8.52 25.51
C LEU A 185 3.68 7.24 25.63
N HIS A 186 3.24 6.30 26.47
CA HIS A 186 4.01 5.07 26.65
C HIS A 186 4.07 4.26 25.35
N THR A 187 2.91 4.00 24.74
CA THR A 187 2.89 3.26 23.49
C THR A 187 3.65 4.03 22.40
N LEU A 188 3.53 5.35 22.41
CA LEU A 188 4.21 6.20 21.45
C LEU A 188 5.73 5.98 21.50
N LEU A 189 6.30 5.96 22.70
CA LEU A 189 7.73 5.72 22.83
C LEU A 189 8.13 4.35 22.29
N TRP A 190 7.34 3.30 22.58
CA TRP A 190 7.62 1.96 22.01
C TRP A 190 7.60 1.99 20.47
N ALA A 191 6.62 2.69 19.90
CA ALA A 191 6.46 2.72 18.44
C ALA A 191 7.53 3.56 17.75
N MET A 192 8.05 4.56 18.44
CA MET A 192 9.11 5.43 17.90
C MET A 192 10.50 4.80 18.09
N ALA A 193 10.56 3.80 18.95
CA ALA A 193 11.76 2.98 19.14
C ALA A 193 11.81 1.91 18.05
N GLY A 194 12.71 0.94 18.17
CA GLY A 194 12.83 -0.08 17.12
C GLY A 194 11.60 -0.98 16.98
N HIS A 195 10.79 -1.04 18.04
CA HIS A 195 9.58 -1.88 18.02
C HIS A 195 8.56 -1.45 16.96
N GLY A 196 8.64 -0.21 16.51
CA GLY A 196 7.75 0.29 15.45
C GLY A 196 8.16 -0.20 14.07
N ILE A 197 9.43 -0.58 13.92
CA ILE A 197 9.97 -1.03 12.62
C ILE A 197 10.83 -2.30 12.73
N PRO A 198 10.19 -3.44 13.08
CA PRO A 198 10.92 -4.69 13.23
C PRO A 198 11.39 -5.23 11.88
N ARG A 199 12.43 -6.06 11.93
CA ARG A 199 13.01 -6.71 10.75
C ARG A 199 12.02 -7.70 10.12
N SER A 200 11.25 -8.39 10.95
CA SER A 200 10.32 -9.40 10.47
C SER A 200 9.37 -9.78 11.58
N PHE A 201 8.34 -10.53 11.23
CA PHE A 201 7.40 -10.98 12.25
C PHE A 201 8.03 -12.08 13.10
N ARG A 202 9.13 -12.66 12.64
CA ARG A 202 9.83 -13.70 13.42
C ARG A 202 10.68 -13.11 14.54
N HIS A 203 10.94 -11.81 14.45
CA HIS A 203 11.87 -11.12 15.33
C HIS A 203 11.17 -10.11 16.22
N VAL A 204 9.96 -10.46 16.64
CA VAL A 204 9.23 -9.68 17.64
C VAL A 204 8.68 -10.62 18.70
N ASN A 205 8.35 -10.05 19.85
CA ASN A 205 7.60 -10.75 20.89
C ASN A 205 6.15 -10.39 20.74
N GLY A 206 5.28 -11.12 21.42
CA GLY A 206 3.85 -10.80 21.45
C GLY A 206 3.37 -10.57 22.87
N PHE A 207 2.27 -9.83 23.01
CA PHE A 207 1.71 -9.51 24.32
C PHE A 207 0.20 -9.49 24.26
N GLY A 208 -0.46 -9.99 25.31
CA GLY A 208 -1.92 -9.86 25.38
C GLY A 208 -2.38 -8.47 25.78
N VAL A 209 -1.44 -7.66 26.27
CA VAL A 209 -1.66 -6.30 26.77
C VAL A 209 -2.45 -6.25 28.07
N HIS A 210 -3.71 -6.71 28.02
CA HIS A 210 -4.58 -6.65 29.20
C HIS A 210 -4.21 -7.65 30.25
N THR A 211 -4.57 -7.33 31.48
CA THR A 211 -4.61 -8.30 32.55
C THR A 211 -5.84 -9.17 32.33
N PHE A 212 -5.65 -10.49 32.35
CA PHE A 212 -6.75 -11.46 32.26
C PHE A 212 -6.83 -12.22 33.59
N ARG A 213 -7.90 -13.00 33.76
CA ARG A 213 -7.95 -13.94 34.86
C ARG A 213 -7.75 -15.35 34.35
N LEU A 214 -6.99 -16.14 35.10
CA LEU A 214 -7.02 -17.60 34.95
C LEU A 214 -7.83 -18.14 36.10
N VAL A 215 -8.63 -19.16 35.82
N VAL A 215 -8.59 -19.20 35.81
CA VAL A 215 -9.55 -19.67 36.82
CA VAL A 215 -9.62 -19.69 36.72
C VAL A 215 -9.57 -21.20 36.83
C VAL A 215 -9.51 -21.21 36.81
N THR A 216 -9.46 -21.77 38.03
CA THR A 216 -9.45 -23.22 38.19
C THR A 216 -10.89 -23.74 38.22
N ASP A 217 -11.03 -25.06 38.13
CA ASP A 217 -12.37 -25.66 38.19
C ASP A 217 -13.16 -25.28 39.44
N ASP A 218 -12.45 -25.11 40.56
CA ASP A 218 -13.10 -24.72 41.81
C ASP A 218 -13.20 -23.21 42.04
N GLY A 219 -12.91 -22.41 41.01
CA GLY A 219 -13.20 -20.99 41.05
C GLY A 219 -12.13 -20.07 41.58
N LYS A 220 -10.95 -20.62 41.86
CA LYS A 220 -9.80 -19.83 42.33
C LYS A 220 -9.21 -19.07 41.15
N THR A 221 -8.76 -17.85 41.37
CA THR A 221 -8.27 -17.03 40.28
C THR A 221 -6.87 -16.49 40.52
N LYS A 222 -6.16 -16.24 39.41
CA LYS A 222 -4.96 -15.44 39.38
C LYS A 222 -5.17 -14.37 38.32
N LEU A 223 -4.49 -13.24 38.47
CA LEU A 223 -4.44 -12.23 37.41
C LEU A 223 -3.16 -12.48 36.63
N VAL A 224 -3.23 -12.39 35.30
CA VAL A 224 -2.03 -12.65 34.48
C VAL A 224 -1.88 -11.65 33.37
N LYS A 225 -0.64 -11.44 32.94
CA LYS A 225 -0.34 -10.88 31.62
C LYS A 225 0.15 -12.02 30.75
N PHE A 226 -0.33 -12.08 29.52
CA PHE A 226 0.16 -13.07 28.55
C PHE A 226 1.32 -12.54 27.75
N HIS A 227 2.33 -13.38 27.56
CA HIS A 227 3.55 -13.05 26.82
C HIS A 227 3.81 -14.12 25.78
N TRP A 228 4.24 -13.70 24.60
CA TRP A 228 4.79 -14.63 23.62
C TRP A 228 6.25 -14.28 23.46
N LYS A 229 7.13 -15.08 24.02
CA LYS A 229 8.55 -14.77 23.99
C LYS A 229 9.16 -15.41 22.75
N GLY A 230 9.63 -14.57 21.82
CA GLY A 230 10.19 -15.07 20.56
C GLY A 230 11.52 -15.77 20.77
N LEU A 231 11.73 -16.88 20.05
CA LEU A 231 12.94 -17.67 20.23
C LEU A 231 14.02 -17.36 19.20
N GLN A 232 13.74 -16.41 18.29
CA GLN A 232 14.70 -16.03 17.26
C GLN A 232 15.54 -14.84 17.75
N GLY A 233 14.90 -13.93 18.47
CA GLY A 233 15.53 -12.73 18.99
C GLY A 233 14.95 -11.47 18.35
N LYS A 234 15.14 -10.33 19.00
CA LYS A 234 14.61 -9.08 18.47
C LYS A 234 15.56 -8.50 17.45
N ALA A 235 15.04 -8.04 16.33
CA ALA A 235 15.82 -7.35 15.31
C ALA A 235 14.95 -6.27 14.68
N SER A 236 15.51 -5.07 14.53
CA SER A 236 14.77 -3.94 14.00
C SER A 236 15.60 -3.13 13.02
N PHE A 237 14.88 -2.37 12.18
CA PHE A 237 15.49 -1.48 11.22
C PHE A 237 15.75 -0.11 11.82
N VAL A 238 16.50 0.71 11.08
CA VAL A 238 16.46 2.16 11.30
C VAL A 238 15.47 2.74 10.28
N TRP A 239 14.99 3.95 10.56
CA TRP A 239 13.90 4.51 9.76
C TRP A 239 14.20 4.61 8.26
N GLU A 240 15.38 5.11 7.89
CA GLU A 240 15.71 5.36 6.49
C GLU A 240 15.76 4.03 5.72
N GLU A 241 16.07 2.98 6.45
CA GLU A 241 16.14 1.63 5.93
C GLU A 241 14.72 1.06 5.75
N ALA A 242 13.85 1.31 6.73
CA ALA A 242 12.45 0.87 6.63
C ALA A 242 11.76 1.55 5.43
N GLN A 243 12.05 2.84 5.22
CA GLN A 243 11.49 3.56 4.07
C GLN A 243 11.96 2.98 2.75
N GLN A 244 13.26 2.72 2.64
CA GLN A 244 13.77 2.19 1.38
C GLN A 244 13.19 0.80 1.10
N THR A 245 12.95 0.03 2.16
CA THR A 245 12.34 -1.30 2.00
C THR A 245 10.92 -1.15 1.47
N ALA A 246 10.19 -0.14 1.96
CA ALA A 246 8.80 0.08 1.50
C ALA A 246 8.74 0.34 -0.02
N GLY A 247 9.80 0.96 -0.54
CA GLY A 247 9.89 1.26 -1.97
C GLY A 247 10.31 0.09 -2.82
N LYS A 248 11.14 -0.79 -2.26
CA LYS A 248 11.71 -1.90 -3.01
C LYS A 248 10.91 -3.19 -2.84
N ASN A 249 10.32 -3.39 -1.67
CA ASN A 249 9.55 -4.61 -1.42
C ASN A 249 8.46 -4.37 -0.39
N ALA A 250 7.30 -3.96 -0.85
CA ALA A 250 6.15 -3.74 0.04
C ALA A 250 5.80 -5.00 0.82
N ASP A 251 6.16 -6.17 0.29
CA ASP A 251 5.81 -7.46 0.88
C ASP A 251 6.93 -8.06 1.71
N PHE A 252 7.89 -7.24 2.11
CA PHE A 252 9.10 -7.78 2.74
C PHE A 252 8.85 -8.73 3.91
N MET A 253 7.95 -8.37 4.81
CA MET A 253 7.76 -9.18 6.01
C MET A 253 6.92 -10.40 5.74
N ARG A 254 5.91 -10.25 4.89
CA ARG A 254 5.11 -11.41 4.54
C ARG A 254 5.91 -12.43 3.72
N GLN A 255 6.80 -11.92 2.86
CA GLN A 255 7.71 -12.78 2.13
C GLN A 255 8.66 -13.51 3.07
N ASP A 256 9.21 -12.78 4.03
CA ASP A 256 10.12 -13.39 5.00
C ASP A 256 9.45 -14.58 5.70
N LEU A 257 8.20 -14.42 6.12
CA LEU A 257 7.53 -15.49 6.87
C LEU A 257 7.26 -16.68 5.97
N PHE A 258 6.74 -16.40 4.78
CA PHE A 258 6.37 -17.44 3.84
C PHE A 258 7.60 -18.28 3.49
N GLN A 259 8.69 -17.61 3.13
CA GLN A 259 9.91 -18.30 2.73
C GLN A 259 10.55 -19.10 3.84
N SER A 260 10.47 -18.58 5.08
CA SER A 260 11.06 -19.27 6.22
C SER A 260 10.35 -20.58 6.46
N ILE A 261 9.03 -20.55 6.40
CA ILE A 261 8.23 -21.77 6.57
C ILE A 261 8.47 -22.77 5.43
N GLN A 262 8.56 -22.28 4.20
CA GLN A 262 8.82 -23.14 3.04
C GLN A 262 10.17 -23.83 3.14
N ALA A 263 11.14 -23.14 3.74
CA ALA A 263 12.50 -23.64 3.93
C ALA A 263 12.63 -24.53 5.18
N GLY A 264 11.53 -24.69 5.91
CA GLY A 264 11.54 -25.51 7.13
C GLY A 264 12.18 -24.83 8.33
N ARG A 265 12.36 -23.51 8.25
CA ARG A 265 12.89 -22.73 9.37
C ARG A 265 11.73 -22.16 10.17
N PHE A 266 11.12 -23.01 10.96
CA PHE A 266 9.86 -22.67 11.62
C PHE A 266 10.11 -21.77 12.82
N PRO A 267 9.52 -20.56 12.82
CA PRO A 267 9.72 -19.67 13.95
C PRO A 267 8.90 -20.12 15.17
N GLU A 268 9.41 -19.84 16.36
CA GLU A 268 8.79 -20.32 17.59
C GLU A 268 8.73 -19.20 18.63
N TRP A 269 7.70 -19.28 19.47
CA TRP A 269 7.52 -18.40 20.61
C TRP A 269 7.09 -19.25 21.79
N GLU A 270 7.54 -18.91 22.98
CA GLU A 270 7.03 -19.55 24.17
C GLU A 270 5.93 -18.71 24.78
N LEU A 271 4.84 -19.36 25.15
CA LEU A 271 3.75 -18.68 25.82
C LEU A 271 4.11 -18.60 27.31
N GLY A 272 4.03 -17.40 27.85
CA GLY A 272 4.31 -17.18 29.27
C GLY A 272 3.26 -16.34 29.92
N VAL A 273 3.18 -16.42 31.24
CA VAL A 273 2.30 -15.54 32.00
C VAL A 273 3.06 -14.96 33.17
N GLN A 274 2.80 -13.68 33.45
CA GLN A 274 3.20 -13.12 34.74
C GLN A 274 2.02 -13.37 35.67
N ILE A 275 2.25 -14.12 36.75
CA ILE A 275 1.18 -14.59 37.62
C ILE A 275 1.11 -13.71 38.85
N MET A 276 -0.06 -13.13 39.06
CA MET A 276 -0.29 -12.20 40.17
C MET A 276 -1.58 -12.58 40.89
N GLN A 277 -1.80 -11.97 42.04
CA GLN A 277 -2.98 -12.26 42.86
C GLN A 277 -4.04 -11.20 42.62
N GLU A 278 -5.29 -11.52 42.92
CA GLU A 278 -6.37 -10.51 42.87
C GLU A 278 -5.97 -9.30 43.69
N GLN A 279 -5.32 -9.53 44.83
CA GLN A 279 -4.94 -8.44 45.73
C GLN A 279 -3.81 -7.54 45.20
N ASP A 280 -3.21 -7.91 44.05
CA ASP A 280 -2.09 -7.15 43.49
C ASP A 280 -2.52 -6.00 42.58
N GLN A 281 -3.84 -5.76 42.46
CA GLN A 281 -4.35 -4.83 41.45
C GLN A 281 -3.81 -3.42 41.56
N LEU A 282 -3.58 -2.95 42.79
CA LEU A 282 -3.10 -1.58 42.99
C LEU A 282 -1.73 -1.49 43.69
N LYS A 283 -1.28 -2.60 44.27
CA LYS A 283 -0.15 -2.50 45.19
CA LYS A 283 -0.08 -2.71 45.15
C LYS A 283 1.23 -2.23 44.53
N PHE A 284 1.35 -2.35 43.21
CA PHE A 284 2.62 -2.02 42.53
C PHE A 284 2.85 -0.53 42.24
N GLY A 285 1.88 0.32 42.59
CA GLY A 285 1.96 1.75 42.29
C GLY A 285 1.28 2.17 41.00
N PHE A 286 0.61 1.23 40.36
CA PHE A 286 -0.24 1.52 39.19
C PHE A 286 -1.34 0.49 39.19
N ASP A 287 -2.34 0.67 38.32
CA ASP A 287 -3.53 -0.18 38.32
C ASP A 287 -3.33 -1.28 37.28
N LEU A 288 -3.47 -2.55 37.69
CA LEU A 288 -3.38 -3.67 36.72
C LEU A 288 -4.46 -3.61 35.64
N LEU A 289 -5.50 -2.80 35.87
CA LEU A 289 -6.59 -2.67 34.90
C LEU A 289 -6.27 -1.63 33.83
N ASP A 290 -5.14 -0.95 33.99
CA ASP A 290 -4.70 0.13 33.11
C ASP A 290 -3.83 -0.44 32.01
N PRO A 291 -4.32 -0.46 30.75
CA PRO A 291 -3.53 -1.08 29.67
C PRO A 291 -2.38 -0.22 29.14
N THR A 292 -2.09 0.92 29.78
CA THR A 292 -0.94 1.73 29.38
C THR A 292 0.26 1.45 30.29
N LYS A 293 0.12 0.45 31.18
CA LYS A 293 1.17 0.11 32.13
C LYS A 293 1.70 -1.29 31.89
N ILE A 294 3.02 -1.46 31.96
CA ILE A 294 3.63 -2.80 32.02
C ILE A 294 3.85 -3.21 33.47
N VAL A 295 3.94 -4.52 33.69
CA VAL A 295 4.45 -5.05 34.95
C VAL A 295 5.92 -5.42 34.69
N PRO A 296 6.87 -4.64 35.25
CA PRO A 296 8.28 -4.95 34.99
C PRO A 296 8.62 -6.38 35.43
N GLU A 297 9.45 -7.06 34.64
CA GLU A 297 9.77 -8.44 34.93
C GLU A 297 10.60 -8.57 36.21
N GLU A 298 11.19 -7.46 36.64
CA GLU A 298 11.87 -7.40 37.96
C GLU A 298 10.89 -7.59 39.13
N LEU A 299 9.64 -7.18 38.96
CA LEU A 299 8.60 -7.35 39.98
C LEU A 299 7.91 -8.70 39.90
N VAL A 300 7.56 -9.13 38.69
CA VAL A 300 6.89 -10.42 38.50
C VAL A 300 7.53 -11.14 37.30
N PRO A 301 8.17 -12.30 37.54
CA PRO A 301 8.83 -13.00 36.43
C PRO A 301 7.80 -13.65 35.51
N VAL A 302 8.25 -14.01 34.31
CA VAL A 302 7.38 -14.70 33.36
C VAL A 302 7.49 -16.21 33.56
N THR A 303 6.37 -16.87 33.81
CA THR A 303 6.30 -18.32 33.94
C THR A 303 5.92 -18.87 32.57
N ILE A 304 6.74 -19.80 32.05
CA ILE A 304 6.55 -20.33 30.70
C ILE A 304 5.62 -21.54 30.72
N LEU A 305 4.58 -21.50 29.89
CA LEU A 305 3.54 -22.52 29.87
C LEU A 305 3.71 -23.53 28.75
N GLY A 306 4.27 -23.10 27.63
CA GLY A 306 4.35 -23.97 26.45
C GLY A 306 4.94 -23.25 25.25
N LYS A 307 4.85 -23.86 24.07
CA LYS A 307 5.56 -23.33 22.92
C LYS A 307 4.68 -23.38 21.69
N MET A 308 4.65 -22.28 20.95
CA MET A 308 4.02 -22.25 19.62
C MET A 308 5.10 -22.36 18.55
N GLN A 309 4.83 -23.19 17.54
CA GLN A 309 5.67 -23.20 16.35
C GLN A 309 4.77 -22.93 15.15
N LEU A 310 5.18 -22.02 14.28
CA LEU A 310 4.46 -21.82 13.01
C LEU A 310 5.16 -22.64 11.92
N ASN A 311 4.40 -23.51 11.28
CA ASN A 311 5.02 -24.53 10.41
C ASN A 311 4.27 -24.87 9.13
N ARG A 312 3.25 -24.10 8.78
CA ARG A 312 2.55 -24.33 7.51
C ARG A 312 1.92 -23.06 6.97
N ASN A 313 2.22 -22.75 5.71
CA ASN A 313 1.64 -21.60 5.04
C ASN A 313 0.24 -21.93 4.56
N PRO A 314 -0.62 -20.91 4.42
CA PRO A 314 -1.94 -21.20 3.85
C PRO A 314 -1.86 -21.74 2.41
N MET A 315 -2.91 -22.43 1.99
CA MET A 315 -3.03 -22.90 0.61
C MET A 315 -3.63 -21.78 -0.24
N ASN A 316 -4.57 -21.04 0.35
CA ASN A 316 -5.19 -19.92 -0.34
C ASN A 316 -5.32 -18.75 0.63
N TYR A 317 -4.65 -17.65 0.29
CA TYR A 317 -4.55 -16.53 1.19
C TYR A 317 -5.93 -15.97 1.52
N PHE A 318 -6.76 -15.75 0.50
CA PHE A 318 -8.07 -15.18 0.76
C PHE A 318 -8.90 -16.05 1.69
N ALA A 319 -8.98 -17.34 1.39
CA ALA A 319 -9.85 -18.24 2.14
C ALA A 319 -9.44 -18.36 3.59
N GLU A 320 -8.14 -18.36 3.84
CA GLU A 320 -7.61 -18.62 5.17
C GLU A 320 -7.24 -17.34 5.90
N THR A 321 -6.26 -16.62 5.35
CA THR A 321 -5.75 -15.42 6.02
C THR A 321 -6.72 -14.25 5.97
N GLU A 322 -7.29 -13.97 4.81
CA GLU A 322 -8.16 -12.78 4.72
C GLU A 322 -9.43 -13.00 5.54
N GLN A 323 -9.96 -14.22 5.49
CA GLN A 323 -11.23 -14.53 6.17
C GLN A 323 -11.16 -14.88 7.65
N VAL A 324 -9.95 -15.04 8.23
CA VAL A 324 -9.90 -15.42 9.65
C VAL A 324 -10.45 -14.24 10.48
N MET A 325 -11.32 -14.56 11.43
CA MET A 325 -12.03 -13.55 12.20
C MET A 325 -11.82 -13.81 13.68
N PHE A 326 -10.84 -13.11 14.24
CA PHE A 326 -10.46 -13.29 15.64
C PHE A 326 -11.41 -12.51 16.54
N GLN A 327 -11.56 -12.97 17.77
CA GLN A 327 -12.34 -12.26 18.78
C GLN A 327 -11.79 -12.54 20.16
N PRO A 328 -11.58 -11.51 20.99
CA PRO A 328 -11.25 -11.75 22.40
C PRO A 328 -12.43 -12.44 23.12
N GLY A 329 -13.64 -12.33 22.57
CA GLY A 329 -14.78 -13.08 23.11
C GLY A 329 -14.74 -14.59 22.83
N HIS A 330 -13.81 -15.05 22.00
CA HIS A 330 -13.55 -16.50 21.84
C HIS A 330 -12.72 -16.92 23.03
N ILE A 331 -13.42 -17.19 24.13
CA ILE A 331 -12.80 -17.52 25.40
C ILE A 331 -13.26 -18.92 25.80
N VAL A 332 -12.46 -19.58 26.63
CA VAL A 332 -12.76 -20.94 27.07
C VAL A 332 -12.80 -21.01 28.59
N ARG A 333 -13.48 -22.03 29.10
CA ARG A 333 -13.47 -22.34 30.53
C ARG A 333 -12.04 -22.32 31.05
N GLY A 334 -11.80 -21.62 32.15
CA GLY A 334 -10.43 -21.50 32.66
C GLY A 334 -9.80 -20.15 32.46
N VAL A 335 -10.46 -19.29 31.68
CA VAL A 335 -9.99 -17.92 31.46
C VAL A 335 -11.20 -17.00 31.69
N ASP A 336 -10.95 -15.81 32.23
CA ASP A 336 -12.01 -14.81 32.37
C ASP A 336 -11.46 -13.41 32.14
N PHE A 337 -12.37 -12.47 31.98
CA PHE A 337 -12.03 -11.09 31.70
C PHE A 337 -11.71 -10.32 32.98
N THR A 338 -11.15 -9.13 32.80
CA THR A 338 -11.06 -8.17 33.88
C THR A 338 -11.75 -6.90 33.42
N GLU A 339 -11.86 -5.98 34.37
CA GLU A 339 -12.59 -4.74 34.22
C GLU A 339 -11.78 -3.62 33.52
N ASP A 340 -10.65 -3.99 32.92
CA ASP A 340 -9.90 -3.10 32.03
C ASP A 340 -10.90 -2.52 30.99
N PRO A 341 -11.13 -1.19 30.99
CA PRO A 341 -12.19 -0.63 30.14
C PRO A 341 -11.88 -0.71 28.65
N LEU A 342 -10.61 -0.92 28.32
CA LEU A 342 -10.23 -1.13 26.93
C LEU A 342 -10.63 -2.54 26.49
N LEU A 343 -10.30 -3.54 27.30
CA LEU A 343 -10.72 -4.93 27.07
C LEU A 343 -12.24 -5.04 27.06
N GLN A 344 -12.88 -4.39 28.01
CA GLN A 344 -14.34 -4.51 28.17
C GLN A 344 -15.04 -4.15 26.87
N GLY A 345 -14.69 -3.00 26.30
CA GLY A 345 -15.31 -2.54 25.05
C GLY A 345 -14.90 -3.29 23.79
N ARG A 346 -13.68 -3.82 23.77
CA ARG A 346 -13.24 -4.68 22.67
C ARG A 346 -14.20 -5.82 22.45
N LEU A 347 -14.72 -6.39 23.53
CA LEU A 347 -15.59 -7.57 23.40
C LEU A 347 -16.77 -7.31 22.47
N PHE A 348 -17.33 -6.10 22.53
CA PHE A 348 -18.43 -5.74 21.65
C PHE A 348 -18.03 -5.69 20.16
N SER A 349 -16.92 -5.01 19.91
CA SER A 349 -16.49 -4.65 18.56
C SER A 349 -16.22 -5.86 17.68
N TYR A 350 -15.55 -6.89 18.23
CA TYR A 350 -15.09 -7.96 17.35
C TYR A 350 -16.24 -8.86 16.90
N LEU A 351 -17.32 -8.93 17.68
CA LEU A 351 -18.47 -9.70 17.25
C LEU A 351 -19.27 -8.92 16.19
N ASP A 352 -19.40 -7.62 16.41
CA ASP A 352 -20.14 -6.75 15.52
C ASP A 352 -19.45 -6.61 14.14
N THR A 353 -18.14 -6.36 14.16
CA THR A 353 -17.42 -6.02 12.93
C THR A 353 -17.40 -7.18 11.91
N GLN A 354 -17.51 -8.42 12.38
CA GLN A 354 -17.51 -9.55 11.44
C GLN A 354 -18.76 -9.52 10.56
N LEU A 355 -19.84 -8.89 11.04
CA LEU A 355 -21.02 -8.71 10.19
C LEU A 355 -20.69 -7.86 8.96
N ASN A 356 -19.82 -6.88 9.15
CA ASN A 356 -19.38 -6.05 8.03
C ASN A 356 -18.55 -6.86 7.04
N ARG A 357 -17.59 -7.62 7.57
CA ARG A 357 -16.65 -8.32 6.70
C ARG A 357 -17.30 -9.46 5.96
N HIS A 358 -18.12 -10.24 6.66
CA HIS A 358 -18.70 -11.46 6.10
C HIS A 358 -20.02 -11.17 5.39
N GLY A 359 -20.67 -10.07 5.77
CA GLY A 359 -21.94 -9.64 5.16
C GLY A 359 -23.16 -10.37 5.71
N GLY A 360 -22.99 -11.08 6.82
CA GLY A 360 -24.06 -11.91 7.39
C GLY A 360 -23.58 -12.52 8.68
N PRO A 361 -24.48 -13.20 9.40
CA PRO A 361 -24.19 -13.64 10.76
C PRO A 361 -23.43 -14.96 10.89
N ASN A 362 -23.22 -15.69 9.80
CA ASN A 362 -22.70 -17.06 9.91
C ASN A 362 -21.21 -17.19 9.61
N PHE A 363 -20.45 -16.21 10.08
CA PHE A 363 -19.00 -16.14 9.84
C PHE A 363 -18.23 -17.23 10.57
N GLU A 364 -18.77 -17.74 11.69
CA GLU A 364 -18.08 -18.82 12.41
C GLU A 364 -18.16 -20.13 11.64
N GLN A 365 -18.93 -20.15 10.55
CA GLN A 365 -19.02 -21.36 9.71
C GLN A 365 -17.97 -21.43 8.61
N LEU A 366 -17.23 -20.35 8.38
CA LEU A 366 -16.12 -20.40 7.44
C LEU A 366 -15.12 -21.42 7.95
N PRO A 367 -14.57 -22.27 7.05
CA PRO A 367 -13.64 -23.32 7.46
C PRO A 367 -12.58 -22.84 8.45
N ILE A 368 -11.92 -21.71 8.16
CA ILE A 368 -10.85 -21.21 9.05
C ILE A 368 -11.36 -20.81 10.44
N ASN A 369 -12.66 -20.51 10.55
CA ASN A 369 -13.24 -20.10 11.83
C ASN A 369 -13.94 -21.20 12.60
N ARG A 370 -14.21 -22.32 11.94
N ARG A 370 -14.20 -22.32 11.93
CA ARG A 370 -14.89 -23.42 12.60
CA ARG A 370 -14.86 -23.45 12.57
C ARG A 370 -14.05 -23.99 13.74
C ARG A 370 -14.04 -24.01 13.73
N PRO A 371 -14.72 -24.47 14.79
CA PRO A 371 -14.02 -25.14 15.87
C PRO A 371 -13.69 -26.59 15.48
N ARG A 372 -12.76 -27.19 16.21
CA ARG A 372 -12.48 -28.62 16.09
C ARG A 372 -13.13 -29.31 17.27
N ALA A 373 -14.36 -28.91 17.55
CA ALA A 373 -15.16 -29.43 18.64
C ALA A 373 -16.58 -29.37 18.12
N PRO A 374 -17.48 -30.22 18.66
CA PRO A 374 -18.87 -30.26 18.19
C PRO A 374 -19.60 -28.95 18.47
N ILE A 375 -20.51 -28.57 17.59
CA ILE A 375 -21.42 -27.43 17.82
C ILE A 375 -22.81 -27.95 18.13
N HIS A 376 -23.37 -27.55 19.28
CA HIS A 376 -24.74 -27.94 19.63
C HIS A 376 -25.47 -26.80 20.29
N ASN A 377 -26.34 -26.12 19.55
CA ASN A 377 -27.13 -25.05 20.16
C ASN A 377 -28.39 -24.75 19.37
N ASN A 378 -29.15 -23.78 19.86
CA ASN A 378 -30.45 -23.44 19.30
C ASN A 378 -30.40 -22.20 18.43
N ASN A 379 -29.20 -21.72 18.11
CA ASN A 379 -29.05 -20.67 17.10
C ASN A 379 -29.51 -21.22 15.75
N ARG A 380 -30.16 -20.39 14.94
CA ARG A 380 -30.76 -20.87 13.69
C ARG A 380 -30.66 -19.85 12.56
N ASP A 381 -30.69 -20.35 11.34
CA ASP A 381 -30.93 -19.57 10.13
C ASP A 381 -29.83 -18.52 9.91
N GLY A 382 -30.22 -17.37 9.35
CA GLY A 382 -29.27 -16.36 8.92
C GLY A 382 -28.77 -16.66 7.51
N ALA A 383 -28.50 -15.60 6.75
CA ALA A 383 -27.87 -15.77 5.43
C ALA A 383 -26.64 -16.66 5.52
N GLY A 384 -26.43 -17.49 4.50
CA GLY A 384 -25.23 -18.33 4.41
C GLY A 384 -25.20 -19.42 5.46
N GLN A 385 -26.37 -19.98 5.74
CA GLN A 385 -26.49 -21.09 6.69
C GLN A 385 -25.98 -22.35 5.98
N MET A 386 -24.82 -22.84 6.42
CA MET A 386 -24.13 -23.99 5.80
C MET A 386 -24.42 -25.33 6.47
N PHE A 387 -25.16 -25.30 7.56
CA PHE A 387 -25.55 -26.51 8.26
C PHE A 387 -27.03 -26.80 8.09
N ILE A 388 -27.42 -28.04 8.40
CA ILE A 388 -28.82 -28.43 8.40
C ILE A 388 -29.12 -28.99 9.80
N PRO A 389 -29.67 -28.15 10.68
CA PRO A 389 -30.00 -28.58 12.03
C PRO A 389 -31.15 -29.58 12.01
N LEU A 390 -30.95 -30.74 12.62
CA LEU A 390 -31.96 -31.79 12.64
C LEU A 390 -33.06 -31.57 13.68
N ASP A 391 -32.78 -30.78 14.71
CA ASP A 391 -33.75 -30.54 15.77
C ASP A 391 -34.72 -29.41 15.35
N PRO A 392 -36.01 -29.72 15.14
CA PRO A 392 -36.96 -28.68 14.70
C PRO A 392 -37.53 -27.86 15.87
N ASN A 393 -37.09 -28.19 17.08
CA ASN A 393 -37.55 -27.53 18.31
C ASN A 393 -36.41 -26.80 19.00
N ALA A 394 -36.05 -25.65 18.45
CA ALA A 394 -34.80 -24.95 18.80
C ALA A 394 -35.02 -23.98 19.95
N TYR A 395 -35.32 -24.49 21.14
CA TYR A 395 -35.59 -23.64 22.30
C TYR A 395 -35.31 -24.43 23.58
N SER A 396 -34.98 -23.70 24.64
CA SER A 396 -34.87 -24.25 26.01
C SER A 396 -35.76 -23.39 26.88
N PRO A 397 -36.38 -23.98 27.92
CA PRO A 397 -36.41 -25.42 28.22
C PRO A 397 -37.41 -26.13 27.30
N ASN A 398 -37.11 -27.36 26.93
CA ASN A 398 -38.03 -28.13 26.09
C ASN A 398 -38.24 -29.53 26.62
N THR A 399 -39.39 -30.12 26.28
CA THR A 399 -39.56 -31.55 26.45
C THR A 399 -39.56 -32.19 25.07
N GLU A 400 -39.89 -31.42 24.04
CA GLU A 400 -40.00 -31.94 22.68
C GLU A 400 -38.70 -32.50 22.11
N ASN A 401 -37.57 -32.02 22.63
CA ASN A 401 -36.27 -32.61 22.28
C ASN A 401 -35.60 -33.21 23.52
N LYS A 402 -36.43 -33.64 24.46
CA LYS A 402 -35.99 -34.30 25.70
C LYS A 402 -34.98 -33.47 26.49
N GLY A 403 -35.15 -32.15 26.44
CA GLY A 403 -34.35 -31.24 27.24
C GLY A 403 -32.95 -30.97 26.72
N SER A 404 -32.68 -31.35 25.49
CA SER A 404 -31.37 -31.15 24.86
C SER A 404 -31.45 -30.06 23.78
N PRO A 405 -30.37 -29.30 23.56
CA PRO A 405 -29.09 -29.32 24.27
C PRO A 405 -29.23 -28.89 25.73
N LYS A 406 -28.42 -29.51 26.57
CA LYS A 406 -28.47 -29.30 28.02
C LYS A 406 -27.57 -28.16 28.43
N GLN A 407 -27.96 -27.44 29.47
CA GLN A 407 -27.17 -26.32 30.01
C GLN A 407 -25.86 -26.81 30.62
N ALA A 408 -24.78 -26.13 30.29
CA ALA A 408 -23.48 -26.43 30.86
C ALA A 408 -23.00 -25.24 31.72
N ASN A 409 -22.51 -25.52 32.91
CA ASN A 409 -22.09 -24.44 33.80
C ASN A 409 -20.83 -24.84 34.56
N GLU A 410 -20.58 -24.19 35.70
CA GLU A 410 -19.36 -24.49 36.44
C GLU A 410 -19.29 -25.96 36.82
N THR A 411 -20.41 -26.51 37.28
CA THR A 411 -20.35 -27.83 37.87
C THR A 411 -20.74 -28.98 36.94
N VAL A 412 -21.42 -28.68 35.84
CA VAL A 412 -21.84 -29.73 34.91
CA VAL A 412 -21.87 -29.72 34.92
C VAL A 412 -21.56 -29.36 33.46
N GLY A 413 -21.09 -30.35 32.71
CA GLY A 413 -20.85 -30.19 31.26
C GLY A 413 -19.67 -29.33 30.87
N LYS A 414 -18.81 -28.99 31.83
CA LYS A 414 -17.60 -28.15 31.60
C LYS A 414 -17.92 -26.81 30.95
N GLY A 415 -19.00 -26.18 31.39
CA GLY A 415 -19.41 -24.89 30.87
C GLY A 415 -18.45 -23.75 31.22
N PHE A 416 -18.44 -22.73 30.38
CA PHE A 416 -17.76 -21.50 30.74
C PHE A 416 -18.38 -20.96 32.03
N PHE A 417 -17.58 -20.31 32.87
CA PHE A 417 -18.17 -19.55 33.98
C PHE A 417 -17.33 -18.32 34.31
N THR A 418 -18.05 -17.26 34.65
CA THR A 418 -17.44 -16.03 35.13
C THR A 418 -16.85 -16.32 36.52
N ALA A 419 -15.66 -15.80 36.79
CA ALA A 419 -15.01 -16.00 38.08
C ALA A 419 -16.01 -15.61 39.19
N PRO A 420 -16.34 -16.56 40.08
CA PRO A 420 -17.50 -16.41 40.98
C PRO A 420 -17.39 -15.33 42.05
N GLU A 421 -16.18 -14.88 42.35
CA GLU A 421 -15.99 -13.86 43.38
C GLU A 421 -15.89 -12.43 42.86
N ARG A 422 -16.05 -12.24 41.54
CA ARG A 422 -16.01 -10.90 40.97
C ARG A 422 -17.24 -10.15 41.43
N THR A 423 -17.05 -8.89 41.79
CA THR A 423 -18.15 -8.12 42.34
C THR A 423 -18.18 -6.73 41.70
N ALA A 424 -19.35 -6.10 41.78
CA ALA A 424 -19.53 -4.73 41.34
C ALA A 424 -19.91 -3.89 42.55
N SER A 425 -19.41 -2.66 42.59
CA SER A 425 -19.75 -1.74 43.66
C SER A 425 -19.56 -0.29 43.23
N GLY A 426 -20.59 0.52 43.45
CA GLY A 426 -20.45 1.95 43.24
C GLY A 426 -21.51 2.48 42.31
N LYS A 427 -21.48 3.78 42.10
CA LYS A 427 -22.45 4.44 41.26
C LYS A 427 -22.15 4.19 39.80
N LEU A 428 -23.21 4.07 39.00
CA LEU A 428 -23.04 4.00 37.56
C LEU A 428 -22.47 5.34 37.13
N GLN A 429 -21.45 5.33 36.27
CA GLN A 429 -20.76 6.57 35.97
C GLN A 429 -19.99 6.50 34.66
N ARG A 430 -19.76 7.67 34.07
CA ARG A 430 -18.90 7.82 32.90
C ARG A 430 -17.71 8.67 33.32
N THR A 431 -16.68 8.02 33.85
CA THR A 431 -15.56 8.75 34.45
C THR A 431 -14.24 8.09 34.07
N LEU A 432 -13.15 8.85 34.21
CA LEU A 432 -11.81 8.29 34.13
C LEU A 432 -11.38 7.93 35.55
N SER A 433 -11.02 6.66 35.77
CA SER A 433 -10.58 6.23 37.10
C SER A 433 -9.42 7.08 37.60
N THR A 434 -9.47 7.47 38.87
CA THR A 434 -8.39 8.29 39.45
C THR A 434 -7.07 7.50 39.52
N THR A 435 -7.17 6.17 39.50
CA THR A 435 -5.99 5.28 39.48
C THR A 435 -5.26 5.26 38.14
N PHE A 436 -5.86 5.84 37.10
CA PHE A 436 -5.30 5.80 35.74
C PHE A 436 -4.50 7.06 35.36
N GLU A 437 -4.22 7.92 36.35
CA GLU A 437 -3.82 9.29 36.03
C GLU A 437 -2.33 9.56 35.74
N ASN A 438 -1.45 8.62 36.11
CA ASN A 438 -0.03 8.81 35.84
C ASN A 438 0.31 8.36 34.42
N ASN A 439 0.45 9.32 33.53
CA ASN A 439 0.73 9.05 32.12
C ASN A 439 2.20 9.11 31.75
N TRP A 440 3.07 9.44 32.70
CA TRP A 440 4.44 9.84 32.40
C TRP A 440 5.55 9.01 33.03
N SER A 441 5.31 8.43 34.21
CA SER A 441 6.36 7.66 34.92
C SER A 441 6.84 6.45 34.16
N GLN A 442 5.90 5.68 33.58
CA GLN A 442 6.31 4.51 32.82
C GLN A 442 6.99 4.83 31.48
N PRO A 443 6.47 5.83 30.71
CA PRO A 443 7.27 6.29 29.57
C PRO A 443 8.71 6.64 29.97
N ARG A 444 8.89 7.25 31.13
CA ARG A 444 10.26 7.56 31.60
C ARG A 444 11.06 6.29 31.91
N LEU A 445 10.41 5.30 32.53
CA LEU A 445 11.00 4.00 32.76
C LEU A 445 11.52 3.37 31.47
N PHE A 446 10.67 3.37 30.45
CA PHE A 446 11.07 2.85 29.14
C PHE A 446 12.28 3.62 28.58
N TRP A 447 12.19 4.94 28.54
CA TRP A 447 13.26 5.83 28.06
C TRP A 447 14.61 5.53 28.74
N ASN A 448 14.60 5.45 30.08
CA ASN A 448 15.81 5.18 30.88
C ASN A 448 16.49 3.87 30.52
N SER A 449 15.68 2.93 30.06
CA SER A 449 16.09 1.53 29.91
C SER A 449 16.73 1.21 28.56
N LEU A 450 16.81 2.20 27.67
CA LEU A 450 17.28 1.98 26.31
C LEU A 450 18.77 2.27 26.17
N VAL A 451 19.44 1.57 25.26
CA VAL A 451 20.83 1.92 24.94
C VAL A 451 20.83 3.31 24.30
N ASN A 452 21.96 4.01 24.36
CA ASN A 452 22.02 5.38 23.80
C ASN A 452 21.53 5.50 22.36
N ALA A 453 21.91 4.55 21.51
CA ALA A 453 21.52 4.61 20.10
C ALA A 453 20.00 4.55 19.94
N GLN A 454 19.33 3.74 20.76
CA GLN A 454 17.86 3.62 20.63
C GLN A 454 17.12 4.84 21.20
N LYS A 455 17.69 5.47 22.22
CA LYS A 455 17.23 6.80 22.63
C LYS A 455 17.32 7.76 21.45
N GLU A 456 18.44 7.72 20.74
CA GLU A 456 18.63 8.60 19.59
C GLU A 456 17.62 8.28 18.49
N PHE A 457 17.32 6.99 18.28
CA PHE A 457 16.35 6.62 17.25
C PHE A 457 14.95 7.16 17.56
N ILE A 458 14.56 7.14 18.84
CA ILE A 458 13.29 7.73 19.25
C ILE A 458 13.29 9.23 18.94
N VAL A 459 14.34 9.91 19.37
CA VAL A 459 14.51 11.34 19.09
C VAL A 459 14.42 11.61 17.60
N ASP A 460 15.17 10.85 16.81
CA ASP A 460 15.18 11.03 15.36
C ASP A 460 13.82 10.76 14.72
N ALA A 461 13.10 9.76 15.22
CA ALA A 461 11.75 9.46 14.72
C ALA A 461 10.81 10.64 15.02
N MET A 462 10.85 11.12 16.26
CA MET A 462 9.97 12.23 16.63
C MET A 462 10.31 13.51 15.89
N ARG A 463 11.60 13.75 15.68
CA ARG A 463 12.02 14.90 14.87
C ARG A 463 11.47 14.79 13.45
N PHE A 464 11.59 13.61 12.86
CA PHE A 464 11.07 13.38 11.51
C PHE A 464 9.57 13.63 11.47
N GLU A 465 8.83 12.98 12.39
CA GLU A 465 7.37 13.02 12.37
C GLU A 465 6.85 14.42 12.64
N THR A 466 7.35 15.05 13.70
CA THR A 466 6.79 16.35 14.09
C THR A 466 7.26 17.51 13.19
N SER A 467 8.35 17.30 12.44
CA SER A 467 8.73 18.28 11.42
C SER A 467 7.69 18.32 10.30
N ASN A 468 6.89 17.26 10.20
CA ASN A 468 5.79 17.17 9.24
C ASN A 468 4.44 17.63 9.79
N VAL A 469 4.45 18.13 11.02
CA VAL A 469 3.27 18.70 11.65
C VAL A 469 3.29 20.21 11.38
N SER A 470 2.27 20.68 10.68
CA SER A 470 2.20 22.09 10.30
C SER A 470 1.82 23.01 11.45
N SER A 471 0.90 22.55 12.32
CA SER A 471 0.36 23.39 13.38
C SER A 471 1.39 23.65 14.47
N SER A 472 1.64 24.93 14.73
N SER A 472 1.65 24.92 14.73
CA SER A 472 2.52 25.34 15.80
CA SER A 472 2.56 25.31 15.80
C SER A 472 1.97 24.97 17.17
C SER A 472 1.98 24.99 17.18
N VAL A 473 0.65 25.08 17.31
CA VAL A 473 -0.06 24.67 18.52
C VAL A 473 0.24 23.20 18.84
N VAL A 474 0.12 22.33 17.84
CA VAL A 474 0.40 20.91 18.05
C VAL A 474 1.86 20.65 18.42
N ARG A 475 2.79 21.22 17.64
CA ARG A 475 4.23 21.07 17.94
C ARG A 475 4.55 21.49 19.39
N ASP A 476 4.03 22.64 19.81
CA ASP A 476 4.23 23.10 21.18
C ASP A 476 3.65 22.17 22.22
N ASP A 477 2.44 21.69 21.98
CA ASP A 477 1.76 20.78 22.92
C ASP A 477 2.53 19.47 23.05
N VAL A 478 3.07 18.98 21.93
CA VAL A 478 3.88 17.76 21.94
C VAL A 478 5.08 17.92 22.88
N ILE A 479 5.79 19.04 22.73
CA ILE A 479 7.01 19.28 23.51
C ILE A 479 6.71 19.40 25.02
N ILE A 480 5.60 20.05 25.35
CA ILE A 480 5.13 20.13 26.74
C ILE A 480 4.93 18.75 27.35
N GLN A 481 4.28 17.86 26.59
CA GLN A 481 4.04 16.52 27.09
C GLN A 481 5.33 15.70 27.19
N LEU A 482 6.17 15.78 26.17
CA LEU A 482 7.45 15.05 26.20
C LEU A 482 8.31 15.49 27.39
N ASN A 483 8.25 16.78 27.68
CA ASN A 483 9.02 17.35 28.79
C ASN A 483 8.66 16.77 30.14
N ARG A 484 7.41 16.32 30.30
CA ARG A 484 6.99 15.69 31.55
CA ARG A 484 7.01 15.69 31.56
C ARG A 484 7.60 14.29 31.68
N ILE A 485 8.01 13.72 30.54
CA ILE A 485 8.72 12.44 30.55
C ILE A 485 10.19 12.66 30.88
N SER A 486 10.84 13.51 30.08
CA SER A 486 12.26 13.78 30.22
C SER A 486 12.55 15.10 29.56
N ASP A 487 13.23 15.97 30.31
CA ASP A 487 13.63 17.24 29.76
C ASP A 487 14.67 17.06 28.65
N ASN A 488 15.45 15.99 28.74
CA ASN A 488 16.42 15.65 27.71
C ASN A 488 15.75 15.29 26.39
N LEU A 489 14.81 14.35 26.46
CA LEU A 489 14.01 13.98 25.29
C LEU A 489 13.37 15.20 24.64
N ALA A 490 12.68 16.02 25.45
CA ALA A 490 11.94 17.18 24.95
C ALA A 490 12.85 18.18 24.24
N THR A 491 14.00 18.46 24.85
CA THR A 491 14.94 19.45 24.32
C THR A 491 15.52 18.98 22.98
N ARG A 492 15.88 17.71 22.94
CA ARG A 492 16.49 17.13 21.73
C ARG A 492 15.53 17.16 20.55
N VAL A 493 14.25 16.89 20.81
CA VAL A 493 13.25 16.95 19.73
C VAL A 493 12.99 18.41 19.34
N ALA A 494 12.78 19.27 20.34
CA ALA A 494 12.43 20.68 20.12
C ALA A 494 13.38 21.38 19.16
N SER A 495 14.67 21.05 19.28
CA SER A 495 15.71 21.74 18.52
C SER A 495 15.57 21.57 17.01
N ALA A 496 15.00 20.45 16.57
CA ALA A 496 14.78 20.23 15.14
C ALA A 496 13.56 20.95 14.59
N ILE A 497 12.59 21.26 15.45
CA ILE A 497 11.25 21.65 14.96
C ILE A 497 10.83 23.07 15.30
N GLY A 498 11.79 23.90 15.70
CA GLY A 498 11.56 25.32 15.91
C GLY A 498 10.72 25.65 17.12
N VAL A 499 10.77 24.80 18.14
CA VAL A 499 10.07 25.05 19.40
C VAL A 499 11.12 25.39 20.46
N GLU A 500 10.85 26.41 21.28
CA GLU A 500 11.77 26.83 22.34
C GLU A 500 11.95 25.71 23.36
N ALA A 501 13.20 25.48 23.77
CA ALA A 501 13.53 24.45 24.75
C ALA A 501 12.79 24.68 26.06
N PRO A 502 12.08 23.66 26.54
CA PRO A 502 11.27 23.83 27.75
C PRO A 502 12.11 23.75 29.02
N LYS A 503 11.62 24.35 30.10
CA LYS A 503 12.23 24.20 31.41
C LYS A 503 11.80 22.86 32.02
N PRO A 504 12.69 22.20 32.78
CA PRO A 504 12.35 20.92 33.40
C PRO A 504 11.09 21.00 34.26
N ASN A 505 10.28 19.96 34.20
CA ASN A 505 9.18 19.77 35.11
C ASN A 505 9.41 18.41 35.74
N SER A 506 9.89 18.42 36.98
CA SER A 506 10.44 17.22 37.59
C SER A 506 9.44 16.29 38.28
N SER A 507 8.15 16.57 38.15
CA SER A 507 7.12 15.76 38.85
C SER A 507 7.29 14.26 38.67
N PHE A 508 7.59 13.83 37.45
CA PHE A 508 7.63 12.39 37.13
C PHE A 508 9.02 11.85 36.78
N TYR A 509 10.04 12.70 36.91
CA TYR A 509 11.40 12.25 36.60
C TYR A 509 11.91 11.26 37.63
N HIS A 510 12.57 10.19 37.17
CA HIS A 510 13.14 9.18 38.03
C HIS A 510 14.20 8.45 37.22
N ASP A 511 14.96 7.59 37.87
CA ASP A 511 16.12 6.97 37.24
C ASP A 511 16.01 5.45 37.21
N ASN A 512 14.80 4.92 37.41
CA ASN A 512 14.62 3.47 37.39
C ASN A 512 14.68 2.90 35.99
N THR A 513 15.07 1.63 35.91
CA THR A 513 15.20 0.94 34.64
C THR A 513 14.56 -0.43 34.75
N THR A 514 14.29 -1.02 33.59
CA THR A 514 13.89 -2.41 33.52
C THR A 514 14.73 -3.05 32.40
N ALA A 515 15.04 -4.34 32.54
CA ALA A 515 16.05 -4.96 31.68
C ALA A 515 15.57 -5.30 30.26
N HIS A 516 16.46 -5.08 29.30
CA HIS A 516 16.30 -5.54 27.92
CA HIS A 516 16.32 -5.49 27.90
C HIS A 516 14.93 -5.22 27.30
N ILE A 517 14.47 -3.99 27.49
CA ILE A 517 13.14 -3.60 27.05
C ILE A 517 13.14 -3.10 25.60
N GLY A 518 14.29 -2.62 25.13
CA GLY A 518 14.42 -2.04 23.79
C GLY A 518 14.47 -3.09 22.68
N ALA A 519 14.39 -2.65 21.44
CA ALA A 519 14.58 -3.54 20.31
C ALA A 519 16.06 -3.74 20.01
N PHE A 520 16.90 -2.83 20.51
CA PHE A 520 18.34 -2.89 20.23
C PHE A 520 19.15 -3.22 21.49
N GLY A 521 20.28 -3.90 21.30
CA GLY A 521 21.20 -4.13 22.40
C GLY A 521 21.53 -5.57 22.72
N GLU A 522 20.73 -6.50 22.21
CA GLU A 522 20.98 -7.92 22.43
C GLU A 522 21.30 -8.59 21.11
N LYS A 523 22.10 -9.66 21.17
CA LYS A 523 22.43 -10.43 19.96
C LYS A 523 21.27 -11.37 19.63
N LEU A 524 21.13 -11.72 18.36
CA LEU A 524 20.12 -12.68 17.92
C LEU A 524 20.42 -14.07 18.48
N ALA A 525 19.35 -14.84 18.76
CA ALA A 525 19.53 -16.18 19.28
C ALA A 525 19.71 -17.18 18.14
N LYS A 526 19.07 -16.89 17.01
CA LYS A 526 19.09 -17.76 15.84
C LYS A 526 19.32 -16.91 14.61
N LEU A 527 20.08 -17.45 13.66
CA LEU A 527 20.33 -16.73 12.41
C LEU A 527 19.43 -17.21 11.26
N ASP A 528 18.49 -18.09 11.57
CA ASP A 528 17.59 -18.68 10.55
C ASP A 528 16.97 -17.63 9.63
N GLY A 529 17.12 -17.83 8.33
CA GLY A 529 16.45 -16.99 7.34
C GLY A 529 17.06 -15.62 7.09
N LEU A 530 18.19 -15.32 7.73
CA LEU A 530 18.92 -14.11 7.37
C LEU A 530 19.60 -14.33 6.02
N LYS A 531 19.91 -13.25 5.31
N LYS A 531 19.87 -13.26 5.30
CA LYS A 531 20.40 -13.31 3.93
CA LYS A 531 20.44 -13.35 3.95
C LYS A 531 21.71 -12.56 3.76
C LYS A 531 21.75 -12.59 3.82
N VAL A 532 22.69 -13.21 3.13
CA VAL A 532 23.95 -12.56 2.81
C VAL A 532 23.93 -12.35 1.30
N GLY A 533 24.03 -11.10 0.87
CA GLY A 533 24.15 -10.78 -0.54
C GLY A 533 25.61 -10.81 -0.93
N LEU A 534 25.97 -11.71 -1.84
CA LEU A 534 27.32 -11.78 -2.39
C LEU A 534 27.34 -11.06 -3.73
N LEU A 535 28.02 -9.91 -3.77
CA LEU A 535 28.08 -9.09 -4.97
C LEU A 535 29.20 -9.60 -5.85
N ALA A 536 28.80 -10.21 -6.96
CA ALA A 536 29.75 -10.89 -7.85
C ALA A 536 29.74 -10.31 -9.27
N SER A 537 30.52 -10.91 -10.17
CA SER A 537 30.57 -10.45 -11.55
C SER A 537 30.66 -11.63 -12.50
N VAL A 538 29.80 -11.63 -13.53
CA VAL A 538 29.80 -12.68 -14.55
C VAL A 538 31.11 -12.70 -15.34
N ASN A 539 31.81 -11.58 -15.36
CA ASN A 539 33.09 -11.47 -16.09
C ASN A 539 34.25 -12.13 -15.36
N LYS A 540 34.00 -12.49 -14.09
CA LYS A 540 34.96 -13.18 -13.26
C LYS A 540 34.26 -14.36 -12.59
N PRO A 541 34.05 -15.45 -13.33
CA PRO A 541 33.35 -16.65 -12.84
C PRO A 541 33.78 -17.13 -11.44
N ALA A 542 35.04 -16.91 -11.07
CA ALA A 542 35.52 -17.29 -9.74
C ALA A 542 34.79 -16.52 -8.62
N SER A 543 34.38 -15.29 -8.91
CA SER A 543 33.62 -14.48 -7.94
C SER A 543 32.28 -15.13 -7.65
N ILE A 544 31.65 -15.68 -8.69
CA ILE A 544 30.36 -16.38 -8.53
C ILE A 544 30.51 -17.67 -7.72
N ALA A 545 31.62 -18.37 -7.95
CA ALA A 545 31.92 -19.63 -7.26
C ALA A 545 32.07 -19.47 -5.76
N GLN A 546 32.48 -18.28 -5.32
CA GLN A 546 32.61 -17.99 -3.90
C GLN A 546 31.27 -18.09 -3.17
N GLY A 547 30.18 -17.90 -3.92
CA GLY A 547 28.83 -18.03 -3.36
C GLY A 547 28.58 -19.39 -2.77
N ALA A 548 28.82 -20.43 -3.57
CA ALA A 548 28.63 -21.81 -3.13
C ALA A 548 29.54 -22.15 -1.96
N LYS A 549 30.74 -21.58 -1.98
CA LYS A 549 31.72 -21.83 -0.94
C LYS A 549 31.28 -21.18 0.38
N LEU A 550 30.82 -19.93 0.29
CA LEU A 550 30.28 -19.25 1.48
C LEU A 550 29.00 -19.93 1.98
N GLN A 551 28.13 -20.34 1.05
CA GLN A 551 26.90 -21.03 1.42
C GLN A 551 27.15 -22.29 2.24
N VAL A 552 28.15 -23.09 1.84
CA VAL A 552 28.44 -24.32 2.58
C VAL A 552 28.88 -24.04 4.01
N ALA A 553 29.60 -22.94 4.20
CA ALA A 553 30.08 -22.55 5.53
C ALA A 553 28.96 -22.00 6.43
N LEU A 554 27.83 -21.59 5.82
CA LEU A 554 26.77 -20.91 6.56
C LEU A 554 25.44 -21.69 6.62
N SER A 555 25.38 -22.81 5.90
N SER A 555 25.38 -22.80 5.89
CA SER A 555 24.15 -23.60 5.80
CA SER A 555 24.17 -23.60 5.79
C SER A 555 23.67 -24.17 7.13
C SER A 555 23.67 -24.06 7.16
N SER A 556 24.61 -24.46 8.02
CA SER A 556 24.28 -25.04 9.33
C SER A 556 23.60 -24.06 10.30
N VAL A 557 23.66 -22.76 10.02
CA VAL A 557 23.00 -21.78 10.88
C VAL A 557 21.77 -21.18 10.20
N GLY A 558 21.38 -21.75 9.07
CA GLY A 558 20.14 -21.37 8.38
C GLY A 558 20.19 -20.05 7.65
N VAL A 559 21.38 -19.66 7.22
CA VAL A 559 21.58 -18.40 6.50
C VAL A 559 21.68 -18.68 5.01
N ASP A 560 20.98 -17.88 4.19
CA ASP A 560 21.09 -18.04 2.75
C ASP A 560 22.07 -17.07 2.14
N VAL A 561 22.89 -17.56 1.23
CA VAL A 561 23.73 -16.71 0.38
C VAL A 561 23.04 -16.48 -0.97
N VAL A 562 22.89 -15.20 -1.33
CA VAL A 562 22.26 -14.79 -2.58
C VAL A 562 23.33 -14.21 -3.49
N VAL A 563 23.57 -14.85 -4.63
CA VAL A 563 24.57 -14.36 -5.57
C VAL A 563 23.97 -13.33 -6.51
N VAL A 564 24.53 -12.13 -6.47
CA VAL A 564 24.10 -11.01 -7.29
C VAL A 564 25.14 -10.76 -8.39
N ALA A 565 24.68 -10.66 -9.64
CA ALA A 565 25.59 -10.34 -10.75
C ALA A 565 24.89 -9.50 -11.81
N GLU A 566 25.61 -9.16 -12.88
CA GLU A 566 25.07 -8.23 -13.89
C GLU A 566 23.87 -8.81 -14.65
N ARG A 567 23.88 -10.13 -14.85
CA ARG A 567 22.85 -10.81 -15.62
C ARG A 567 22.70 -12.22 -15.09
N MET A 568 21.58 -12.86 -15.41
CA MET A 568 21.34 -14.23 -15.01
C MET A 568 22.29 -15.13 -15.77
N ALA A 569 23.09 -15.89 -15.03
CA ALA A 569 23.97 -16.89 -15.61
C ALA A 569 23.88 -18.02 -14.61
N ASN A 570 24.57 -19.12 -14.89
CA ASN A 570 24.58 -20.23 -13.94
C ASN A 570 25.03 -19.77 -12.57
N ASN A 571 24.30 -20.21 -11.56
CA ASN A 571 24.62 -19.95 -10.16
C ASN A 571 24.45 -18.50 -9.70
N VAL A 572 23.83 -17.68 -10.56
CA VAL A 572 23.44 -16.31 -10.19
C VAL A 572 21.98 -16.31 -9.74
N ASP A 573 21.70 -15.68 -8.60
CA ASP A 573 20.35 -15.68 -8.05
C ASP A 573 19.52 -14.46 -8.44
N GLU A 574 20.16 -13.30 -8.49
CA GLU A 574 19.53 -12.01 -8.79
C GLU A 574 20.47 -11.16 -9.59
N THR A 575 19.91 -10.20 -10.31
CA THR A 575 20.69 -9.22 -11.05
C THR A 575 20.82 -7.93 -10.22
N TYR A 576 21.88 -7.15 -10.47
CA TYR A 576 22.03 -5.86 -9.80
C TYR A 576 20.81 -4.96 -9.98
N SER A 577 20.23 -4.98 -11.18
CA SER A 577 19.04 -4.18 -11.44
C SER A 577 17.90 -4.48 -10.46
N ALA A 578 17.76 -5.75 -10.11
CA ALA A 578 16.66 -6.20 -9.29
C ALA A 578 17.05 -6.25 -7.81
N SER A 579 18.23 -5.73 -7.49
CA SER A 579 18.77 -5.86 -6.13
C SER A 579 18.85 -4.52 -5.39
N ASP A 580 18.89 -4.62 -4.06
CA ASP A 580 19.00 -3.46 -3.20
C ASP A 580 19.57 -3.91 -1.85
N ALA A 581 20.27 -3.01 -1.18
CA ALA A 581 20.81 -3.31 0.17
C ALA A 581 19.75 -3.87 1.11
N VAL A 582 18.52 -3.37 1.00
CA VAL A 582 17.47 -3.75 1.96
C VAL A 582 17.06 -5.24 1.85
N GLN A 583 17.45 -5.91 0.77
CA GLN A 583 17.18 -7.34 0.62
C GLN A 583 18.07 -8.24 1.45
N PHE A 584 19.17 -7.70 1.95
CA PHE A 584 20.22 -8.49 2.59
C PHE A 584 20.51 -8.04 4.00
N ASP A 585 20.84 -8.98 4.87
CA ASP A 585 21.23 -8.68 6.24
C ASP A 585 22.74 -8.40 6.34
N ALA A 586 23.47 -8.90 5.34
CA ALA A 586 24.89 -8.62 5.18
C ALA A 586 25.19 -8.54 3.70
N VAL A 587 26.18 -7.74 3.35
CA VAL A 587 26.63 -7.60 1.96
C VAL A 587 28.13 -7.88 1.91
N VAL A 588 28.53 -8.77 0.99
CA VAL A 588 29.94 -9.15 0.84
C VAL A 588 30.33 -8.93 -0.63
N VAL A 589 31.46 -8.26 -0.85
CA VAL A 589 31.97 -8.08 -2.20
C VAL A 589 32.88 -9.26 -2.52
N ALA A 590 32.56 -10.00 -3.58
CA ALA A 590 33.35 -11.16 -3.97
C ALA A 590 34.67 -10.74 -4.63
N ASP A 591 35.65 -11.64 -4.54
CA ASP A 591 36.95 -11.45 -5.18
C ASP A 591 36.79 -11.43 -6.69
N GLY A 592 37.14 -10.31 -7.30
CA GLY A 592 37.02 -10.17 -8.74
C GLY A 592 35.87 -9.27 -9.16
N ALA A 593 35.02 -8.90 -8.21
CA ALA A 593 33.88 -8.02 -8.48
C ALA A 593 34.22 -6.54 -8.29
N GLU A 594 35.42 -6.25 -7.79
CA GLU A 594 35.79 -4.89 -7.38
C GLU A 594 35.72 -3.83 -8.49
N GLY A 595 35.88 -4.24 -9.75
CA GLY A 595 35.83 -3.32 -10.88
C GLY A 595 34.48 -2.64 -11.06
N LEU A 596 33.43 -3.24 -10.50
CA LEU A 596 32.08 -2.70 -10.64
C LEU A 596 31.82 -1.52 -9.68
N PHE A 597 32.77 -1.27 -8.78
CA PHE A 597 32.54 -0.35 -7.65
C PHE A 597 33.30 0.96 -7.74
N GLY A 598 33.62 1.40 -8.95
CA GLY A 598 34.38 2.64 -9.14
C GLY A 598 33.71 3.84 -8.50
N ALA A 599 34.52 4.67 -7.84
CA ALA A 599 34.03 5.89 -7.16
C ALA A 599 33.34 6.89 -8.10
N ASP A 600 33.62 6.82 -9.40
CA ASP A 600 32.99 7.72 -10.37
C ASP A 600 31.75 7.14 -11.05
N SER A 601 31.36 5.91 -10.68
CA SER A 601 30.25 5.20 -11.36
C SER A 601 28.89 5.89 -11.27
N PHE A 602 28.69 6.73 -10.25
CA PHE A 602 27.42 7.46 -10.07
C PHE A 602 27.19 8.50 -11.17
N THR A 603 28.27 9.14 -11.64
CA THR A 603 28.14 10.36 -12.45
C THR A 603 28.82 10.36 -13.84
N VAL A 604 29.61 9.33 -14.14
N VAL A 604 29.59 9.32 -14.14
CA VAL A 604 30.28 9.25 -15.44
CA VAL A 604 30.26 9.17 -15.44
C VAL A 604 29.29 9.24 -16.60
C VAL A 604 29.25 9.26 -16.60
N GLU A 605 29.65 9.93 -17.67
CA GLU A 605 28.82 10.01 -18.87
C GLU A 605 28.82 8.64 -19.58
N PRO A 606 27.61 8.10 -19.83
CA PRO A 606 27.49 6.75 -20.36
C PRO A 606 27.75 6.64 -21.87
N SER A 607 28.63 7.50 -22.39
CA SER A 607 29.02 7.52 -23.81
C SER A 607 29.47 6.14 -24.33
N ALA A 608 29.32 5.94 -25.64
CA ALA A 608 29.62 4.66 -26.30
C ALA A 608 30.88 3.95 -25.77
N GLY A 609 32.03 4.60 -25.91
CA GLY A 609 33.30 4.02 -25.50
C GLY A 609 33.57 3.95 -23.99
N SER A 610 32.65 4.51 -23.19
CA SER A 610 32.85 4.59 -21.73
C SER A 610 32.84 3.22 -21.04
N GLY A 611 32.25 2.22 -21.70
CA GLY A 611 32.20 0.85 -21.18
C GLY A 611 31.07 0.57 -20.19
N ALA A 612 30.44 1.64 -19.68
CA ALA A 612 29.36 1.52 -18.69
C ALA A 612 28.22 0.60 -19.14
N SER A 613 27.70 -0.18 -18.20
CA SER A 613 26.67 -1.19 -18.46
C SER A 613 25.29 -0.56 -18.65
N THR A 614 24.46 -1.18 -19.47
CA THR A 614 23.03 -0.85 -19.48
C THR A 614 22.26 -1.84 -18.61
N LEU A 615 22.98 -2.80 -18.03
CA LEU A 615 22.33 -3.91 -17.31
C LEU A 615 21.81 -3.52 -15.92
N TYR A 616 22.28 -2.38 -15.41
CA TYR A 616 21.80 -1.83 -14.14
C TYR A 616 21.98 -0.33 -14.14
N PRO A 617 21.23 0.38 -13.28
CA PRO A 617 21.38 1.84 -13.22
C PRO A 617 22.78 2.23 -12.77
N ALA A 618 23.21 3.42 -13.20
CA ALA A 618 24.53 3.95 -12.86
C ALA A 618 24.79 3.88 -11.36
N GLY A 619 25.89 3.23 -10.99
CA GLY A 619 26.34 3.22 -9.61
C GLY A 619 25.67 2.21 -8.70
N ARG A 620 24.79 1.38 -9.26
CA ARG A 620 24.04 0.38 -8.47
C ARG A 620 24.89 -0.49 -7.52
N PRO A 621 25.98 -1.13 -8.01
CA PRO A 621 26.75 -1.96 -7.07
C PRO A 621 27.29 -1.18 -5.87
N LEU A 622 27.90 -0.02 -6.13
CA LEU A 622 28.43 0.81 -5.06
C LEU A 622 27.32 1.33 -4.14
N ASN A 623 26.18 1.66 -4.73
CA ASN A 623 25.02 2.08 -3.96
C ASN A 623 24.58 1.03 -2.93
N ILE A 624 24.55 -0.24 -3.35
CA ILE A 624 24.19 -1.35 -2.46
C ILE A 624 25.19 -1.42 -1.29
N LEU A 625 26.47 -1.34 -1.63
CA LEU A 625 27.51 -1.37 -0.60
C LEU A 625 27.41 -0.23 0.40
N LEU A 626 27.29 0.99 -0.12
CA LEU A 626 27.22 2.18 0.73
C LEU A 626 25.94 2.22 1.57
N ASP A 627 24.82 1.82 0.98
CA ASP A 627 23.56 1.72 1.73
C ASP A 627 23.68 0.70 2.86
N ALA A 628 24.22 -0.48 2.56
CA ALA A 628 24.40 -1.50 3.57
C ALA A 628 25.23 -0.94 4.73
N PHE A 629 26.30 -0.23 4.42
CA PHE A 629 27.14 0.34 5.47
C PHE A 629 26.37 1.39 6.29
N ARG A 630 25.74 2.35 5.61
CA ARG A 630 25.06 3.46 6.28
C ARG A 630 23.91 2.97 7.14
N PHE A 631 23.26 1.87 6.72
CA PHE A 631 22.13 1.30 7.47
C PHE A 631 22.57 0.47 8.67
N GLY A 632 23.87 0.21 8.79
CA GLY A 632 24.45 -0.47 9.95
C GLY A 632 24.64 -1.96 9.80
N LYS A 633 24.55 -2.47 8.57
CA LYS A 633 24.65 -3.91 8.31
C LYS A 633 26.09 -4.41 8.31
N THR A 634 26.25 -5.71 8.54
CA THR A 634 27.51 -6.42 8.34
C THR A 634 27.96 -6.25 6.89
N VAL A 635 29.20 -5.83 6.71
CA VAL A 635 29.76 -5.64 5.38
C VAL A 635 31.05 -6.43 5.32
N GLY A 636 31.28 -7.12 4.20
CA GLY A 636 32.51 -7.90 4.05
C GLY A 636 33.10 -7.78 2.67
N ALA A 637 34.36 -8.19 2.52
CA ALA A 637 34.94 -8.28 1.19
C ALA A 637 35.94 -9.43 1.19
N LEU A 638 36.04 -10.11 0.04
CA LEU A 638 36.95 -11.25 -0.09
C LEU A 638 38.03 -10.93 -1.11
N GLY A 639 39.28 -11.28 -0.80
CA GLY A 639 40.39 -11.05 -1.72
C GLY A 639 40.48 -9.61 -2.18
N SER A 640 40.64 -9.42 -3.48
CA SER A 640 40.73 -8.06 -4.04
C SER A 640 39.38 -7.33 -4.03
N GLY A 641 38.32 -8.01 -3.60
CA GLY A 641 37.04 -7.36 -3.31
C GLY A 641 37.20 -6.19 -2.34
N SER A 642 38.24 -6.26 -1.50
CA SER A 642 38.48 -5.19 -0.55
C SER A 642 38.76 -3.83 -1.21
N ASP A 643 39.18 -3.83 -2.48
CA ASP A 643 39.32 -2.57 -3.25
C ASP A 643 38.02 -1.78 -3.34
N ALA A 644 36.88 -2.49 -3.35
CA ALA A 644 35.56 -1.86 -3.34
C ALA A 644 35.33 -1.07 -2.05
N LEU A 645 35.82 -1.59 -0.93
CA LEU A 645 35.71 -0.88 0.35
C LEU A 645 36.48 0.45 0.27
N GLU A 646 37.65 0.39 -0.35
CA GLU A 646 38.48 1.56 -0.57
C GLU A 646 37.72 2.58 -1.42
N SER A 647 37.08 2.11 -2.50
CA SER A 647 36.28 2.99 -3.36
C SER A 647 35.15 3.68 -2.63
N GLY A 648 34.48 2.94 -1.73
CA GLY A 648 33.39 3.49 -0.93
C GLY A 648 33.84 4.21 0.33
N GLN A 649 35.15 4.31 0.51
CA GLN A 649 35.76 4.96 1.68
C GLN A 649 35.29 4.31 2.98
N ILE A 650 35.24 2.99 2.98
CA ILE A 650 34.87 2.22 4.15
C ILE A 650 36.14 1.56 4.68
N SER A 651 36.52 1.93 5.89
CA SER A 651 37.74 1.39 6.49
C SER A 651 37.45 0.04 7.15
N SER A 652 38.33 -0.94 6.91
CA SER A 652 38.09 -2.27 7.45
C SER A 652 38.25 -2.34 8.98
N GLU A 653 38.88 -1.33 9.59
CA GLU A 653 38.97 -1.27 11.05
C GLU A 653 37.63 -0.99 11.73
N ARG A 654 36.67 -0.46 10.98
CA ARG A 654 35.33 -0.22 11.54
C ARG A 654 34.68 -1.53 12.00
N GLN A 655 33.93 -1.45 13.10
CA GLN A 655 33.17 -2.59 13.59
C GLN A 655 32.18 -3.04 12.52
N GLY A 656 32.05 -4.35 12.37
CA GLY A 656 31.08 -4.90 11.41
C GLY A 656 31.50 -4.79 9.97
N VAL A 657 32.79 -4.55 9.75
CA VAL A 657 33.41 -4.66 8.42
C VAL A 657 34.47 -5.75 8.52
N TYR A 658 34.35 -6.76 7.67
CA TYR A 658 35.19 -7.96 7.75
C TYR A 658 35.84 -8.23 6.39
N THR A 659 37.10 -8.63 6.40
CA THR A 659 37.77 -9.02 5.16
C THR A 659 38.48 -10.35 5.36
N GLY A 660 38.68 -11.06 4.26
CA GLY A 660 39.33 -12.36 4.31
C GLY A 660 39.90 -12.66 2.95
N LYS A 661 40.76 -13.66 2.89
CA LYS A 661 41.40 -14.06 1.64
C LYS A 661 40.40 -14.79 0.74
N ASN A 662 39.64 -15.71 1.34
CA ASN A 662 38.65 -16.51 0.61
C ASN A 662 37.51 -16.87 1.54
N ALA A 663 36.46 -17.48 0.99
CA ALA A 663 35.26 -17.83 1.74
C ALA A 663 35.43 -19.12 2.54
N GLY A 664 36.31 -19.09 3.54
CA GLY A 664 36.54 -20.25 4.39
C GLY A 664 35.87 -20.10 5.74
N ASP A 665 36.20 -21.00 6.68
CA ASP A 665 35.55 -21.00 7.98
C ASP A 665 35.85 -19.77 8.83
N ALA A 666 37.08 -19.27 8.73
CA ALA A 666 37.50 -18.07 9.45
C ALA A 666 36.66 -16.85 9.05
N PHE A 667 36.44 -16.67 7.75
CA PHE A 667 35.60 -15.57 7.27
C PHE A 667 34.14 -15.79 7.66
N ALA A 668 33.68 -17.03 7.51
CA ALA A 668 32.30 -17.39 7.85
C ALA A 668 32.01 -17.14 9.33
N LYS A 669 32.99 -17.43 10.18
CA LYS A 669 32.88 -17.15 11.61
C LYS A 669 32.66 -15.66 11.87
N ASP A 670 33.41 -14.82 11.15
CA ASP A 670 33.28 -13.37 11.26
C ASP A 670 31.90 -12.90 10.80
N ILE A 671 31.43 -13.42 9.67
CA ILE A 671 30.09 -13.11 9.17
C ILE A 671 28.99 -13.52 10.17
N LYS A 672 29.14 -14.68 10.81
CA LYS A 672 28.15 -15.12 11.80
C LYS A 672 28.13 -14.20 13.01
N SER A 673 29.32 -13.75 13.42
CA SER A 673 29.44 -12.79 14.51
C SER A 673 28.75 -11.47 14.13
N GLY A 674 28.97 -11.01 12.91
CA GLY A 674 28.33 -9.79 12.41
C GLY A 674 26.81 -9.92 12.36
N LEU A 675 26.32 -11.05 11.83
CA LEU A 675 24.89 -11.27 11.72
C LEU A 675 24.22 -11.37 13.09
N SER A 676 24.91 -11.98 14.06
CA SER A 676 24.40 -12.05 15.44
C SER A 676 24.24 -10.68 16.08
N THR A 677 25.16 -9.78 15.77
CA THR A 677 25.13 -8.41 16.29
C THR A 677 24.01 -7.67 15.58
N PHE A 678 23.88 -8.00 14.30
CA PHE A 678 22.80 -7.57 13.40
C PHE A 678 22.91 -6.15 12.90
N LYS A 679 23.02 -5.21 13.83
CA LYS A 679 23.20 -3.81 13.45
C LYS A 679 24.30 -3.19 14.26
N PHE A 680 25.18 -2.47 13.57
CA PHE A 680 26.36 -1.85 14.19
C PHE A 680 26.05 -0.41 14.53
N LEU A 681 25.80 -0.18 15.82
CA LEU A 681 25.22 1.07 16.30
C LEU A 681 26.20 2.24 16.32
N ASP A 682 27.49 1.96 16.18
CA ASP A 682 28.48 3.03 16.22
C ASP A 682 28.53 3.88 14.95
N ARG A 683 27.73 3.51 13.95
CA ARG A 683 27.64 4.27 12.70
C ARG A 683 26.57 5.37 12.75
N PHE A 684 25.94 5.50 13.92
CA PHE A 684 24.88 6.51 14.10
C PHE A 684 25.28 7.55 15.14
N ALA A 685 25.16 8.82 14.75
CA ALA A 685 25.52 9.93 15.62
C ALA A 685 24.51 10.04 16.76
N VAL A 686 24.99 10.44 17.93
CA VAL A 686 24.14 10.64 19.09
C VAL A 686 24.30 12.08 19.58
N ASP A 687 23.22 12.68 20.06
CA ASP A 687 23.24 14.04 20.60
C ASP A 687 24.24 14.17 21.74
N GLU A 688 24.97 15.27 21.77
CA GLU A 688 26.04 15.49 22.78
C GLU A 688 25.52 16.09 24.08
N GLN B 1 -20.87 22.92 -6.31
CA GLN B 1 -20.99 23.13 -4.84
C GLN B 1 -22.28 23.89 -4.50
N GLN B 2 -23.15 24.05 -5.49
CA GLN B 2 -24.53 24.37 -5.19
C GLN B 2 -25.19 23.05 -4.79
N PHE B 3 -25.23 22.10 -5.74
CA PHE B 3 -25.97 20.85 -5.58
C PHE B 3 -25.52 20.03 -4.36
N LEU B 4 -24.23 19.77 -4.25
CA LEU B 4 -23.72 18.88 -3.19
C LEU B 4 -23.79 19.49 -1.79
N SER B 5 -23.80 20.82 -1.73
CA SER B 5 -23.85 21.53 -0.45
C SER B 5 -25.09 21.18 0.41
N GLN B 6 -26.16 20.69 -0.21
CA GLN B 6 -27.32 20.26 0.56
C GLN B 6 -27.03 19.04 1.44
N PHE B 7 -25.91 18.35 1.18
CA PHE B 7 -25.57 17.13 1.92
C PHE B 7 -24.46 17.36 2.94
N TYR B 8 -23.99 18.61 3.05
CA TYR B 8 -22.86 18.93 3.91
C TYR B 8 -23.25 18.86 5.37
N LEU B 9 -22.35 18.32 6.20
CA LEU B 9 -22.48 18.42 7.64
C LEU B 9 -21.38 19.33 8.16
N ASN B 10 -21.78 20.45 8.76
CA ASN B 10 -20.82 21.43 9.27
C ASN B 10 -20.71 21.26 10.79
N ASP B 11 -19.52 20.96 11.28
CA ASP B 11 -19.32 20.66 12.71
C ASP B 11 -18.47 21.69 13.45
N GLN B 12 -18.68 22.97 13.11
CA GLN B 12 -17.95 24.05 13.74
C GLN B 12 -18.75 24.64 14.90
N ASP B 13 -18.11 24.70 16.06
CA ASP B 13 -18.67 25.28 17.28
C ASP B 13 -20.07 24.75 17.60
N VAL B 14 -20.17 23.43 17.77
CA VAL B 14 -21.43 22.75 18.04
C VAL B 14 -21.22 21.70 19.12
N TYR B 15 -22.32 21.28 19.74
CA TYR B 15 -22.27 20.16 20.68
C TYR B 15 -22.44 18.84 19.96
N LEU B 16 -21.73 17.83 20.48
CA LEU B 16 -21.80 16.48 19.98
C LEU B 16 -23.20 15.90 20.12
N THR B 17 -23.66 15.18 19.10
CA THR B 17 -24.95 14.51 19.19
C THR B 17 -24.82 13.07 18.70
N SER B 18 -25.80 12.22 19.05
CA SER B 18 -25.92 10.92 18.41
C SER B 18 -26.32 11.09 16.92
N ASN B 19 -26.42 9.97 16.19
CA ASN B 19 -26.95 10.02 14.82
C ASN B 19 -28.44 10.36 14.73
N VAL B 20 -29.11 10.38 15.87
CA VAL B 20 -30.53 10.80 15.89
C VAL B 20 -30.72 12.11 16.67
N GLY B 21 -29.64 12.87 16.81
CA GLY B 21 -29.74 14.27 17.24
C GLY B 21 -29.83 14.51 18.74
N GLY B 22 -29.59 13.49 19.55
CA GLY B 22 -29.55 13.66 21.02
C GLY B 22 -28.15 14.09 21.44
N PRO B 23 -28.03 15.25 22.12
CA PRO B 23 -26.69 15.67 22.59
C PRO B 23 -26.09 14.65 23.55
N ILE B 24 -24.80 14.39 23.39
CA ILE B 24 -24.14 13.33 24.13
C ILE B 24 -22.70 13.71 24.46
N GLN B 25 -22.08 12.92 25.32
CA GLN B 25 -20.62 12.92 25.49
C GLN B 25 -20.12 11.52 25.11
N ASP B 26 -18.86 11.40 24.73
CA ASP B 26 -18.43 10.12 24.14
C ASP B 26 -17.01 9.71 24.53
N GLU B 27 -16.55 10.15 25.70
CA GLU B 27 -15.15 9.94 26.11
C GLU B 27 -14.93 8.88 27.18
N ASN B 28 -16.00 8.47 27.86
CA ASN B 28 -15.92 7.44 28.88
C ASN B 28 -17.07 6.46 28.75
N SER B 29 -16.76 5.17 28.81
CA SER B 29 -17.78 4.13 28.87
C SER B 29 -18.51 4.21 30.20
N LEU B 30 -19.78 3.80 30.21
CA LEU B 30 -20.56 3.72 31.44
C LEU B 30 -20.16 2.46 32.19
N SER B 31 -19.67 2.65 33.41
CA SER B 31 -19.20 1.53 34.23
C SER B 31 -19.98 1.39 35.55
N ALA B 32 -19.99 0.17 36.09
CA ALA B 32 -20.56 -0.10 37.39
C ALA B 32 -19.50 0.24 38.45
N GLY B 33 -19.49 1.48 38.90
CA GLY B 33 -18.45 1.97 39.85
C GLY B 33 -17.22 2.47 39.11
N GLN B 34 -16.29 3.06 39.85
CA GLN B 34 -15.11 3.68 39.24
C GLN B 34 -14.24 2.69 38.46
N ARG B 35 -14.10 1.48 38.99
CA ARG B 35 -13.22 0.49 38.34
C ARG B 35 -14.00 -0.73 37.88
N GLY B 36 -15.27 -0.52 37.56
CA GLY B 36 -16.16 -1.63 37.27
C GLY B 36 -16.31 -1.95 35.79
N ALA B 37 -17.04 -3.03 35.53
CA ALA B 37 -17.35 -3.51 34.18
C ALA B 37 -18.22 -2.52 33.41
N THR B 38 -18.13 -2.58 32.08
CA THR B 38 -18.90 -1.71 31.19
C THR B 38 -20.31 -2.26 31.03
N LEU B 39 -21.31 -1.39 31.07
CA LEU B 39 -22.70 -1.81 31.01
C LEU B 39 -23.23 -1.92 29.59
N LEU B 40 -24.04 -2.95 29.37
CA LEU B 40 -24.70 -3.15 28.07
C LEU B 40 -25.61 -1.97 27.71
N GLN B 41 -26.18 -1.30 28.72
CA GLN B 41 -27.11 -0.20 28.46
C GLN B 41 -26.44 1.08 27.94
N ASP B 42 -25.11 1.07 27.83
CA ASP B 42 -24.39 2.20 27.28
C ASP B 42 -24.59 2.26 25.75
N PHE B 43 -25.69 2.88 25.34
CA PHE B 43 -26.02 3.02 23.92
C PHE B 43 -25.08 3.98 23.22
N ILE B 44 -24.48 4.91 23.98
CA ILE B 44 -23.52 5.86 23.41
C ILE B 44 -22.28 5.11 22.93
N PHE B 45 -21.74 4.28 23.81
CA PHE B 45 -20.62 3.43 23.46
C PHE B 45 -20.96 2.58 22.22
N ARG B 46 -22.10 1.89 22.25
CA ARG B 46 -22.41 0.94 21.19
C ARG B 46 -22.67 1.62 19.84
N GLU B 47 -23.37 2.75 19.83
CA GLU B 47 -23.60 3.42 18.54
C GLU B 47 -22.29 3.91 17.93
N LYS B 48 -21.39 4.43 18.77
CA LYS B 48 -20.13 4.97 18.30
C LYS B 48 -19.25 3.86 17.73
N ILE B 49 -19.15 2.76 18.48
CA ILE B 49 -18.29 1.65 18.05
C ILE B 49 -18.90 0.92 16.86
N GLN B 50 -20.22 0.79 16.83
CA GLN B 50 -20.86 0.16 15.67
C GLN B 50 -20.58 0.92 14.39
N ARG B 51 -20.71 2.25 14.39
CA ARG B 51 -20.36 3.01 13.17
C ARG B 51 -18.92 2.73 12.78
N PHE B 52 -18.03 2.73 13.77
CA PHE B 52 -16.61 2.49 13.48
C PHE B 52 -16.41 1.10 12.88
N ASP B 53 -17.02 0.10 13.52
CA ASP B 53 -16.89 -1.31 13.12
C ASP B 53 -17.31 -1.54 11.68
N HIS B 54 -18.18 -0.67 11.18
CA HIS B 54 -18.75 -0.82 9.84
C HIS B 54 -18.30 0.27 8.87
N GLU B 55 -17.22 0.99 9.18
CA GLU B 55 -16.79 2.07 8.29
C GLU B 55 -16.41 1.64 6.88
N ARG B 56 -15.83 0.44 6.75
CA ARG B 56 -15.18 0.02 5.49
C ARG B 56 -16.18 -0.60 4.53
N VAL B 57 -15.91 -0.38 3.24
CA VAL B 57 -16.65 -1.03 2.16
C VAL B 57 -15.60 -1.75 1.30
N PRO B 58 -16.04 -2.73 0.49
CA PRO B 58 -15.08 -3.43 -0.35
C PRO B 58 -14.38 -2.43 -1.26
N GLU B 59 -13.07 -2.57 -1.42
CA GLU B 59 -12.36 -1.74 -2.40
C GLU B 59 -12.79 -2.17 -3.80
N ARG B 60 -12.57 -1.30 -4.78
CA ARG B 60 -12.92 -1.63 -6.16
C ARG B 60 -12.12 -2.86 -6.57
N ALA B 61 -12.72 -3.76 -7.35
CA ALA B 61 -12.05 -5.00 -7.76
C ALA B 61 -10.78 -4.73 -8.57
N VAL B 62 -10.82 -3.67 -9.38
CA VAL B 62 -9.61 -3.12 -10.01
C VAL B 62 -9.71 -1.60 -9.82
N HIS B 63 -8.58 -0.90 -9.94
CA HIS B 63 -8.48 0.55 -9.69
C HIS B 63 -8.85 0.95 -8.27
N ALA B 64 -8.53 0.08 -7.32
CA ALA B 64 -8.82 0.37 -5.92
C ALA B 64 -8.10 1.63 -5.42
N ARG B 65 -6.90 1.85 -5.93
CA ARG B 65 -6.05 2.98 -5.51
C ARG B 65 -6.25 4.15 -6.48
N GLY B 66 -6.89 5.21 -6.01
CA GLY B 66 -7.18 6.32 -6.91
C GLY B 66 -7.50 7.61 -6.17
N THR B 67 -7.67 8.67 -6.94
CA THR B 67 -7.97 9.97 -6.38
CA THR B 67 -7.97 9.99 -6.38
C THR B 67 -8.84 10.77 -7.34
N GLY B 68 -9.68 11.64 -6.78
CA GLY B 68 -10.66 12.33 -7.58
C GLY B 68 -10.68 13.82 -7.38
N ALA B 69 -11.31 14.49 -8.34
CA ALA B 69 -11.53 15.93 -8.25
C ALA B 69 -12.77 16.32 -9.05
N HIS B 70 -13.41 17.42 -8.63
CA HIS B 70 -14.51 18.04 -9.35
C HIS B 70 -13.98 18.97 -10.43
N GLY B 71 -14.77 19.18 -11.46
CA GLY B 71 -14.37 20.11 -12.50
C GLY B 71 -15.53 20.51 -13.34
N THR B 72 -15.21 21.09 -14.49
N THR B 72 -15.19 21.04 -14.51
CA THR B 72 -16.22 21.61 -15.38
CA THR B 72 -16.14 21.73 -15.39
C THR B 72 -15.79 21.38 -16.82
C THR B 72 -15.77 21.42 -16.83
N PHE B 73 -16.76 21.07 -17.66
CA PHE B 73 -16.54 20.90 -19.08
C PHE B 73 -17.17 22.08 -19.81
N THR B 74 -16.45 22.62 -20.80
CA THR B 74 -16.98 23.68 -21.66
C THR B 74 -16.91 23.20 -23.10
N SER B 75 -18.04 23.22 -23.78
CA SER B 75 -18.10 22.88 -25.20
C SER B 75 -17.56 24.05 -26.02
N TYR B 76 -16.77 23.71 -27.04
CA TYR B 76 -16.20 24.71 -27.94
C TYR B 76 -17.13 25.03 -29.10
N GLY B 77 -18.19 24.26 -29.24
CA GLY B 77 -19.08 24.47 -30.38
C GLY B 77 -20.44 23.84 -30.28
N ASP B 78 -21.24 24.06 -31.31
CA ASP B 78 -22.50 23.38 -31.46
C ASP B 78 -22.20 22.16 -32.31
N TRP B 79 -22.17 20.99 -31.67
CA TRP B 79 -21.78 19.73 -32.35
C TRP B 79 -22.98 18.91 -32.81
N SER B 80 -24.13 19.56 -32.96
CA SER B 80 -25.37 18.85 -33.28
C SER B 80 -25.38 18.14 -34.64
N ASN B 81 -24.49 18.55 -35.56
CA ASN B 81 -24.35 17.84 -36.83
C ASN B 81 -23.53 16.56 -36.69
N LEU B 82 -22.94 16.37 -35.52
CA LEU B 82 -22.14 15.20 -35.25
C LEU B 82 -22.82 14.32 -34.22
N THR B 83 -23.47 14.94 -33.24
CA THR B 83 -24.09 14.16 -32.15
C THR B 83 -25.25 14.93 -31.54
N ALA B 84 -26.27 14.17 -31.11
CA ALA B 84 -27.41 14.74 -30.40
C ALA B 84 -27.10 15.00 -28.91
N ALA B 85 -25.90 14.66 -28.46
CA ALA B 85 -25.55 14.77 -27.03
C ALA B 85 -25.71 16.22 -26.56
N SER B 86 -26.57 16.40 -25.56
CA SER B 86 -26.92 17.72 -25.06
C SER B 86 -25.73 18.54 -24.56
N PHE B 87 -24.75 17.89 -23.92
CA PHE B 87 -23.62 18.62 -23.35
C PHE B 87 -22.70 19.25 -24.42
N LEU B 88 -22.90 18.85 -25.67
CA LEU B 88 -22.10 19.33 -26.79
C LEU B 88 -22.94 20.17 -27.77
N SER B 89 -24.09 20.63 -27.31
CA SER B 89 -25.11 21.20 -28.22
C SER B 89 -24.94 22.69 -28.50
N ALA B 90 -24.01 23.35 -27.83
CA ALA B 90 -23.85 24.81 -27.98
C ALA B 90 -22.47 25.27 -27.58
N GLU B 91 -21.94 26.28 -28.29
CA GLU B 91 -20.65 26.86 -27.92
C GLU B 91 -20.72 27.51 -26.54
N GLY B 92 -19.77 27.18 -25.68
CA GLY B 92 -19.71 27.72 -24.32
C GLY B 92 -20.56 26.98 -23.28
N LYS B 93 -21.34 26.00 -23.71
CA LYS B 93 -22.22 25.30 -22.77
C LYS B 93 -21.37 24.58 -21.74
N GLU B 94 -21.68 24.78 -20.47
CA GLU B 94 -20.88 24.20 -19.39
C GLU B 94 -21.60 23.08 -18.66
N THR B 95 -20.82 22.07 -18.27
CA THR B 95 -21.37 20.86 -17.61
C THR B 95 -20.45 20.48 -16.45
N PRO B 96 -21.02 20.28 -15.24
CA PRO B 96 -20.18 19.84 -14.11
C PRO B 96 -19.65 18.44 -14.35
N MET B 97 -18.49 18.17 -13.77
CA MET B 97 -17.81 16.89 -13.94
C MET B 97 -17.26 16.40 -12.62
N PHE B 98 -17.06 15.09 -12.54
CA PHE B 98 -16.19 14.53 -11.51
C PHE B 98 -15.27 13.54 -12.18
N THR B 99 -14.01 13.56 -11.79
CA THR B 99 -12.98 12.74 -12.45
C THR B 99 -12.19 11.96 -11.40
N ARG B 100 -11.94 10.69 -11.67
CA ARG B 100 -11.10 9.88 -10.80
C ARG B 100 -9.99 9.24 -11.62
N PHE B 101 -8.79 9.32 -11.09
CA PHE B 101 -7.58 8.76 -11.69
C PHE B 101 -7.14 7.62 -10.80
N SER B 102 -6.45 6.62 -11.36
CA SER B 102 -6.14 5.45 -10.55
C SER B 102 -5.04 4.63 -11.17
N THR B 103 -4.53 3.65 -10.40
CA THR B 103 -3.73 2.55 -10.98
C THR B 103 -4.73 1.42 -11.15
N VAL B 104 -4.28 0.23 -11.55
CA VAL B 104 -5.19 -0.86 -11.82
C VAL B 104 -5.07 -2.00 -10.78
N ALA B 105 -3.85 -2.47 -10.54
CA ALA B 105 -3.64 -3.74 -9.85
C ALA B 105 -3.65 -3.64 -8.32
N GLY B 106 -3.07 -2.57 -7.80
CA GLY B 106 -2.81 -2.46 -6.37
C GLY B 106 -4.06 -2.28 -5.55
N SER B 107 -4.01 -2.75 -4.30
CA SER B 107 -5.10 -2.49 -3.37
C SER B 107 -5.08 -1.04 -2.87
N ARG B 108 -6.02 -0.60 -2.04
N ARG B 108 -6.13 -0.75 -2.12
CA ARG B 108 -6.26 0.89 -1.83
CA ARG B 108 -6.14 0.37 -1.26
C ARG B 108 -5.22 1.87 -1.11
C ARG B 108 -4.89 0.26 -0.41
N GLY B 109 -4.14 1.29 -0.61
CA GLY B 109 -3.08 1.78 0.25
C GLY B 109 -1.77 1.49 -0.45
N SER B 110 -1.83 0.87 -1.63
CA SER B 110 -0.63 0.66 -2.44
C SER B 110 -0.06 1.99 -2.97
N ALA B 111 1.19 1.95 -3.39
CA ALA B 111 1.90 3.19 -3.78
C ALA B 111 1.37 3.77 -5.10
N ASP B 112 1.27 5.11 -5.15
CA ASP B 112 0.81 5.79 -6.35
C ASP B 112 1.75 5.51 -7.52
N THR B 113 3.05 5.38 -7.24
CA THR B 113 4.06 5.29 -8.31
C THR B 113 4.47 3.85 -8.64
N ALA B 114 3.56 2.89 -8.43
CA ALA B 114 3.73 1.55 -8.97
C ALA B 114 3.69 1.64 -10.51
N ARG B 115 4.36 0.72 -11.21
CA ARG B 115 4.21 0.66 -12.66
C ARG B 115 2.90 -0.03 -13.01
N ASP B 116 2.06 0.62 -13.80
CA ASP B 116 0.74 0.07 -14.10
C ASP B 116 0.12 0.88 -15.22
N VAL B 117 -0.97 0.36 -15.78
CA VAL B 117 -1.88 1.15 -16.58
C VAL B 117 -2.59 2.08 -15.60
N HIS B 118 -3.03 3.24 -16.04
CA HIS B 118 -3.72 4.15 -15.13
C HIS B 118 -5.13 4.44 -15.61
N GLY B 119 -6.06 4.53 -14.67
CA GLY B 119 -7.44 4.89 -15.00
C GLY B 119 -7.63 6.39 -15.13
N PHE B 120 -8.60 6.77 -15.96
CA PHE B 120 -8.90 8.16 -16.25
C PHE B 120 -10.41 8.16 -16.53
N ALA B 121 -11.20 8.30 -15.45
CA ALA B 121 -12.66 8.15 -15.51
C ALA B 121 -13.28 9.54 -15.34
N THR B 122 -14.10 9.94 -16.30
CA THR B 122 -14.68 11.27 -16.30
C THR B 122 -16.19 11.16 -16.37
N ARG B 123 -16.85 11.81 -15.43
CA ARG B 123 -18.31 11.87 -15.40
C ARG B 123 -18.73 13.27 -15.83
N PHE B 124 -19.68 13.33 -16.75
CA PHE B 124 -20.38 14.57 -17.09
C PHE B 124 -21.77 14.50 -16.49
N TYR B 125 -22.09 15.42 -15.59
CA TYR B 125 -23.46 15.50 -15.07
C TYR B 125 -24.32 16.33 -16.02
N THR B 126 -24.74 15.73 -17.12
CA THR B 126 -25.39 16.52 -18.19
C THR B 126 -26.86 16.74 -17.87
N ASP B 127 -27.46 17.68 -18.59
CA ASP B 127 -28.87 18.00 -18.38
C ASP B 127 -29.82 16.95 -18.97
N GLU B 128 -29.24 15.92 -19.60
CA GLU B 128 -30.01 14.77 -20.09
C GLU B 128 -29.46 13.45 -19.55
N GLY B 129 -28.85 13.52 -18.37
CA GLY B 129 -28.39 12.30 -17.69
C GLY B 129 -26.90 12.28 -17.48
N ASN B 130 -26.48 11.46 -16.52
CA ASN B 130 -25.05 11.26 -16.30
C ASN B 130 -24.45 10.52 -17.46
N PHE B 131 -23.32 11.02 -17.95
CA PHE B 131 -22.57 10.36 -19.01
C PHE B 131 -21.16 10.15 -18.51
N ASP B 132 -20.72 8.88 -18.48
CA ASP B 132 -19.39 8.56 -18.01
C ASP B 132 -18.53 8.03 -19.15
N ILE B 133 -17.32 8.57 -19.28
CA ILE B 133 -16.30 7.95 -20.13
C ILE B 133 -15.27 7.34 -19.20
N VAL B 134 -15.21 6.01 -19.20
CA VAL B 134 -14.37 5.33 -18.22
C VAL B 134 -13.11 4.86 -18.97
N GLY B 135 -12.07 5.69 -18.93
CA GLY B 135 -10.91 5.50 -19.81
C GLY B 135 -9.61 5.15 -19.11
N ASN B 136 -8.52 5.17 -19.86
CA ASN B 136 -7.18 4.87 -19.33
C ASN B 136 -6.20 5.90 -19.87
N ASN B 137 -4.98 5.92 -19.34
CA ASN B 137 -3.96 6.82 -19.87
C ASN B 137 -3.20 6.24 -21.07
N ILE B 138 -3.65 5.07 -21.50
CA ILE B 138 -3.06 4.31 -22.62
C ILE B 138 -4.25 3.96 -23.56
N PRO B 139 -4.06 4.10 -24.89
CA PRO B 139 -5.21 3.97 -25.79
C PRO B 139 -5.63 2.56 -26.20
N VAL B 140 -4.86 1.56 -25.78
CA VAL B 140 -5.14 0.18 -26.12
C VAL B 140 -5.16 -0.64 -24.84
N PHE B 141 -5.90 -1.74 -24.86
CA PHE B 141 -5.96 -2.61 -23.69
C PHE B 141 -5.43 -4.01 -23.99
N PHE B 142 -5.11 -4.75 -22.93
CA PHE B 142 -4.43 -6.05 -23.03
C PHE B 142 -5.18 -7.14 -23.78
N ILE B 143 -6.51 -7.13 -23.67
CA ILE B 143 -7.32 -8.26 -24.11
C ILE B 143 -8.47 -7.81 -25.01
N GLN B 144 -8.99 -8.75 -25.79
CA GLN B 144 -9.93 -8.44 -26.87
C GLN B 144 -11.35 -8.88 -26.58
N ASP B 145 -11.56 -9.50 -25.41
CA ASP B 145 -12.91 -9.95 -25.03
C ASP B 145 -13.00 -9.80 -23.52
N ALA B 146 -14.10 -9.21 -23.05
CA ALA B 146 -14.32 -8.97 -21.61
C ALA B 146 -14.30 -10.25 -20.77
N ILE B 147 -14.65 -11.37 -21.39
CA ILE B 147 -14.69 -12.67 -20.68
C ILE B 147 -13.31 -13.09 -20.18
N LEU B 148 -12.25 -12.55 -20.78
CA LEU B 148 -10.89 -12.82 -20.36
C LEU B 148 -10.43 -11.94 -19.20
N PHE B 149 -11.26 -11.00 -18.75
CA PHE B 149 -10.81 -10.07 -17.71
C PHE B 149 -10.39 -10.73 -16.39
N PRO B 150 -11.20 -11.69 -15.87
CA PRO B 150 -10.74 -12.32 -14.64
C PRO B 150 -9.43 -13.11 -14.82
N ASP B 151 -9.16 -13.59 -16.03
CA ASP B 151 -7.90 -14.28 -16.29
C ASP B 151 -6.72 -13.31 -16.22
N LEU B 152 -6.84 -12.21 -16.96
CA LEU B 152 -5.84 -11.17 -16.96
C LEU B 152 -5.59 -10.67 -15.53
N ILE B 153 -6.66 -10.34 -14.82
CA ILE B 153 -6.51 -9.74 -13.50
C ILE B 153 -5.98 -10.73 -12.47
N HIS B 154 -6.46 -11.99 -12.50
CA HIS B 154 -5.91 -13.00 -11.60
C HIS B 154 -4.41 -13.18 -11.86
N ALA B 155 -4.02 -13.12 -13.13
CA ALA B 155 -2.59 -13.25 -13.47
C ALA B 155 -1.72 -12.09 -12.98
N VAL B 156 -2.22 -10.86 -13.08
CA VAL B 156 -1.40 -9.71 -12.70
C VAL B 156 -1.42 -9.45 -11.18
N LYS B 157 -2.55 -9.74 -10.54
CA LYS B 157 -2.67 -9.57 -9.09
C LYS B 157 -1.79 -10.56 -8.34
N PRO B 158 -1.63 -10.38 -7.00
CA PRO B 158 -0.74 -11.25 -6.23
C PRO B 158 -1.13 -12.72 -6.31
N ARG B 159 -0.15 -13.60 -6.12
N ARG B 159 -0.16 -13.61 -6.12
CA ARG B 159 -0.35 -15.05 -6.09
CA ARG B 159 -0.39 -15.06 -6.21
C ARG B 159 -1.49 -15.45 -5.16
C ARG B 159 -1.37 -15.55 -5.14
N GLY B 160 -2.23 -16.50 -5.53
CA GLY B 160 -3.33 -16.98 -4.70
C GLY B 160 -2.96 -17.55 -3.34
N ASP B 161 -1.77 -18.13 -3.21
CA ASP B 161 -1.40 -18.77 -1.96
C ASP B 161 -0.89 -17.77 -0.91
N ASN B 162 -0.09 -16.79 -1.32
CA ASN B 162 0.57 -15.93 -0.35
C ASN B 162 0.30 -14.44 -0.50
N GLN B 163 -0.49 -14.08 -1.51
CA GLN B 163 -0.79 -12.68 -1.86
C GLN B 163 0.49 -11.83 -2.00
N ILE B 164 1.44 -12.34 -2.79
CA ILE B 164 2.64 -11.61 -3.16
C ILE B 164 2.75 -11.69 -4.68
N PRO B 165 3.17 -10.61 -5.36
CA PRO B 165 3.57 -9.29 -4.88
C PRO B 165 2.52 -8.21 -5.09
N GLN B 166 2.55 -7.19 -4.23
CA GLN B 166 1.60 -6.09 -4.31
C GLN B 166 1.89 -5.18 -5.51
N ALA B 167 0.84 -4.83 -6.28
CA ALA B 167 0.89 -3.79 -7.31
C ALA B 167 2.08 -3.93 -8.24
N ALA B 168 2.25 -5.13 -8.80
CA ALA B 168 3.41 -5.44 -9.60
C ALA B 168 3.11 -6.56 -10.57
N THR B 169 3.59 -6.42 -11.81
CA THR B 169 3.52 -7.48 -12.81
C THR B 169 4.82 -8.30 -12.79
N ALA B 170 5.74 -7.94 -11.89
CA ALA B 170 7.07 -8.62 -11.83
C ALA B 170 7.02 -9.96 -11.12
N HIS B 171 6.23 -10.89 -11.68
CA HIS B 171 6.10 -12.23 -11.15
C HIS B 171 5.62 -13.17 -12.23
N ASP B 172 5.84 -14.47 -12.04
CA ASP B 172 5.60 -15.50 -13.07
C ASP B 172 4.25 -15.45 -13.74
N SER B 173 3.17 -15.38 -12.95
CA SER B 173 1.83 -15.51 -13.54
C SER B 173 1.51 -14.42 -14.55
N ALA B 174 1.99 -13.20 -14.29
CA ALA B 174 1.69 -12.08 -15.16
C ALA B 174 2.34 -12.30 -16.53
N TRP B 175 3.63 -12.63 -16.51
CA TRP B 175 4.36 -12.86 -17.74
C TRP B 175 3.96 -14.17 -18.43
N ASP B 176 3.46 -15.14 -17.65
CA ASP B 176 2.89 -16.37 -18.20
C ASP B 176 1.68 -15.98 -19.06
N PHE B 177 0.79 -15.18 -18.49
CA PHE B 177 -0.39 -14.74 -19.23
C PHE B 177 -0.03 -13.90 -20.47
N PHE B 178 0.85 -12.92 -20.31
CA PHE B 178 1.25 -12.05 -21.43
C PHE B 178 1.80 -12.88 -22.59
N SER B 179 2.61 -13.88 -22.28
CA SER B 179 3.21 -14.70 -23.32
C SER B 179 2.26 -15.76 -23.89
N GLN B 180 1.25 -16.17 -23.14
CA GLN B 180 0.23 -17.11 -23.64
C GLN B 180 -0.85 -16.38 -24.45
N GLN B 181 -0.96 -15.07 -24.25
CA GLN B 181 -2.03 -14.27 -24.84
C GLN B 181 -1.40 -13.07 -25.53
N PRO B 182 -0.85 -13.26 -26.74
CA PRO B 182 -0.08 -12.18 -27.38
C PRO B 182 -0.86 -10.88 -27.68
N SER B 183 -2.18 -10.89 -27.58
CA SER B 183 -2.94 -9.64 -27.73
C SER B 183 -2.45 -8.60 -26.73
N VAL B 184 -1.91 -9.07 -25.61
CA VAL B 184 -1.40 -8.20 -24.53
C VAL B 184 -0.18 -7.36 -24.90
N LEU B 185 0.52 -7.73 -25.97
CA LEU B 185 1.81 -7.11 -26.27
C LEU B 185 1.80 -5.60 -26.48
N HIS B 186 0.77 -5.09 -27.16
CA HIS B 186 0.71 -3.64 -27.39
C HIS B 186 0.63 -2.84 -26.08
N THR B 187 -0.35 -3.16 -25.24
CA THR B 187 -0.48 -2.48 -23.95
C THR B 187 0.77 -2.68 -23.12
N LEU B 188 1.36 -3.88 -23.20
CA LEU B 188 2.55 -4.19 -22.41
C LEU B 188 3.67 -3.19 -22.73
N LEU B 189 3.90 -2.93 -24.02
CA LEU B 189 4.94 -1.99 -24.40
C LEU B 189 4.68 -0.57 -23.87
N TRP B 190 3.42 -0.14 -23.92
CA TRP B 190 3.06 1.18 -23.37
C TRP B 190 3.34 1.23 -21.87
N ALA B 191 2.99 0.16 -21.16
CA ALA B 191 3.14 0.15 -19.70
C ALA B 191 4.60 0.02 -19.28
N MET B 192 5.43 -0.58 -20.13
CA MET B 192 6.85 -0.72 -19.86
C MET B 192 7.63 0.53 -20.26
N ALA B 193 6.96 1.40 -21.01
CA ALA B 193 7.50 2.70 -21.38
C ALA B 193 7.21 3.72 -20.28
N GLY B 194 7.47 5.00 -20.54
CA GLY B 194 7.21 6.05 -19.56
C GLY B 194 5.76 6.14 -19.11
N HIS B 195 4.84 5.67 -19.94
CA HIS B 195 3.41 5.75 -19.65
C HIS B 195 2.99 4.90 -18.45
N GLY B 196 3.80 3.91 -18.10
CA GLY B 196 3.54 3.08 -16.91
C GLY B 196 3.89 3.79 -15.61
N ILE B 197 4.76 4.80 -15.69
CA ILE B 197 5.22 5.52 -14.48
C ILE B 197 5.24 7.05 -14.69
N PRO B 198 4.06 7.63 -14.87
CA PRO B 198 3.98 9.08 -15.10
C PRO B 198 4.31 9.87 -13.84
N ARG B 199 4.75 11.12 -14.05
CA ARG B 199 5.12 12.03 -12.97
C ARG B 199 3.92 12.43 -12.13
N SER B 200 2.75 12.56 -12.77
CA SER B 200 1.54 12.95 -12.03
C SER B 200 0.32 12.68 -12.90
N PHE B 201 -0.86 12.81 -12.31
CA PHE B 201 -2.09 12.66 -13.09
C PHE B 201 -2.31 13.85 -14.02
N ARG B 202 -1.63 14.95 -13.76
CA ARG B 202 -1.78 16.14 -14.61
C ARG B 202 -0.96 16.03 -15.89
N HIS B 203 -0.04 15.07 -15.91
CA HIS B 203 0.94 14.91 -17.00
C HIS B 203 0.70 13.62 -17.77
N VAL B 204 -0.57 13.26 -17.95
CA VAL B 204 -0.93 12.14 -18.81
C VAL B 204 -2.06 12.59 -19.72
N ASN B 205 -2.25 11.87 -20.81
CA ASN B 205 -3.44 12.00 -21.63
C ASN B 205 -4.44 10.92 -21.26
N GLY B 206 -5.67 11.07 -21.72
CA GLY B 206 -6.69 10.04 -21.49
C GLY B 206 -7.25 9.53 -22.80
N PHE B 207 -7.80 8.32 -22.76
CA PHE B 207 -8.37 7.67 -23.93
C PHE B 207 -9.58 6.83 -23.54
N GLY B 208 -10.59 6.81 -24.39
CA GLY B 208 -11.77 5.97 -24.17
C GLY B 208 -11.50 4.52 -24.56
N VAL B 209 -10.38 4.32 -25.28
CA VAL B 209 -9.92 3.04 -25.83
C VAL B 209 -10.82 2.51 -26.95
N HIS B 210 -12.08 2.20 -26.63
CA HIS B 210 -13.01 1.63 -27.60
C HIS B 210 -13.45 2.62 -28.67
N THR B 211 -13.80 2.07 -29.83
CA THR B 211 -14.59 2.81 -30.80
C THR B 211 -16.03 2.91 -30.28
N PHE B 212 -16.57 4.12 -30.25
CA PHE B 212 -17.98 4.35 -29.94
C PHE B 212 -18.68 4.91 -31.16
N ARG B 213 -19.99 5.03 -31.09
CA ARG B 213 -20.77 5.72 -32.12
C ARG B 213 -21.28 7.06 -31.62
N LEU B 214 -21.18 8.09 -32.45
CA LEU B 214 -21.92 9.32 -32.20
C LEU B 214 -23.12 9.29 -33.14
N VAL B 215 -24.26 9.75 -32.65
CA VAL B 215 -25.52 9.59 -33.34
C VAL B 215 -26.23 10.95 -33.32
N THR B 216 -26.69 11.42 -34.47
CA THR B 216 -27.47 12.64 -34.53
C THR B 216 -28.95 12.30 -34.28
N ASP B 217 -29.77 13.33 -34.09
CA ASP B 217 -31.21 13.14 -33.88
C ASP B 217 -31.92 12.35 -34.98
N ASP B 218 -31.45 12.50 -36.22
CA ASP B 218 -32.04 11.77 -37.34
C ASP B 218 -31.39 10.42 -37.62
N GLY B 219 -30.54 9.94 -36.70
CA GLY B 219 -30.05 8.57 -36.77
C GLY B 219 -28.77 8.31 -37.54
N LYS B 220 -28.12 9.37 -38.03
CA LYS B 220 -26.83 9.24 -38.72
C LYS B 220 -25.72 9.01 -37.71
N THR B 221 -24.74 8.18 -38.08
CA THR B 221 -23.68 7.84 -37.14
C THR B 221 -22.29 8.12 -37.67
N LYS B 222 -21.35 8.32 -36.74
CA LYS B 222 -19.93 8.30 -37.03
C LYS B 222 -19.30 7.37 -36.01
N LEU B 223 -18.19 6.75 -36.39
CA LEU B 223 -17.38 6.00 -35.44
C LEU B 223 -16.32 6.92 -34.88
N VAL B 224 -16.13 6.89 -33.56
CA VAL B 224 -15.14 7.78 -32.93
C VAL B 224 -14.24 7.05 -31.93
N LYS B 225 -13.05 7.60 -31.75
CA LYS B 225 -12.23 7.32 -30.57
C LYS B 225 -12.23 8.58 -29.75
N PHE B 226 -12.44 8.45 -28.43
CA PHE B 226 -12.35 9.60 -27.53
C PHE B 226 -10.92 9.81 -27.03
N HIS B 227 -10.49 11.07 -27.01
CA HIS B 227 -9.18 11.47 -26.48
C HIS B 227 -9.35 12.57 -25.46
N TRP B 228 -8.53 12.51 -24.41
CA TRP B 228 -8.37 13.66 -23.52
C TRP B 228 -6.94 14.13 -23.68
N LYS B 229 -6.76 15.26 -24.37
CA LYS B 229 -5.42 15.78 -24.62
C LYS B 229 -4.99 16.73 -23.51
N GLY B 230 -3.98 16.32 -22.76
CA GLY B 230 -3.50 17.09 -21.61
C GLY B 230 -2.82 18.38 -22.03
N LEU B 231 -3.10 19.47 -21.33
CA LEU B 231 -2.54 20.77 -21.68
C LEU B 231 -1.30 21.13 -20.86
N GLN B 232 -0.88 20.23 -19.97
CA GLN B 232 0.33 20.42 -19.17
C GLN B 232 1.58 19.83 -19.86
N GLY B 233 1.43 18.67 -20.48
CA GLY B 233 2.54 17.98 -21.15
C GLY B 233 2.80 16.63 -20.53
N LYS B 234 3.43 15.73 -21.25
CA LYS B 234 3.75 14.41 -20.71
C LYS B 234 5.06 14.49 -19.95
N ALA B 235 5.04 13.94 -18.74
CA ALA B 235 6.22 13.82 -17.91
C ALA B 235 6.15 12.48 -17.21
N SER B 236 7.28 11.77 -17.21
CA SER B 236 7.36 10.43 -16.63
C SER B 236 8.67 10.21 -15.87
N PHE B 237 8.66 9.25 -14.95
CA PHE B 237 9.82 8.90 -14.17
C PHE B 237 10.64 7.84 -14.86
N VAL B 238 11.83 7.56 -14.32
CA VAL B 238 12.52 6.31 -14.60
C VAL B 238 12.21 5.37 -13.44
N TRP B 239 12.43 4.07 -13.68
N TRP B 239 12.43 4.07 -13.68
CA TRP B 239 11.97 3.06 -12.73
CA TRP B 239 11.99 3.04 -12.74
C TRP B 239 12.54 3.20 -11.32
C TRP B 239 12.54 3.21 -11.33
N GLU B 240 13.85 3.41 -11.22
CA GLU B 240 14.52 3.50 -9.92
C GLU B 240 13.99 4.70 -9.10
N GLU B 241 13.61 5.74 -9.82
CA GLU B 241 13.05 6.93 -9.22
C GLU B 241 11.59 6.69 -8.76
N ALA B 242 10.81 5.97 -9.57
CA ALA B 242 9.45 5.56 -9.16
C ALA B 242 9.47 4.67 -7.91
N GLN B 243 10.42 3.73 -7.83
CA GLN B 243 10.54 2.90 -6.64
C GLN B 243 10.87 3.72 -5.41
N GLN B 244 11.81 4.65 -5.55
CA GLN B 244 12.23 5.46 -4.42
C GLN B 244 11.07 6.32 -3.90
N THR B 245 10.25 6.82 -4.82
CA THR B 245 9.08 7.63 -4.49
C THR B 245 8.07 6.78 -3.70
N ALA B 246 7.93 5.52 -4.08
CA ALA B 246 6.96 4.63 -3.41
C ALA B 246 7.32 4.48 -1.94
N GLY B 247 8.61 4.52 -1.64
CA GLY B 247 9.10 4.38 -0.26
C GLY B 247 9.04 5.65 0.56
N LYS B 248 9.14 6.80 -0.11
CA LYS B 248 9.17 8.08 0.57
C LYS B 248 7.81 8.77 0.64
N ASN B 249 6.99 8.58 -0.39
CA ASN B 249 5.66 9.18 -0.45
C ASN B 249 4.70 8.34 -1.25
N ALA B 250 4.04 7.40 -0.58
CA ALA B 250 3.05 6.55 -1.23
C ALA B 250 1.94 7.37 -1.89
N ASP B 251 1.72 8.58 -1.38
CA ASP B 251 0.63 9.47 -1.84
C ASP B 251 1.10 10.53 -2.83
N PHE B 252 2.25 10.32 -3.44
CA PHE B 252 2.88 11.36 -4.26
C PHE B 252 1.95 11.97 -5.31
N MET B 253 1.22 11.13 -6.06
CA MET B 253 0.40 11.65 -7.15
C MET B 253 -0.90 12.25 -6.64
N ARG B 254 -1.51 11.63 -5.62
CA ARG B 254 -2.71 12.24 -5.04
C ARG B 254 -2.40 13.57 -4.36
N GLN B 255 -1.23 13.67 -3.75
CA GLN B 255 -0.81 14.93 -3.13
C GLN B 255 -0.58 16.02 -4.19
N ASP B 256 0.06 15.65 -5.29
CA ASP B 256 0.32 16.59 -6.39
C ASP B 256 -0.99 17.18 -6.92
N LEU B 257 -1.99 16.33 -7.12
CA LEU B 257 -3.25 16.82 -7.67
C LEU B 257 -3.95 17.73 -6.65
N PHE B 258 -4.00 17.28 -5.41
CA PHE B 258 -4.65 18.05 -4.34
C PHE B 258 -4.01 19.44 -4.21
N GLN B 259 -2.68 19.47 -4.10
CA GLN B 259 -1.96 20.73 -3.94
C GLN B 259 -2.08 21.69 -5.13
N SER B 260 -2.09 21.14 -6.35
CA SER B 260 -2.24 21.97 -7.54
C SER B 260 -3.57 22.69 -7.54
N ILE B 261 -4.61 21.96 -7.17
CA ILE B 261 -5.95 22.54 -7.17
C ILE B 261 -6.09 23.58 -6.04
N GLN B 262 -5.55 23.26 -4.86
CA GLN B 262 -5.56 24.22 -3.74
C GLN B 262 -4.83 25.51 -4.11
N ALA B 263 -3.75 25.38 -4.90
CA ALA B 263 -2.94 26.54 -5.34
C ALA B 263 -3.56 27.30 -6.51
N GLY B 264 -4.68 26.82 -7.03
CA GLY B 264 -5.33 27.44 -8.18
C GLY B 264 -4.66 27.13 -9.50
N ARG B 265 -3.86 26.06 -9.53
CA ARG B 265 -3.22 25.64 -10.77
C ARG B 265 -4.02 24.51 -11.41
N PHE B 266 -5.16 24.87 -11.98
CA PHE B 266 -6.16 23.88 -12.41
C PHE B 266 -5.70 23.16 -13.66
N PRO B 267 -5.51 21.82 -13.60
CA PRO B 267 -5.06 21.13 -14.79
C PRO B 267 -6.20 21.01 -15.80
N GLU B 268 -5.85 20.97 -17.08
CA GLU B 268 -6.84 20.97 -18.14
C GLU B 268 -6.54 19.90 -19.19
N TRP B 269 -7.60 19.36 -19.77
CA TRP B 269 -7.53 18.45 -20.90
C TRP B 269 -8.55 18.88 -21.93
N GLU B 270 -8.22 18.75 -23.21
CA GLU B 270 -9.18 18.97 -24.25
C GLU B 270 -9.78 17.65 -24.69
N LEU B 271 -11.11 17.60 -24.74
CA LEU B 271 -11.81 16.43 -25.27
C LEU B 271 -11.74 16.47 -26.79
N GLY B 272 -11.29 15.36 -27.38
CA GLY B 272 -11.21 15.26 -28.84
C GLY B 272 -11.78 13.94 -29.33
N VAL B 273 -12.17 13.90 -30.60
CA VAL B 273 -12.57 12.65 -31.23
C VAL B 273 -11.84 12.45 -32.54
N GLN B 274 -11.44 11.21 -32.82
CA GLN B 274 -11.08 10.84 -34.18
C GLN B 274 -12.36 10.41 -34.87
N ILE B 275 -12.75 11.16 -35.91
CA ILE B 275 -14.04 10.93 -36.57
C ILE B 275 -13.91 10.08 -37.82
N MET B 276 -14.62 8.96 -37.83
CA MET B 276 -14.53 7.97 -38.88
C MET B 276 -15.91 7.55 -39.34
N GLN B 277 -15.98 6.87 -40.47
CA GLN B 277 -17.25 6.43 -41.04
C GLN B 277 -17.50 4.98 -40.67
N GLU B 278 -18.77 4.57 -40.69
CA GLU B 278 -19.13 3.16 -40.50
C GLU B 278 -18.33 2.29 -41.45
N GLN B 279 -18.14 2.77 -42.67
CA GLN B 279 -17.44 1.99 -43.70
C GLN B 279 -15.93 1.85 -43.46
N ASP B 280 -15.41 2.53 -42.43
CA ASP B 280 -13.97 2.51 -42.12
C ASP B 280 -13.54 1.38 -41.20
N GLN B 281 -14.48 0.56 -40.75
CA GLN B 281 -14.21 -0.47 -39.72
C GLN B 281 -13.05 -1.41 -40.02
N LEU B 282 -12.92 -1.79 -41.29
CA LEU B 282 -11.86 -2.71 -41.71
C LEU B 282 -10.86 -2.11 -42.72
N LYS B 283 -11.10 -0.86 -43.09
CA LYS B 283 -10.38 -0.17 -44.17
C LYS B 283 -8.88 0.05 -43.91
N PHE B 284 -8.50 0.23 -42.65
CA PHE B 284 -7.14 0.62 -42.30
C PHE B 284 -6.15 -0.55 -42.10
N GLY B 285 -6.60 -1.77 -42.38
CA GLY B 285 -5.75 -2.96 -42.20
C GLY B 285 -5.86 -3.59 -40.82
N PHE B 286 -6.77 -3.07 -40.01
CA PHE B 286 -7.09 -3.66 -38.71
C PHE B 286 -8.57 -3.36 -38.45
N ASP B 287 -9.11 -3.95 -37.38
CA ASP B 287 -10.53 -3.82 -37.08
C ASP B 287 -10.70 -2.71 -36.05
N LEU B 288 -11.58 -1.76 -36.36
CA LEU B 288 -11.91 -0.69 -35.40
C LEU B 288 -12.54 -1.22 -34.13
N LEU B 289 -13.06 -2.44 -34.19
CA LEU B 289 -13.70 -3.10 -33.04
C LEU B 289 -12.69 -3.77 -32.12
N ASP B 290 -11.42 -3.74 -32.52
CA ASP B 290 -10.33 -4.41 -31.81
C ASP B 290 -9.67 -3.41 -30.85
N PRO B 291 -9.86 -3.58 -29.52
CA PRO B 291 -9.35 -2.59 -28.58
C PRO B 291 -7.83 -2.66 -28.33
N THR B 292 -7.12 -3.53 -29.06
CA THR B 292 -5.66 -3.59 -28.97
C THR B 292 -5.00 -2.74 -30.08
N LYS B 293 -5.80 -2.02 -30.85
CA LYS B 293 -5.30 -1.25 -31.99
C LYS B 293 -5.56 0.23 -31.79
N ILE B 294 -4.59 1.06 -32.15
CA ILE B 294 -4.77 2.51 -32.22
C ILE B 294 -5.07 2.92 -33.65
N VAL B 295 -5.71 4.07 -33.80
CA VAL B 295 -5.80 4.72 -35.11
C VAL B 295 -4.77 5.83 -35.08
N PRO B 296 -3.67 5.69 -35.88
CA PRO B 296 -2.64 6.71 -35.83
C PRO B 296 -3.20 8.05 -36.31
N GLU B 297 -2.78 9.12 -35.64
CA GLU B 297 -3.28 10.47 -35.91
C GLU B 297 -2.89 10.97 -37.29
N GLU B 298 -1.87 10.34 -37.90
CA GLU B 298 -1.54 10.60 -39.30
C GLU B 298 -2.67 10.15 -40.24
N LEU B 299 -3.41 9.12 -39.84
CA LEU B 299 -4.52 8.63 -40.65
C LEU B 299 -5.82 9.41 -40.39
N VAL B 300 -6.12 9.64 -39.11
CA VAL B 300 -7.32 10.37 -38.73
C VAL B 300 -6.94 11.35 -37.62
N PRO B 301 -7.02 12.66 -37.91
CA PRO B 301 -6.67 13.65 -36.91
C PRO B 301 -7.69 13.72 -35.79
N VAL B 302 -7.28 14.30 -34.68
CA VAL B 302 -8.17 14.49 -33.54
C VAL B 302 -8.90 15.83 -33.70
N THR B 303 -10.22 15.78 -33.73
CA THR B 303 -11.06 17.00 -33.74
C THR B 303 -11.39 17.36 -32.30
N ILE B 304 -11.05 18.59 -31.90
CA ILE B 304 -11.22 19.03 -30.51
C ILE B 304 -12.64 19.58 -30.30
N LEU B 305 -13.31 19.04 -29.28
CA LEU B 305 -14.73 19.36 -29.01
C LEU B 305 -14.92 20.35 -27.87
N GLY B 306 -14.00 20.35 -26.92
CA GLY B 306 -14.17 21.16 -25.71
C GLY B 306 -13.10 20.91 -24.69
N LYS B 307 -13.27 21.48 -23.50
CA LYS B 307 -12.20 21.47 -22.51
C LYS B 307 -12.73 21.11 -21.13
N MET B 308 -11.98 20.24 -20.44
CA MET B 308 -12.26 19.93 -19.04
C MET B 308 -11.21 20.62 -18.18
N GLN B 309 -11.66 21.23 -17.09
CA GLN B 309 -10.77 21.81 -16.11
C GLN B 309 -11.13 21.21 -14.76
N LEU B 310 -10.13 20.74 -14.04
CA LEU B 310 -10.36 20.22 -12.68
C LEU B 310 -10.05 21.36 -11.72
N ASN B 311 -11.02 21.73 -10.90
CA ASN B 311 -10.90 22.98 -10.13
C ASN B 311 -11.39 22.95 -8.70
N ARG B 312 -11.70 21.76 -8.18
CA ARG B 312 -12.20 21.66 -6.82
C ARG B 312 -11.91 20.30 -6.22
N ASN B 313 -11.29 20.30 -5.04
CA ASN B 313 -11.01 19.07 -4.31
C ASN B 313 -12.27 18.61 -3.57
N PRO B 314 -12.42 17.30 -3.36
CA PRO B 314 -13.55 16.88 -2.52
C PRO B 314 -13.45 17.45 -1.11
N MET B 315 -14.59 17.49 -0.42
CA MET B 315 -14.65 17.89 0.98
C MET B 315 -14.43 16.68 1.88
N ASN B 316 -14.96 15.53 1.46
CA ASN B 316 -14.75 14.29 2.19
C ASN B 316 -14.43 13.18 1.20
N TYR B 317 -13.23 12.62 1.33
CA TYR B 317 -12.73 11.65 0.36
C TYR B 317 -13.65 10.45 0.26
N PHE B 318 -14.03 9.88 1.39
CA PHE B 318 -14.85 8.67 1.37
C PHE B 318 -16.18 8.93 0.66
N ALA B 319 -16.89 9.98 1.07
CA ALA B 319 -18.22 10.24 0.55
C ALA B 319 -18.22 10.49 -0.94
N GLU B 320 -17.19 11.19 -1.42
CA GLU B 320 -17.13 11.61 -2.82
C GLU B 320 -16.26 10.70 -3.69
N THR B 321 -14.97 10.59 -3.36
CA THR B 321 -14.07 9.82 -4.19
C THR B 321 -14.27 8.30 -4.01
N GLU B 322 -14.35 7.82 -2.78
CA GLU B 322 -14.44 6.36 -2.61
C GLU B 322 -15.76 5.84 -3.17
N GLN B 323 -16.82 6.62 -2.96
CA GLN B 323 -18.18 6.16 -3.32
C GLN B 323 -18.60 6.41 -4.76
N VAL B 324 -17.79 7.12 -5.54
CA VAL B 324 -18.23 7.39 -6.92
C VAL B 324 -18.23 6.08 -7.71
N MET B 325 -19.32 5.87 -8.46
CA MET B 325 -19.53 4.60 -9.15
C MET B 325 -19.77 4.82 -10.62
N PHE B 326 -18.69 4.71 -11.39
CA PHE B 326 -18.71 4.95 -12.82
C PHE B 326 -19.26 3.74 -13.55
N GLN B 327 -19.91 3.98 -14.68
CA GLN B 327 -20.39 2.90 -15.56
C GLN B 327 -20.36 3.37 -17.01
N PRO B 328 -19.80 2.56 -17.91
CA PRO B 328 -19.94 2.86 -19.34
C PRO B 328 -21.40 2.80 -19.79
N GLY B 329 -22.24 2.13 -19.00
CA GLY B 329 -23.67 2.10 -19.26
C GLY B 329 -24.39 3.41 -18.95
N HIS B 330 -23.68 4.34 -18.30
CA HIS B 330 -24.19 5.71 -18.11
C HIS B 330 -23.96 6.42 -19.43
N ILE B 331 -24.90 6.19 -20.35
CA ILE B 331 -24.80 6.72 -21.70
C ILE B 331 -25.97 7.66 -21.93
N VAL B 332 -25.82 8.60 -22.87
CA VAL B 332 -26.87 9.57 -23.16
C VAL B 332 -27.26 9.54 -24.63
N ARG B 333 -28.45 10.07 -24.91
CA ARG B 333 -28.88 10.24 -26.29
C ARG B 333 -27.78 10.96 -27.09
N GLY B 334 -27.41 10.39 -28.25
CA GLY B 334 -26.37 10.97 -29.08
C GLY B 334 -25.08 10.16 -29.08
N VAL B 335 -25.02 9.15 -28.21
CA VAL B 335 -23.88 8.23 -28.13
C VAL B 335 -24.44 6.80 -28.18
N ASP B 336 -23.72 5.89 -28.82
CA ASP B 336 -24.09 4.48 -28.83
C ASP B 336 -22.84 3.61 -28.79
N PHE B 337 -23.04 2.34 -28.47
CA PHE B 337 -21.95 1.37 -28.35
C PHE B 337 -21.58 0.82 -29.70
N THR B 338 -20.46 0.11 -29.72
CA THR B 338 -20.10 -0.73 -30.85
C THR B 338 -19.92 -2.15 -30.34
N GLU B 339 -19.68 -3.06 -31.28
CA GLU B 339 -19.63 -4.48 -31.05
C GLU B 339 -18.24 -4.97 -30.61
N ASP B 340 -17.39 -4.03 -30.22
CA ASP B 340 -16.12 -4.29 -29.53
C ASP B 340 -16.43 -5.26 -28.35
N PRO B 341 -15.92 -6.53 -28.40
CA PRO B 341 -16.34 -7.52 -27.38
C PRO B 341 -15.84 -7.18 -25.98
N LEU B 342 -14.84 -6.32 -25.90
CA LEU B 342 -14.35 -5.83 -24.61
C LEU B 342 -15.36 -4.84 -24.03
N LEU B 343 -15.74 -3.85 -24.83
CA LEU B 343 -16.78 -2.90 -24.43
C LEU B 343 -18.11 -3.60 -24.11
N GLN B 344 -18.51 -4.52 -24.96
CA GLN B 344 -19.78 -5.23 -24.80
C GLN B 344 -19.90 -5.86 -23.40
N GLY B 345 -18.89 -6.60 -22.98
CA GLY B 345 -18.94 -7.26 -21.68
C GLY B 345 -18.78 -6.30 -20.50
N ARG B 346 -18.02 -5.23 -20.69
CA ARG B 346 -17.88 -4.21 -19.66
C ARG B 346 -19.22 -3.73 -19.15
N LEU B 347 -20.19 -3.57 -20.06
CA LEU B 347 -21.49 -3.00 -19.69
C LEU B 347 -22.17 -3.80 -18.58
N PHE B 348 -22.03 -5.12 -18.62
CA PHE B 348 -22.56 -5.97 -17.58
C PHE B 348 -21.89 -5.73 -16.24
N SER B 349 -20.55 -5.68 -16.26
CA SER B 349 -19.75 -5.70 -15.05
C SER B 349 -19.98 -4.49 -14.14
N TYR B 350 -20.04 -3.30 -14.72
CA TYR B 350 -20.11 -2.08 -13.90
C TYR B 350 -21.46 -1.89 -13.20
N LEU B 351 -22.52 -2.43 -13.76
CA LEU B 351 -23.81 -2.36 -13.07
C LEU B 351 -23.82 -3.34 -11.90
N ASP B 352 -23.29 -4.54 -12.15
CA ASP B 352 -23.26 -5.63 -11.18
C ASP B 352 -22.34 -5.33 -9.99
N THR B 353 -21.14 -4.81 -10.28
CA THR B 353 -20.15 -4.65 -9.23
C THR B 353 -20.56 -3.62 -8.15
N GLN B 354 -21.38 -2.64 -8.52
CA GLN B 354 -21.79 -1.64 -7.52
C GLN B 354 -22.64 -2.28 -6.42
N LEU B 355 -23.30 -3.40 -6.71
CA LEU B 355 -24.03 -4.14 -5.68
C LEU B 355 -23.07 -4.63 -4.60
N ASN B 356 -21.87 -5.01 -5.02
CA ASN B 356 -20.84 -5.43 -4.05
C ASN B 356 -20.38 -4.24 -3.19
N ARG B 357 -20.07 -3.12 -3.86
CA ARG B 357 -19.54 -1.96 -3.16
C ARG B 357 -20.54 -1.30 -2.22
N HIS B 358 -21.76 -1.13 -2.69
CA HIS B 358 -22.77 -0.38 -1.97
C HIS B 358 -23.57 -1.29 -1.02
N GLY B 359 -23.60 -2.58 -1.32
CA GLY B 359 -24.31 -3.56 -0.48
C GLY B 359 -25.80 -3.64 -0.78
N GLY B 360 -26.22 -3.02 -1.88
CA GLY B 360 -27.64 -2.93 -2.21
C GLY B 360 -27.84 -2.20 -3.53
N PRO B 361 -29.10 -2.11 -3.99
CA PRO B 361 -29.38 -1.65 -5.35
C PRO B 361 -29.44 -0.14 -5.57
N ASN B 362 -29.43 0.64 -4.49
CA ASN B 362 -29.75 2.07 -4.60
C ASN B 362 -28.51 2.98 -4.61
N PHE B 363 -27.45 2.48 -5.25
CA PHE B 363 -26.17 3.23 -5.30
C PHE B 363 -26.24 4.52 -6.10
N GLU B 364 -27.15 4.58 -7.08
CA GLU B 364 -27.33 5.82 -7.86
C GLU B 364 -27.92 6.96 -7.02
N GLN B 365 -28.38 6.65 -5.80
CA GLN B 365 -28.94 7.67 -4.91
C GLN B 365 -27.87 8.35 -4.04
N LEU B 366 -26.65 7.85 -4.05
CA LEU B 366 -25.58 8.53 -3.32
C LEU B 366 -25.37 9.91 -3.95
N PRO B 367 -25.16 10.93 -3.12
CA PRO B 367 -25.01 12.30 -3.60
C PRO B 367 -24.07 12.43 -4.81
N ILE B 368 -22.89 11.81 -4.75
CA ILE B 368 -21.92 11.90 -5.85
C ILE B 368 -22.40 11.20 -7.14
N ASN B 369 -23.33 10.25 -7.02
CA ASN B 369 -23.86 9.51 -8.18
C ASN B 369 -25.18 10.04 -8.74
N ARG B 370 -25.83 10.91 -7.98
N ARG B 370 -25.88 10.86 -7.98
CA ARG B 370 -27.09 11.53 -8.41
CA ARG B 370 -27.16 11.40 -8.43
C ARG B 370 -26.92 12.32 -9.71
C ARG B 370 -26.98 12.31 -9.64
N PRO B 371 -27.97 12.33 -10.54
CA PRO B 371 -27.93 13.18 -11.73
C PRO B 371 -28.33 14.62 -11.36
N ARG B 372 -28.12 15.53 -12.29
CA ARG B 372 -28.54 16.91 -12.15
C ARG B 372 -29.73 17.14 -13.07
N ALA B 373 -30.41 16.05 -13.42
CA ALA B 373 -31.59 16.05 -14.28
C ALA B 373 -32.66 15.32 -13.50
N PRO B 374 -33.95 15.50 -13.90
CA PRO B 374 -35.07 14.85 -13.21
C PRO B 374 -35.00 13.33 -13.28
N ILE B 375 -35.49 12.67 -12.24
CA ILE B 375 -35.66 11.20 -12.21
C ILE B 375 -37.15 10.90 -12.08
N HIS B 376 -37.68 10.14 -13.04
CA HIS B 376 -39.09 9.75 -13.05
C HIS B 376 -39.21 8.35 -13.61
N ASN B 377 -39.40 7.37 -12.74
CA ASN B 377 -39.57 6.01 -13.26
C ASN B 377 -40.34 5.13 -12.29
N ASN B 378 -40.53 3.87 -12.70
CA ASN B 378 -41.33 2.95 -11.92
C ASN B 378 -40.46 1.97 -11.15
N ASN B 379 -39.18 2.27 -11.02
CA ASN B 379 -38.29 1.47 -10.17
C ASN B 379 -38.69 1.74 -8.72
N ARG B 380 -38.66 0.71 -7.89
CA ARG B 380 -39.15 0.84 -6.51
C ARG B 380 -38.29 0.10 -5.50
N ASP B 381 -38.38 0.57 -4.26
CA ASP B 381 -37.91 -0.14 -3.07
C ASP B 381 -36.40 -0.42 -3.10
N GLY B 382 -36.00 -1.57 -2.55
CA GLY B 382 -34.60 -1.91 -2.37
C GLY B 382 -34.08 -1.34 -1.06
N ALA B 383 -33.15 -2.04 -0.42
CA ALA B 383 -32.45 -1.51 0.75
C ALA B 383 -31.92 -0.11 0.43
N GLY B 384 -31.96 0.76 1.43
CA GLY B 384 -31.38 2.12 1.29
C GLY B 384 -32.16 3.02 0.34
N GLN B 385 -33.47 2.85 0.31
CA GLN B 385 -34.34 3.70 -0.49
C GLN B 385 -34.45 5.07 0.17
N MET B 386 -33.84 6.07 -0.47
CA MET B 386 -33.75 7.43 0.10
C MET B 386 -34.81 8.39 -0.45
N PHE B 387 -35.64 7.90 -1.37
CA PHE B 387 -36.72 8.70 -1.91
C PHE B 387 -38.05 8.16 -1.42
N ILE B 388 -39.08 8.99 -1.54
CA ILE B 388 -40.46 8.59 -1.26
C ILE B 388 -41.27 8.84 -2.54
N PRO B 389 -41.46 7.78 -3.35
CA PRO B 389 -42.23 7.89 -4.59
C PRO B 389 -43.71 8.14 -4.27
N LEU B 390 -44.27 9.20 -4.84
CA LEU B 390 -45.66 9.54 -4.59
C LEU B 390 -46.65 8.71 -5.41
N ASP B 391 -46.19 8.16 -6.54
CA ASP B 391 -47.07 7.38 -7.40
C ASP B 391 -47.19 5.93 -6.87
N PRO B 392 -48.38 5.53 -6.38
CA PRO B 392 -48.54 4.17 -5.83
C PRO B 392 -48.79 3.12 -6.90
N ASN B 393 -48.89 3.55 -8.16
CA ASN B 393 -49.21 2.69 -9.29
C ASN B 393 -48.02 2.62 -10.23
N ALA B 394 -46.99 1.87 -9.83
CA ALA B 394 -45.67 1.94 -10.49
C ALA B 394 -45.56 0.92 -11.62
N TYR B 395 -46.37 1.11 -12.66
CA TYR B 395 -46.31 0.22 -13.82
C TYR B 395 -46.76 0.95 -15.07
N SER B 396 -46.32 0.44 -16.23
CA SER B 396 -46.76 0.85 -17.57
C SER B 396 -47.25 -0.41 -18.29
N PRO B 397 -48.29 -0.29 -19.12
CA PRO B 397 -49.09 0.92 -19.29
C PRO B 397 -50.08 1.04 -18.16
N ASN B 398 -50.44 2.26 -17.80
CA ASN B 398 -51.44 2.46 -16.76
C ASN B 398 -52.46 3.50 -17.15
N THR B 399 -53.63 3.39 -16.55
CA THR B 399 -54.58 4.50 -16.54
C THR B 399 -54.65 5.14 -15.15
N GLU B 400 -54.29 4.36 -14.12
CA GLU B 400 -54.38 4.82 -12.74
C GLU B 400 -53.51 6.02 -12.43
N ASN B 401 -52.42 6.20 -13.17
CA ASN B 401 -51.57 7.40 -13.06
C ASN B 401 -51.60 8.20 -14.37
N LYS B 402 -52.70 8.06 -15.10
CA LYS B 402 -52.94 8.82 -16.33
C LYS B 402 -51.86 8.62 -17.40
N GLY B 403 -51.23 7.45 -17.39
CA GLY B 403 -50.28 7.07 -18.43
C GLY B 403 -48.86 7.57 -18.19
N SER B 404 -48.62 8.12 -17.00
CA SER B 404 -47.30 8.64 -16.63
C SER B 404 -46.61 7.69 -15.64
N PRO B 405 -45.26 7.61 -15.66
CA PRO B 405 -44.33 8.24 -16.60
C PRO B 405 -44.52 7.77 -18.04
N LYS B 406 -44.29 8.68 -18.97
CA LYS B 406 -44.54 8.46 -20.39
C LYS B 406 -43.30 7.95 -21.09
N GLN B 407 -43.47 7.03 -22.03
CA GLN B 407 -42.33 6.50 -22.78
C GLN B 407 -41.62 7.58 -23.59
N ALA B 408 -40.28 7.57 -23.55
CA ALA B 408 -39.47 8.49 -24.34
C ALA B 408 -38.63 7.70 -25.35
N ASN B 409 -38.57 8.18 -26.58
CA ASN B 409 -37.84 7.43 -27.60
C ASN B 409 -37.17 8.38 -28.59
N GLU B 410 -36.85 7.88 -29.80
CA GLU B 410 -36.12 8.71 -30.73
C GLU B 410 -36.89 9.98 -31.05
N THR B 411 -38.21 9.88 -31.18
CA THR B 411 -39.01 10.98 -31.70
C THR B 411 -39.79 11.79 -30.66
N VAL B 412 -39.99 11.23 -29.46
N VAL B 412 -40.03 11.21 -29.48
CA VAL B 412 -40.70 11.96 -28.42
CA VAL B 412 -40.68 11.93 -28.39
C VAL B 412 -40.02 11.83 -27.05
C VAL B 412 -39.87 11.85 -27.09
N GLY B 413 -39.86 12.97 -26.36
CA GLY B 413 -39.28 13.02 -25.03
C GLY B 413 -37.77 12.88 -24.94
N LYS B 414 -37.09 12.97 -26.08
CA LYS B 414 -35.62 12.93 -26.14
C LYS B 414 -35.04 11.64 -25.54
N GLY B 415 -35.69 10.52 -25.84
CA GLY B 415 -35.28 9.22 -25.34
C GLY B 415 -33.95 8.79 -25.93
N PHE B 416 -33.26 7.93 -25.19
CA PHE B 416 -32.14 7.21 -25.76
C PHE B 416 -32.64 6.34 -26.91
N PHE B 417 -31.80 6.16 -27.92
CA PHE B 417 -32.08 5.17 -28.94
C PHE B 417 -30.80 4.56 -29.48
N THR B 418 -30.86 3.26 -29.75
CA THR B 418 -29.77 2.53 -30.39
C THR B 418 -29.70 3.01 -31.84
N ALA B 419 -28.49 3.17 -32.36
CA ALA B 419 -28.32 3.63 -33.75
C ALA B 419 -29.14 2.72 -34.66
N PRO B 420 -30.12 3.29 -35.39
CA PRO B 420 -31.15 2.52 -36.10
C PRO B 420 -30.68 1.59 -37.24
N GLU B 421 -29.50 1.80 -37.78
CA GLU B 421 -29.02 0.97 -38.90
C GLU B 421 -28.11 -0.18 -38.46
N ARG B 422 -27.86 -0.31 -37.16
CA ARG B 422 -27.06 -1.41 -36.64
C ARG B 422 -27.79 -2.72 -36.91
N THR B 423 -27.06 -3.72 -37.38
CA THR B 423 -27.65 -5.00 -37.76
C THR B 423 -26.83 -6.13 -37.17
N ALA B 424 -27.45 -7.30 -37.08
CA ALA B 424 -26.78 -8.52 -36.69
C ALA B 424 -26.89 -9.49 -37.86
N SER B 425 -25.87 -10.32 -38.02
CA SER B 425 -25.85 -11.26 -39.12
C SER B 425 -24.89 -12.38 -38.81
N GLY B 426 -25.36 -13.61 -38.88
CA GLY B 426 -24.48 -14.76 -38.78
C GLY B 426 -24.87 -15.72 -37.68
N LYS B 427 -24.07 -16.76 -37.53
CA LYS B 427 -24.37 -17.79 -36.56
C LYS B 427 -23.97 -17.33 -35.15
N LEU B 428 -24.75 -17.72 -34.15
CA LEU B 428 -24.35 -17.53 -32.77
C LEU B 428 -23.10 -18.36 -32.54
N GLN B 429 -22.08 -17.76 -31.95
CA GLN B 429 -20.80 -18.42 -31.84
C GLN B 429 -19.93 -17.89 -30.70
N ARG B 430 -19.06 -18.76 -30.20
CA ARG B 430 -18.03 -18.38 -29.25
C ARG B 430 -16.70 -18.53 -29.96
N THR B 431 -16.28 -17.47 -30.62
CA THR B 431 -15.08 -17.52 -31.46
C THR B 431 -14.26 -16.25 -31.32
N LEU B 432 -12.98 -16.34 -31.71
CA LEU B 432 -12.17 -15.15 -31.89
C LEU B 432 -12.28 -14.68 -33.34
N SER B 433 -12.70 -13.43 -33.55
CA SER B 433 -12.80 -12.91 -34.90
C SER B 433 -11.47 -13.02 -35.62
N THR B 434 -11.54 -13.46 -36.87
CA THR B 434 -10.34 -13.62 -37.69
C THR B 434 -9.67 -12.28 -37.95
N THR B 435 -10.42 -11.20 -37.81
CA THR B 435 -9.92 -9.82 -38.00
C THR B 435 -9.04 -9.29 -36.85
N PHE B 436 -8.97 -10.05 -35.75
CA PHE B 436 -8.28 -9.64 -34.52
C PHE B 436 -6.88 -10.26 -34.38
N GLU B 437 -6.44 -11.02 -35.39
CA GLU B 437 -5.32 -11.94 -35.20
C GLU B 437 -3.90 -11.35 -35.26
N ASN B 438 -3.74 -10.13 -35.77
CA ASN B 438 -2.42 -9.52 -35.79
C ASN B 438 -2.09 -8.83 -34.46
N ASN B 439 -1.32 -9.54 -33.63
CA ASN B 439 -0.97 -9.03 -32.29
C ASN B 439 0.36 -8.30 -32.24
N TRP B 440 1.05 -8.20 -33.39
CA TRP B 440 2.46 -7.81 -33.39
C TRP B 440 2.83 -6.56 -34.17
N SER B 441 2.10 -6.26 -35.23
CA SER B 441 2.45 -5.09 -36.09
C SER B 441 2.38 -3.76 -35.36
N GLN B 442 1.32 -3.56 -34.57
CA GLN B 442 1.20 -2.31 -33.83
C GLN B 442 2.17 -2.17 -32.66
N PRO B 443 2.41 -3.23 -31.86
CA PRO B 443 3.55 -3.10 -30.95
C PRO B 443 4.85 -2.63 -31.64
N ARG B 444 5.12 -3.15 -32.85
CA ARG B 444 6.31 -2.73 -33.59
C ARG B 444 6.24 -1.26 -34.01
N LEU B 445 5.04 -0.82 -34.41
CA LEU B 445 4.79 0.59 -34.70
C LEU B 445 5.15 1.49 -33.51
N PHE B 446 4.68 1.09 -32.32
CA PHE B 446 4.94 1.85 -31.10
C PHE B 446 6.45 1.88 -30.83
N TRP B 447 7.07 0.71 -30.87
CA TRP B 447 8.51 0.55 -30.65
C TRP B 447 9.34 1.43 -31.59
N ASN B 448 9.02 1.40 -32.89
CA ASN B 448 9.70 2.25 -33.88
C ASN B 448 9.62 3.75 -33.61
N SER B 449 8.56 4.17 -32.92
CA SER B 449 8.22 5.57 -32.77
C SER B 449 8.84 6.25 -31.55
N LEU B 450 9.55 5.50 -30.72
CA LEU B 450 10.12 6.03 -29.50
C LEU B 450 11.52 6.58 -29.69
N VAL B 451 11.91 7.57 -28.87
CA VAL B 451 13.31 8.00 -28.83
C VAL B 451 14.16 6.88 -28.24
N ASN B 452 15.46 6.89 -28.54
CA ASN B 452 16.34 5.80 -28.13
C ASN B 452 16.34 5.51 -26.64
N ALA B 453 16.29 6.57 -25.83
CA ALA B 453 16.26 6.42 -24.37
C ALA B 453 15.01 5.68 -23.91
N GLN B 454 13.87 5.95 -24.55
CA GLN B 454 12.62 5.30 -24.12
C GLN B 454 12.57 3.82 -24.57
N LYS B 455 13.17 3.52 -25.72
CA LYS B 455 13.37 2.14 -26.12
C LYS B 455 14.18 1.41 -25.06
N GLU B 456 15.23 2.07 -24.57
CA GLU B 456 16.07 1.49 -23.52
C GLU B 456 15.29 1.30 -22.21
N PHE B 457 14.46 2.29 -21.86
CA PHE B 457 13.64 2.17 -20.65
C PHE B 457 12.71 0.97 -20.70
N ILE B 458 12.16 0.69 -21.88
CA ILE B 458 11.31 -0.51 -22.08
C ILE B 458 12.14 -1.77 -21.87
N VAL B 459 13.29 -1.83 -22.53
CA VAL B 459 14.23 -2.93 -22.37
C VAL B 459 14.60 -3.13 -20.89
N ASP B 460 14.94 -2.03 -20.22
CA ASP B 460 15.34 -2.10 -18.81
C ASP B 460 14.20 -2.54 -17.92
N ALA B 461 12.97 -2.12 -18.25
CA ALA B 461 11.81 -2.53 -17.47
C ALA B 461 11.55 -4.03 -17.64
N MET B 462 11.63 -4.51 -18.88
CA MET B 462 11.41 -5.93 -19.14
C MET B 462 12.51 -6.80 -18.56
N ARG B 463 13.76 -6.30 -18.59
CA ARG B 463 14.88 -7.00 -17.95
C ARG B 463 14.65 -7.11 -16.45
N PHE B 464 14.25 -6.01 -15.82
CA PHE B 464 13.94 -6.01 -14.40
C PHE B 464 12.82 -7.01 -14.09
N GLU B 465 11.72 -6.91 -14.82
CA GLU B 465 10.52 -7.70 -14.53
C GLU B 465 10.75 -9.18 -14.76
N THR B 466 11.33 -9.54 -15.90
CA THR B 466 11.49 -10.95 -16.24
C THR B 466 12.64 -11.61 -15.50
N SER B 467 13.55 -10.83 -14.92
CA SER B 467 14.57 -11.43 -14.04
C SER B 467 13.93 -11.94 -12.74
N ASN B 468 12.72 -11.44 -12.43
CA ASN B 468 11.95 -11.88 -11.27
C ASN B 468 11.01 -13.04 -11.58
N VAL B 469 11.07 -13.53 -12.82
CA VAL B 469 10.25 -14.65 -13.26
C VAL B 469 11.10 -15.89 -13.12
N SER B 470 10.66 -16.80 -12.25
CA SER B 470 11.42 -18.03 -11.95
C SER B 470 11.34 -19.07 -13.06
N SER B 471 10.18 -19.19 -13.69
CA SER B 471 9.98 -20.24 -14.69
C SER B 471 10.79 -19.99 -15.97
N SER B 472 11.62 -20.97 -16.33
N SER B 472 11.63 -20.96 -16.34
CA SER B 472 12.37 -20.92 -17.58
CA SER B 472 12.37 -20.86 -17.60
C SER B 472 11.42 -20.98 -18.77
C SER B 472 11.42 -20.97 -18.79
N VAL B 473 10.34 -21.72 -18.62
CA VAL B 473 9.31 -21.85 -19.66
C VAL B 473 8.71 -20.48 -19.97
N VAL B 474 8.30 -19.76 -18.94
CA VAL B 474 7.74 -18.42 -19.12
C VAL B 474 8.77 -17.48 -19.74
N ARG B 475 10.00 -17.47 -19.21
CA ARG B 475 11.05 -16.59 -19.74
C ARG B 475 11.28 -16.82 -21.23
N ASP B 476 11.34 -18.09 -21.62
CA ASP B 476 11.51 -18.41 -23.03
C ASP B 476 10.33 -18.02 -23.90
N ASP B 477 9.11 -18.28 -23.42
CA ASP B 477 7.89 -17.89 -24.16
C ASP B 477 7.81 -16.37 -24.37
N VAL B 478 8.29 -15.62 -23.38
CA VAL B 478 8.30 -14.16 -23.47
C VAL B 478 9.22 -13.68 -24.59
N ILE B 479 10.43 -14.24 -24.63
CA ILE B 479 11.40 -13.86 -25.65
C ILE B 479 10.92 -14.22 -27.06
N ILE B 480 10.30 -15.38 -27.22
CA ILE B 480 9.71 -15.78 -28.50
C ILE B 480 8.67 -14.76 -28.98
N GLN B 481 7.77 -14.34 -28.09
CA GLN B 481 6.78 -13.32 -28.44
C GLN B 481 7.39 -11.96 -28.74
N LEU B 482 8.36 -11.51 -27.93
CA LEU B 482 9.00 -10.22 -28.17
C LEU B 482 9.73 -10.23 -29.52
N ASN B 483 10.28 -11.38 -29.87
CA ASN B 483 11.03 -11.51 -31.12
C ASN B 483 10.15 -11.26 -32.36
N ARG B 484 8.86 -11.54 -32.24
CA ARG B 484 7.92 -11.32 -33.35
C ARG B 484 7.59 -9.84 -33.51
N ILE B 485 7.88 -9.05 -32.47
CA ILE B 485 7.78 -7.59 -32.56
C ILE B 485 9.06 -7.04 -33.16
N SER B 486 10.19 -7.44 -32.58
CA SER B 486 11.48 -6.88 -32.95
C SER B 486 12.59 -7.78 -32.43
N ASP B 487 13.49 -8.15 -33.31
CA ASP B 487 14.59 -9.01 -32.92
C ASP B 487 15.55 -8.27 -31.99
N ASN B 488 15.66 -6.95 -32.19
CA ASN B 488 16.50 -6.10 -31.36
C ASN B 488 15.97 -6.08 -29.92
N LEU B 489 14.67 -5.81 -29.78
CA LEU B 489 14.02 -5.84 -28.47
C LEU B 489 14.25 -7.17 -27.76
N ALA B 490 13.93 -8.27 -28.44
CA ALA B 490 14.04 -9.60 -27.86
C ALA B 490 15.46 -9.94 -27.44
N THR B 491 16.43 -9.60 -28.30
CA THR B 491 17.85 -9.90 -28.03
C THR B 491 18.36 -9.12 -26.82
N ARG B 492 17.98 -7.85 -26.72
CA ARG B 492 18.43 -6.98 -25.63
C ARG B 492 17.84 -7.41 -24.29
N VAL B 493 16.61 -7.90 -24.31
CA VAL B 493 16.00 -8.40 -23.07
C VAL B 493 16.60 -9.76 -22.71
N ALA B 494 16.73 -10.65 -23.69
CA ALA B 494 17.21 -12.01 -23.47
C ALA B 494 18.58 -12.06 -22.78
N SER B 495 19.44 -11.10 -23.11
CA SER B 495 20.81 -11.14 -22.60
C SER B 495 20.92 -10.95 -21.07
N ALA B 496 19.93 -10.29 -20.48
CA ALA B 496 19.93 -10.12 -19.03
C ALA B 496 19.36 -11.32 -18.28
N ILE B 497 18.56 -12.13 -18.95
CA ILE B 497 17.73 -13.10 -18.25
C ILE B 497 18.05 -14.57 -18.52
N GLY B 498 19.19 -14.83 -19.15
CA GLY B 498 19.67 -16.20 -19.34
C GLY B 498 18.93 -16.97 -20.42
N VAL B 499 18.42 -16.26 -21.41
CA VAL B 499 17.76 -16.88 -22.55
C VAL B 499 18.61 -16.66 -23.79
N GLU B 500 18.78 -17.71 -24.59
CA GLU B 500 19.53 -17.63 -25.84
C GLU B 500 18.89 -16.61 -26.77
N ALA B 501 19.73 -15.81 -27.42
CA ALA B 501 19.27 -14.80 -28.39
C ALA B 501 18.55 -15.46 -29.56
N PRO B 502 17.32 -15.02 -29.88
CA PRO B 502 16.56 -15.65 -30.96
C PRO B 502 17.01 -15.17 -32.34
N LYS B 503 16.75 -15.98 -33.36
CA LYS B 503 16.96 -15.56 -34.74
C LYS B 503 15.73 -14.76 -35.18
N PRO B 504 15.90 -13.78 -36.08
CA PRO B 504 14.78 -12.96 -36.52
C PRO B 504 13.60 -13.76 -37.06
N ASN B 505 12.39 -13.34 -36.71
CA ASN B 505 11.17 -13.84 -37.33
C ASN B 505 10.45 -12.64 -37.88
N SER B 506 10.59 -12.42 -39.19
CA SER B 506 10.28 -11.12 -39.77
C SER B 506 8.85 -10.91 -40.26
N SER B 507 7.95 -11.85 -39.97
CA SER B 507 6.56 -11.78 -40.46
C SER B 507 5.88 -10.43 -40.24
N PHE B 508 6.09 -9.83 -39.07
CA PHE B 508 5.42 -8.58 -38.71
C PHE B 508 6.36 -7.38 -38.59
N TYR B 509 7.63 -7.55 -38.96
CA TYR B 509 8.58 -6.43 -38.91
C TYR B 509 8.23 -5.37 -39.94
N HIS B 510 8.40 -4.10 -39.55
CA HIS B 510 8.19 -2.97 -40.45
C HIS B 510 8.86 -1.74 -39.84
N ASP B 511 8.94 -0.68 -40.63
CA ASP B 511 9.65 0.53 -40.25
C ASP B 511 8.73 1.73 -40.05
N ASN B 512 7.42 1.49 -40.04
CA ASN B 512 6.46 2.58 -39.89
C ASN B 512 6.51 3.21 -38.50
N THR B 513 6.19 4.50 -38.43
CA THR B 513 6.18 5.24 -37.18
C THR B 513 4.91 6.07 -37.07
N THR B 514 4.63 6.54 -35.86
CA THR B 514 3.59 7.54 -35.62
C THR B 514 4.22 8.54 -34.64
N ALA B 515 3.85 9.81 -34.76
CA ALA B 515 4.58 10.87 -34.07
C ALA B 515 4.20 11.04 -32.60
N HIS B 516 5.21 11.37 -31.79
CA HIS B 516 5.03 11.79 -30.39
C HIS B 516 4.21 10.82 -29.54
N ILE B 517 4.42 9.52 -29.73
CA ILE B 517 3.60 8.52 -29.05
C ILE B 517 4.19 8.15 -27.69
N GLY B 518 5.49 8.39 -27.51
CA GLY B 518 6.18 8.07 -26.27
C GLY B 518 5.90 9.07 -25.15
N ALA B 519 6.34 8.73 -23.95
CA ALA B 519 6.22 9.64 -22.82
C ALA B 519 7.37 10.64 -22.79
N PHE B 520 8.47 10.30 -23.46
CA PHE B 520 9.68 11.13 -23.48
C PHE B 520 9.95 11.75 -24.85
N GLY B 521 10.61 12.91 -24.85
CA GLY B 521 11.06 13.53 -26.08
C GLY B 521 10.47 14.89 -26.41
N GLU B 522 9.47 15.31 -25.66
CA GLU B 522 8.87 16.63 -25.87
C GLU B 522 9.00 17.46 -24.61
N LYS B 523 9.19 18.77 -24.79
CA LYS B 523 9.24 19.68 -23.64
C LYS B 523 7.87 19.85 -23.01
N LEU B 524 7.83 20.18 -21.72
CA LEU B 524 6.57 20.46 -21.03
C LEU B 524 5.94 21.76 -21.53
N ALA B 525 4.60 21.78 -21.60
CA ALA B 525 3.87 22.98 -22.03
C ALA B 525 3.72 23.97 -20.88
N LYS B 526 3.48 23.46 -19.67
CA LYS B 526 3.35 24.29 -18.47
C LYS B 526 4.22 23.73 -17.36
N LEU B 527 4.72 24.62 -16.50
CA LEU B 527 5.57 24.21 -15.36
C LEU B 527 4.81 24.28 -14.04
N ASP B 528 3.51 24.55 -14.11
CA ASP B 528 2.66 24.64 -12.92
C ASP B 528 2.88 23.48 -11.98
N GLY B 529 3.12 23.78 -10.72
CA GLY B 529 3.18 22.74 -9.68
C GLY B 529 4.47 21.95 -9.59
N LEU B 530 5.43 22.25 -10.46
CA LEU B 530 6.76 21.66 -10.35
C LEU B 530 7.49 22.32 -9.19
N LYS B 531 8.44 21.59 -8.60
CA LYS B 531 9.06 22.02 -7.36
C LYS B 531 10.56 22.09 -7.48
N VAL B 532 11.14 23.16 -6.95
CA VAL B 532 12.58 23.30 -6.85
C VAL B 532 12.97 23.17 -5.40
N GLY B 533 13.82 22.20 -5.09
CA GLY B 533 14.32 22.05 -3.73
C GLY B 533 15.60 22.85 -3.62
N LEU B 534 15.60 23.85 -2.75
CA LEU B 534 16.80 24.64 -2.49
C LEU B 534 17.45 24.11 -1.22
N LEU B 535 18.63 23.54 -1.37
CA LEU B 535 19.33 22.94 -0.25
C LEU B 535 20.16 24.01 0.42
N ALA B 536 19.78 24.35 1.64
CA ALA B 536 20.36 25.50 2.37
C ALA B 536 20.95 25.06 3.70
N SER B 537 21.42 26.02 4.50
CA SER B 537 21.94 25.72 5.83
C SER B 537 21.55 26.83 6.79
N VAL B 538 21.03 26.45 7.96
CA VAL B 538 20.67 27.41 9.02
C VAL B 538 21.91 28.14 9.57
N ASN B 539 23.08 27.54 9.42
CA ASN B 539 24.35 28.14 9.85
C ASN B 539 24.82 29.29 8.94
N LYS B 540 24.23 29.37 7.74
CA LYS B 540 24.51 30.45 6.82
C LYS B 540 23.19 31.06 6.33
N PRO B 541 22.59 31.96 7.14
CA PRO B 541 21.28 32.57 6.89
C PRO B 541 21.07 33.11 5.49
N ALA B 542 22.14 33.57 4.84
CA ALA B 542 22.06 34.09 3.49
C ALA B 542 21.68 33.01 2.47
N SER B 543 22.01 31.76 2.78
CA SER B 543 21.65 30.61 1.95
C SER B 543 20.13 30.46 1.92
N ILE B 544 19.52 30.55 3.10
CA ILE B 544 18.07 30.44 3.25
C ILE B 544 17.35 31.57 2.52
N ALA B 545 17.91 32.78 2.58
CA ALA B 545 17.33 33.96 1.94
C ALA B 545 17.30 33.87 0.42
N GLN B 546 18.16 33.05 -0.17
CA GLN B 546 18.15 32.81 -1.62
C GLN B 546 16.86 32.13 -2.09
N GLY B 547 16.18 31.43 -1.18
CA GLY B 547 14.87 30.82 -1.47
C GLY B 547 13.84 31.82 -1.92
N ALA B 548 13.69 32.91 -1.17
CA ALA B 548 12.69 33.93 -1.45
C ALA B 548 13.00 34.62 -2.77
N LYS B 549 14.29 34.82 -3.03
CA LYS B 549 14.76 35.48 -4.24
C LYS B 549 14.51 34.62 -5.47
N LEU B 550 14.82 33.33 -5.36
CA LEU B 550 14.53 32.40 -6.44
C LEU B 550 13.02 32.25 -6.64
N GLN B 551 12.27 32.23 -5.54
CA GLN B 551 10.81 32.11 -5.63
C GLN B 551 10.16 33.27 -6.40
N VAL B 552 10.59 34.50 -6.13
CA VAL B 552 10.00 35.68 -6.82
C VAL B 552 10.20 35.62 -8.33
N ALA B 553 11.33 35.03 -8.75
CA ALA B 553 11.65 34.89 -10.15
C ALA B 553 10.91 33.73 -10.83
N LEU B 554 10.44 32.76 -10.05
CA LEU B 554 9.77 31.56 -10.59
C LEU B 554 8.26 31.53 -10.38
N SER B 555 7.74 32.47 -9.59
CA SER B 555 6.32 32.56 -9.26
C SER B 555 5.41 32.58 -10.47
N SER B 556 5.81 33.33 -11.50
CA SER B 556 4.97 33.59 -12.66
C SER B 556 4.75 32.35 -13.53
N VAL B 557 5.60 31.34 -13.38
CA VAL B 557 5.44 30.09 -14.11
C VAL B 557 4.88 28.92 -13.26
N GLY B 558 4.44 29.26 -12.04
CA GLY B 558 3.73 28.33 -11.15
C GLY B 558 4.63 27.30 -10.48
N VAL B 559 5.92 27.63 -10.37
CA VAL B 559 6.91 26.75 -9.76
C VAL B 559 7.12 27.15 -8.30
N ASP B 560 7.15 26.16 -7.42
CA ASP B 560 7.37 26.41 -6.00
C ASP B 560 8.82 26.14 -5.65
N VAL B 561 9.40 27.00 -4.83
CA VAL B 561 10.72 26.77 -4.28
C VAL B 561 10.55 26.30 -2.84
N VAL B 562 11.20 25.18 -2.51
CA VAL B 562 11.09 24.58 -1.19
C VAL B 562 12.44 24.67 -0.53
N VAL B 563 12.50 25.38 0.58
CA VAL B 563 13.75 25.58 1.29
C VAL B 563 13.98 24.44 2.26
N VAL B 564 15.08 23.71 2.04
CA VAL B 564 15.44 22.57 2.88
C VAL B 564 16.64 22.97 3.76
N ALA B 565 16.56 22.70 5.06
CA ALA B 565 17.69 22.95 5.95
C ALA B 565 17.74 21.91 7.07
N GLU B 566 18.73 22.04 7.96
CA GLU B 566 18.96 21.04 8.99
C GLU B 566 17.84 20.99 10.02
N ARG B 567 17.22 22.14 10.27
CA ARG B 567 16.16 22.23 11.26
C ARG B 567 15.17 23.30 10.85
N MET B 568 13.98 23.24 11.43
CA MET B 568 12.94 24.20 11.13
C MET B 568 13.34 25.53 11.75
N ALA B 569 13.54 26.52 10.90
CA ALA B 569 13.86 27.87 11.31
C ALA B 569 12.98 28.75 10.45
N ASN B 570 13.04 30.05 10.67
CA ASN B 570 12.33 30.99 9.81
C ASN B 570 12.67 30.75 8.35
N ASN B 571 11.63 30.71 7.54
CA ASN B 571 11.73 30.54 6.08
C ASN B 571 12.22 29.18 5.60
N VAL B 572 12.34 28.22 6.52
CA VAL B 572 12.66 26.82 6.18
C VAL B 572 11.35 26.05 5.97
N ASP B 573 11.25 25.32 4.86
CA ASP B 573 10.03 24.58 4.57
C ASP B 573 10.06 23.14 5.08
N GLU B 574 11.20 22.49 4.94
CA GLU B 574 11.37 21.15 5.48
C GLU B 574 12.81 20.86 5.87
N THR B 575 12.99 19.79 6.62
CA THR B 575 14.31 19.42 7.11
C THR B 575 14.95 18.41 6.16
N TYR B 576 16.27 18.29 6.21
CA TYR B 576 16.98 17.25 5.45
C TYR B 576 16.48 15.87 5.82
N SER B 577 16.12 15.68 7.09
CA SER B 577 15.66 14.37 7.55
C SER B 577 14.39 13.95 6.82
N ALA B 578 13.52 14.93 6.60
CA ALA B 578 12.22 14.67 5.96
C ALA B 578 12.24 14.83 4.45
N SER B 579 13.42 15.02 3.87
CA SER B 579 13.55 15.32 2.44
C SER B 579 14.18 14.19 1.64
N ASP B 580 13.91 14.20 0.35
CA ASP B 580 14.46 13.24 -0.59
C ASP B 580 14.43 13.87 -1.98
N ALA B 581 15.36 13.46 -2.84
CA ALA B 581 15.39 13.92 -4.21
C ALA B 581 14.03 13.75 -4.91
N VAL B 582 13.28 12.70 -4.57
CA VAL B 582 12.03 12.42 -5.30
C VAL B 582 10.93 13.47 -5.07
N GLN B 583 11.10 14.31 -4.06
CA GLN B 583 10.14 15.36 -3.78
C GLN B 583 10.26 16.55 -4.72
N PHE B 584 11.36 16.61 -5.48
CA PHE B 584 11.71 17.83 -6.24
C PHE B 584 11.92 17.52 -7.70
N ASP B 585 11.53 18.46 -8.55
CA ASP B 585 11.75 18.33 -9.98
C ASP B 585 13.10 18.90 -10.37
N ALA B 586 13.63 19.76 -9.50
CA ALA B 586 14.99 20.30 -9.65
C ALA B 586 15.59 20.47 -8.28
N VAL B 587 16.92 20.31 -8.18
CA VAL B 587 17.61 20.50 -6.90
C VAL B 587 18.68 21.57 -7.08
N VAL B 588 18.70 22.55 -6.17
CA VAL B 588 19.68 23.64 -6.22
C VAL B 588 20.41 23.71 -4.89
N VAL B 589 21.75 23.71 -4.94
CA VAL B 589 22.55 23.93 -3.74
C VAL B 589 22.74 25.44 -3.55
N ALA B 590 22.29 25.96 -2.41
CA ALA B 590 22.39 27.40 -2.11
C ALA B 590 23.82 27.80 -1.75
N ASP B 591 24.13 29.07 -1.95
CA ASP B 591 25.44 29.60 -1.64
C ASP B 591 25.64 29.59 -0.14
N GLY B 592 26.61 28.82 0.33
CA GLY B 592 26.90 28.73 1.77
C GLY B 592 26.50 27.41 2.39
N ALA B 593 25.81 26.57 1.61
CA ALA B 593 25.39 25.25 2.09
C ALA B 593 26.41 24.17 1.76
N GLU B 594 27.41 24.51 0.95
CA GLU B 594 28.39 23.54 0.43
C GLU B 594 29.11 22.69 1.47
N GLY B 595 29.24 23.19 2.70
CA GLY B 595 29.90 22.45 3.78
C GLY B 595 29.17 21.18 4.21
N LEU B 596 27.90 21.08 3.85
CA LEU B 596 27.09 19.92 4.22
C LEU B 596 27.30 18.73 3.28
N PHE B 597 28.04 18.98 2.20
CA PHE B 597 28.13 18.04 1.09
C PHE B 597 29.50 17.38 0.97
N GLY B 598 30.16 17.13 2.10
CA GLY B 598 31.48 16.48 2.10
C GLY B 598 31.46 15.11 1.47
N ALA B 599 32.46 14.82 0.64
CA ALA B 599 32.53 13.54 -0.09
C ALA B 599 32.70 12.34 0.84
N ASP B 600 33.16 12.57 2.06
CA ASP B 600 33.29 11.49 3.03
C ASP B 600 32.08 11.36 3.96
N SER B 601 31.03 12.16 3.73
CA SER B 601 29.88 12.23 4.66
C SER B 601 29.10 10.92 4.82
N PHE B 602 29.15 10.05 3.81
CA PHE B 602 28.43 8.76 3.87
C PHE B 602 28.97 7.80 4.94
N THR B 603 30.29 7.82 5.16
CA THR B 603 30.96 6.74 5.90
C THR B 603 31.78 7.18 7.10
N VAL B 604 32.00 8.48 7.25
N VAL B 604 32.01 8.49 7.25
CA VAL B 604 32.74 9.06 8.38
CA VAL B 604 32.83 9.01 8.35
C VAL B 604 32.18 8.56 9.72
C VAL B 604 32.22 8.66 9.72
N GLU B 605 33.07 8.16 10.62
CA GLU B 605 32.65 7.79 11.97
C GLU B 605 32.23 9.03 12.72
N PRO B 606 31.00 9.01 13.29
CA PRO B 606 30.47 10.18 13.99
C PRO B 606 31.15 10.39 15.36
N SER B 607 32.45 10.63 15.34
CA SER B 607 33.19 10.97 16.56
C SER B 607 32.83 12.40 17.00
N ALA B 608 33.14 12.72 18.27
CA ALA B 608 32.84 14.06 18.82
C ALA B 608 33.49 15.17 18.00
N GLY B 609 34.73 14.93 17.56
CA GLY B 609 35.50 15.91 16.79
C GLY B 609 35.28 15.82 15.29
N SER B 610 34.40 14.92 14.86
CA SER B 610 33.95 14.90 13.47
C SER B 610 32.86 15.96 13.33
N GLY B 611 32.22 16.26 14.46
CA GLY B 611 31.07 17.16 14.54
C GLY B 611 29.95 16.81 13.53
N ALA B 612 29.72 15.52 13.36
CA ALA B 612 28.60 15.01 12.56
C ALA B 612 27.27 15.42 13.19
N SER B 613 26.28 15.69 12.35
CA SER B 613 24.98 16.14 12.85
C SER B 613 24.10 14.94 13.20
N THR B 614 23.29 15.08 14.25
CA THR B 614 22.25 14.09 14.52
C THR B 614 20.94 14.51 13.86
N LEU B 615 20.93 15.67 13.22
CA LEU B 615 19.69 16.19 12.64
C LEU B 615 19.24 15.49 11.36
N TYR B 616 20.13 14.75 10.72
CA TYR B 616 19.77 13.96 9.53
C TYR B 616 20.72 12.77 9.37
N PRO B 617 20.27 11.70 8.69
CA PRO B 617 21.11 10.54 8.45
C PRO B 617 22.40 10.90 7.72
N ALA B 618 23.45 10.14 8.01
CA ALA B 618 24.76 10.31 7.38
C ALA B 618 24.65 10.47 5.87
N GLY B 619 25.17 11.58 5.36
CA GLY B 619 25.26 11.82 3.93
C GLY B 619 23.98 12.26 3.23
N ARG B 620 22.94 12.56 4.01
CA ARG B 620 21.63 12.96 3.43
C ARG B 620 21.71 14.09 2.37
N PRO B 621 22.37 15.23 2.68
CA PRO B 621 22.44 16.28 1.66
C PRO B 621 23.07 15.82 0.35
N LEU B 622 24.22 15.14 0.41
CA LEU B 622 24.88 14.69 -0.81
C LEU B 622 24.03 13.64 -1.53
N ASN B 623 23.34 12.82 -0.75
CA ASN B 623 22.47 11.80 -1.32
C ASN B 623 21.36 12.42 -2.15
N ILE B 624 20.76 13.49 -1.65
CA ILE B 624 19.71 14.21 -2.40
C ILE B 624 20.25 14.74 -3.73
N LEU B 625 21.42 15.37 -3.67
CA LEU B 625 22.07 15.89 -4.87
C LEU B 625 22.40 14.80 -5.88
N LEU B 626 23.08 13.75 -5.43
CA LEU B 626 23.49 12.65 -6.32
C LEU B 626 22.30 11.88 -6.89
N ASP B 627 21.27 11.65 -6.06
CA ASP B 627 20.06 11.00 -6.56
C ASP B 627 19.44 11.85 -7.65
N ALA B 628 19.32 13.16 -7.39
CA ALA B 628 18.72 14.08 -8.37
C ALA B 628 19.46 13.97 -9.69
N PHE B 629 20.79 14.00 -9.63
CA PHE B 629 21.56 13.88 -10.85
C PHE B 629 21.34 12.54 -11.56
N ARG B 630 21.43 11.43 -10.83
CA ARG B 630 21.32 10.08 -11.40
C ARG B 630 19.94 9.83 -12.00
N PHE B 631 18.91 10.45 -11.42
CA PHE B 631 17.53 10.27 -11.87
C PHE B 631 17.24 11.12 -13.11
N GLY B 632 18.18 12.02 -13.45
CA GLY B 632 18.05 12.83 -14.67
C GLY B 632 17.45 14.22 -14.48
N LYS B 633 17.35 14.66 -13.23
CA LYS B 633 16.72 15.94 -12.90
C LYS B 633 17.66 17.12 -13.17
N THR B 634 17.07 18.28 -13.39
CA THR B 634 17.77 19.56 -13.33
C THR B 634 18.49 19.72 -11.98
N VAL B 635 19.79 19.99 -12.04
CA VAL B 635 20.56 20.30 -10.84
C VAL B 635 21.25 21.65 -11.01
N GLY B 636 21.39 22.37 -9.90
CA GLY B 636 21.91 23.73 -9.96
C GLY B 636 22.72 24.04 -8.73
N ALA B 637 23.55 25.09 -8.80
CA ALA B 637 24.30 25.52 -7.65
C ALA B 637 24.52 27.01 -7.75
N LEU B 638 24.43 27.70 -6.62
CA LEU B 638 24.60 29.14 -6.56
C LEU B 638 25.88 29.48 -5.82
N GLY B 639 26.63 30.44 -6.35
CA GLY B 639 27.88 30.88 -5.75
C GLY B 639 28.80 29.74 -5.38
N SER B 640 29.27 29.78 -4.14
N SER B 640 29.29 29.76 -4.14
CA SER B 640 30.16 28.76 -3.58
CA SER B 640 30.19 28.72 -3.65
C SER B 640 29.49 27.39 -3.46
C SER B 640 29.48 27.39 -3.41
N GLY B 641 28.17 27.36 -3.64
CA GLY B 641 27.40 26.12 -3.62
C GLY B 641 27.90 25.13 -4.66
N SER B 642 28.53 25.64 -5.72
CA SER B 642 29.14 24.83 -6.77
C SER B 642 30.21 23.87 -6.24
N ASP B 643 30.78 24.18 -5.08
CA ASP B 643 31.71 23.26 -4.41
C ASP B 643 31.06 21.90 -4.16
N ALA B 644 29.75 21.90 -3.91
CA ALA B 644 29.00 20.66 -3.67
C ALA B 644 28.98 19.77 -4.90
N LEU B 645 28.91 20.38 -6.08
CA LEU B 645 28.96 19.63 -7.34
C LEU B 645 30.29 18.91 -7.49
N GLU B 646 31.38 19.58 -7.10
CA GLU B 646 32.71 18.97 -7.14
C GLU B 646 32.83 17.79 -6.19
N SER B 647 32.30 17.96 -4.98
CA SER B 647 32.27 16.89 -4.00
C SER B 647 31.54 15.65 -4.52
N GLY B 648 30.49 15.89 -5.30
CA GLY B 648 29.70 14.80 -5.87
C GLY B 648 30.17 14.36 -7.24
N GLN B 649 31.25 14.96 -7.71
CA GLN B 649 31.82 14.64 -9.03
C GLN B 649 30.84 14.89 -10.16
N ILE B 650 30.06 15.95 -10.01
CA ILE B 650 29.12 16.39 -11.02
C ILE B 650 29.74 17.56 -11.77
N SER B 651 30.02 17.35 -13.05
CA SER B 651 30.60 18.38 -13.90
C SER B 651 29.53 19.37 -14.36
N SER B 652 29.81 20.67 -14.19
CA SER B 652 28.90 21.73 -14.62
C SER B 652 28.84 21.84 -16.15
N GLU B 653 29.73 21.12 -16.84
CA GLU B 653 29.71 21.03 -18.30
C GLU B 653 28.59 20.14 -18.82
N ARG B 654 28.03 19.28 -17.96
CA ARG B 654 26.93 18.38 -18.35
C ARG B 654 25.65 19.15 -18.62
N GLN B 655 24.84 18.67 -19.55
CA GLN B 655 23.49 19.21 -19.80
C GLN B 655 22.65 19.08 -18.52
N GLY B 656 21.87 20.10 -18.21
CA GLY B 656 20.98 20.06 -17.06
C GLY B 656 21.65 20.29 -15.72
N VAL B 657 22.88 20.77 -15.77
CA VAL B 657 23.58 21.22 -14.58
C VAL B 657 23.84 22.69 -14.79
N TYR B 658 23.34 23.52 -13.89
CA TYR B 658 23.44 24.97 -14.05
C TYR B 658 24.09 25.62 -12.85
N THR B 659 24.98 26.56 -13.10
CA THR B 659 25.59 27.34 -12.02
C THR B 659 25.26 28.81 -12.21
N GLY B 660 25.19 29.55 -11.11
CA GLY B 660 24.88 30.98 -11.15
C GLY B 660 25.58 31.69 -10.02
N LYS B 661 25.87 32.98 -10.20
CA LYS B 661 26.54 33.75 -9.16
C LYS B 661 25.58 34.01 -8.01
N ASN B 662 24.35 34.34 -8.37
CA ASN B 662 23.29 34.61 -7.41
C ASN B 662 21.94 34.19 -7.97
N ALA B 663 20.91 34.28 -7.12
CA ALA B 663 19.56 33.85 -7.49
C ALA B 663 18.80 34.91 -8.29
N GLY B 664 19.38 35.36 -9.40
CA GLY B 664 18.75 36.38 -10.24
C GLY B 664 17.92 35.81 -11.37
N ASP B 665 17.54 36.68 -12.30
CA ASP B 665 16.72 36.34 -13.45
C ASP B 665 17.44 35.41 -14.41
N ALA B 666 18.75 35.59 -14.53
CA ALA B 666 19.57 34.78 -15.42
C ALA B 666 19.57 33.32 -14.96
N PHE B 667 19.61 33.11 -13.66
CA PHE B 667 19.62 31.75 -13.12
C PHE B 667 18.23 31.11 -13.24
N ALA B 668 17.18 31.87 -12.95
CA ALA B 668 15.80 31.39 -13.09
C ALA B 668 15.50 30.94 -14.51
N LYS B 669 16.06 31.67 -15.48
CA LYS B 669 15.93 31.31 -16.89
C LYS B 669 16.46 29.91 -17.18
N ASP B 670 17.65 29.61 -16.65
CA ASP B 670 18.28 28.30 -16.82
C ASP B 670 17.44 27.21 -16.18
N ILE B 671 16.92 27.48 -14.99
CA ILE B 671 16.09 26.53 -14.25
C ILE B 671 14.79 26.26 -14.98
N LYS B 672 14.19 27.31 -15.54
CA LYS B 672 13.00 27.16 -16.36
C LYS B 672 13.25 26.29 -17.58
N SER B 673 14.41 26.48 -18.20
CA SER B 673 14.81 25.66 -19.34
C SER B 673 14.96 24.20 -18.91
N GLY B 674 15.67 23.97 -17.82
CA GLY B 674 15.85 22.64 -17.24
C GLY B 674 14.53 21.96 -16.92
N LEU B 675 13.64 22.69 -16.26
CA LEU B 675 12.34 22.14 -15.88
C LEU B 675 11.47 21.79 -17.09
N SER B 676 11.54 22.60 -18.14
CA SER B 676 10.76 22.28 -19.34
C SER B 676 11.29 21.06 -20.09
N THR B 677 12.61 20.84 -20.04
CA THR B 677 13.22 19.63 -20.56
C THR B 677 12.84 18.46 -19.67
N PHE B 678 12.74 18.76 -18.37
CA PHE B 678 12.26 17.84 -17.33
C PHE B 678 13.21 16.70 -16.97
N LYS B 679 13.63 15.91 -17.95
CA LYS B 679 14.60 14.85 -17.69
C LYS B 679 15.71 14.86 -18.72
N PHE B 680 16.94 14.81 -18.24
CA PHE B 680 18.12 14.83 -19.10
C PHE B 680 18.55 13.41 -19.44
N LEU B 681 18.17 13.00 -20.65
CA LEU B 681 18.26 11.61 -21.07
C LEU B 681 19.67 11.15 -21.41
N ASP B 682 20.62 12.10 -21.54
CA ASP B 682 22.02 11.73 -21.80
C ASP B 682 22.74 11.08 -20.60
N ARG B 683 22.06 11.04 -19.46
CA ARG B 683 22.59 10.40 -18.26
C ARG B 683 22.28 8.91 -18.19
N PHE B 684 21.62 8.40 -19.21
CA PHE B 684 21.21 7.01 -19.26
C PHE B 684 21.92 6.28 -20.41
N ALA B 685 22.55 5.17 -20.06
CA ALA B 685 23.24 4.32 -21.02
C ALA B 685 22.25 3.65 -21.96
N VAL B 686 22.63 3.53 -23.23
CA VAL B 686 21.81 2.83 -24.22
C VAL B 686 22.62 1.68 -24.83
N ASP B 687 21.97 0.55 -25.10
CA ASP B 687 22.61 -0.59 -25.75
C ASP B 687 23.22 -0.19 -27.09
N GLU B 688 24.43 -0.70 -27.35
CA GLU B 688 25.17 -0.38 -28.58
C GLU B 688 24.91 -1.39 -29.70
FE HDD C . -8.41 -4.72 18.05
CHA HDD C . -8.56 -6.13 14.88
CHB HDD C . -5.33 -6.10 18.50
CHC HDD C . -7.93 -2.72 20.83
CHD HDD C . -11.45 -3.25 17.49
NA HDD C . -7.18 -5.82 16.90
C1A HDD C . -7.47 -6.36 15.67
C2A HDD C . -6.37 -7.25 15.30
C3A HDD C . -5.48 -7.25 16.29
C4A HDD C . -5.97 -6.37 17.32
CMA HDD C . -4.14 -8.04 16.36
CAA HDD C . -6.30 -8.01 13.99
CBA HDD C . -6.78 -9.46 14.13
CGA HDD C . -6.49 -10.09 12.79
O1A HDD C . -5.28 -10.31 12.51
O2A HDD C . -7.46 -10.33 12.03
NB HDD C . -6.87 -4.40 19.36
C1B HDD C . -5.76 -5.21 19.45
C2B HDD C . -5.07 -4.88 20.68
C3B HDD C . -5.80 -3.96 21.35
C4B HDD C . -6.93 -3.62 20.50
CMB HDD C . -3.80 -5.63 21.19
CAB HDD C . -5.54 -3.29 22.71
CBB HDD C . -4.93 -3.93 23.72
NC HDD C . -9.46 -3.25 18.98
C1C HDD C . -9.11 -2.56 20.13
C2C HDD C . -10.15 -1.57 20.39
C3C HDD C . -11.12 -1.80 19.49
C4C HDD C . -10.69 -2.81 18.57
CMC HDD C . -10.21 -0.64 21.62
CAC HDD C . -12.47 -1.07 19.33
CBC HDD C . -13.34 -1.16 20.33
ND HDD C . -9.79 -4.66 16.39
C1D HDD C . -11.05 -4.09 16.49
C2D HDD C . -11.89 -4.52 15.38
C3D HDD C . -10.98 -5.44 14.54
C4D HDD C . -9.70 -5.45 15.25
CMD HDD C . -12.48 -3.30 14.61
CAD HDD C . -10.76 -5.09 13.06
CBD HDD C . -10.99 -6.40 12.35
CGD HDD C . -11.44 -7.36 13.41
O1D HDD C . -11.44 -6.75 14.60
O2D HDD C . -11.70 -8.55 13.21
OND HDD C . -13.03 -5.26 15.88
C1 NAG D . -25.13 -25.86 37.31
C2 NAG D . -25.37 -25.20 38.66
C3 NAG D . -26.18 -26.05 39.65
C4 NAG D . -27.25 -26.91 39.00
C5 NAG D . -26.66 -27.59 37.77
C6 NAG D . -27.62 -28.57 37.10
C7 NAG D . -23.68 -23.64 39.55
C8 NAG D . -22.38 -23.48 40.28
N2 NAG D . -24.08 -24.88 39.27
O3 NAG D . -26.77 -25.22 40.62
O4 NAG D . -27.71 -27.87 39.94
O5 NAG D . -26.28 -26.57 36.86
O6 NAG D . -28.67 -27.87 36.50
O7 NAG D . -24.33 -22.64 39.23
C1 NAG E . 12.41 3.26 41.58
C2 NAG E . 12.70 4.60 42.29
C3 NAG E . 12.31 4.54 43.77
C4 NAG E . 10.96 3.87 43.98
C5 NAG E . 10.94 2.51 43.28
C6 NAG E . 9.64 1.74 43.48
C7 NAG E . 14.62 5.86 41.29
C8 NAG E . 16.01 5.53 40.82
N2 NAG E . 14.10 5.00 42.19
O3 NAG E . 12.28 5.84 44.31
O4 NAG E . 10.71 3.73 45.36
O5 NAG E . 11.14 2.72 41.89
O6 NAG E . 8.57 2.41 42.83
O7 NAG E . 14.06 6.88 40.87
C1 NAG F . -1.96 -29.25 42.54
C2 NAG F . -0.87 -30.21 42.04
C3 NAG F . -0.63 -31.39 43.00
C4 NAG F . -0.52 -30.91 44.45
C5 NAG F . -1.76 -30.06 44.78
C6 NAG F . -1.78 -29.61 46.24
C7 NAG F . -0.38 -30.53 39.70
C8 NAG F . -0.79 -31.14 38.40
N2 NAG F . -1.21 -30.70 40.72
O3 NAG F . 0.55 -32.06 42.61
O4 NAG F . -0.38 -32.02 45.32
O5 NAG F . -1.80 -28.94 43.91
O6 NAG F . -0.94 -28.48 46.41
O7 NAG F . 0.68 -29.90 39.78
N1 3TR G . -3.52 -3.31 17.74
N2 3TR G . -4.17 -2.49 18.66
C3 3TR G . -5.29 -2.02 18.06
N4 3TR G . -5.37 -2.50 16.81
C5 3TR G . -4.28 -3.28 16.63
N3A 3TR G . -6.24 -1.15 18.67
CA CA H . 36.42 -4.37 11.14
CA CA I . 19.58 5.69 -2.18
CA CA J . -14.18 4.61 33.44
FE HDD K . -13.02 -1.35 -16.02
CHA HDD K . -13.26 -0.08 -12.85
CHB HDD K . -11.26 1.38 -17.03
CHC HDD K . -12.16 -2.97 -18.97
CHD HDD K . -14.63 -4.23 -14.97
NA HDD K . -12.34 0.30 -15.11
C1A HDD K . -12.60 0.67 -13.80
C2A HDD K . -12.09 2.02 -13.61
C3A HDD K . -11.52 2.42 -14.76
C4A HDD K . -11.69 1.35 -15.72
CMA HDD K . -10.83 3.78 -15.03
CAA HDD K . -12.13 2.82 -12.30
CBA HDD K . -13.37 3.70 -12.24
CGA HDD K . -13.19 4.47 -10.96
O1A HDD K . -12.26 5.33 -10.91
O2A HDD K . -13.97 4.22 -10.01
NB HDD K . -11.83 -0.93 -17.64
C1B HDD K . -11.33 0.33 -17.91
C2B HDD K . -10.83 0.35 -19.28
C3B HDD K . -11.11 -0.85 -19.83
C4B HDD K . -11.72 -1.68 -18.81
CMB HDD K . -10.24 1.60 -19.96
CAB HDD K . -10.80 -1.38 -21.26
CBB HDD K . -10.77 -0.61 -22.35
NC HDD K . -13.31 -3.23 -16.80
C1C HDD K . -12.90 -3.68 -18.05
C2C HDD K . -13.29 -5.07 -18.18
C3C HDD K . -14.05 -5.37 -17.12
C4C HDD K . -14.03 -4.24 -16.20
CMC HDD K . -13.10 -5.92 -19.47
CAC HDD K . -14.74 -6.70 -16.78
CBC HDD K . -15.63 -7.23 -17.64
ND HDD K . -13.79 -2.08 -14.14
C1D HDD K . -14.54 -3.23 -14.03
C2D HDD K . -15.24 -3.22 -12.75
C3D HDD K . -14.81 -1.91 -12.05
C4D HDD K . -13.91 -1.27 -13.01
CMD HDD K . -14.94 -4.51 -11.94
CAD HDD K . -14.18 -1.94 -10.65
CBD HDD K . -14.95 -0.89 -9.87
CGD HDD K . -16.07 -0.48 -10.78
O1D HDD K . -15.91 -1.09 -11.98
O2D HDD K . -16.89 0.42 -10.54
OND HDD K . -16.66 -3.17 -12.98
C1 NAG L . -41.73 6.65 -30.52
C2 NAG L . -42.10 5.69 -31.67
C3 NAG L . -43.09 6.39 -32.59
C4 NAG L . -44.35 6.69 -31.76
C5 NAG L . -43.96 7.51 -30.52
C6 NAG L . -45.14 7.75 -29.59
C7 NAG L . -39.98 5.68 -33.02
C8 NAG L . -38.91 4.77 -33.55
N2 NAG L . -40.96 5.07 -32.36
O3 NAG L . -43.40 5.60 -33.72
O4 NAG L . -45.30 7.37 -32.55
O5 NAG L . -42.92 6.87 -29.79
O6 NAG L . -45.63 6.52 -29.13
O7 NAG L . -39.91 6.90 -33.21
C1 NAG M . 3.57 1.01 -43.48
C2 NAG M . 2.36 0.06 -43.52
C3 NAG M . 1.79 -0.07 -44.94
C4 NAG M . 1.71 1.26 -45.70
C5 NAG M . 3.00 2.06 -45.54
C7 NAG M . 2.51 -1.66 -41.76
C8 NAG M . 2.89 -3.08 -41.44
N2 NAG M . 2.73 -1.25 -43.02
O3 NAG M . 0.50 -0.64 -44.87
O5 NAG M . 3.27 2.22 -44.16
O7 NAG M . 2.01 -0.93 -40.87
C1 NAG N . -25.26 21.57 -39.78
C2 NAG N . -24.84 23.03 -39.58
C3 NAG N . -25.36 24.01 -40.64
C4 NAG N . -26.35 23.46 -41.69
C5 NAG N . -26.53 21.94 -41.70
C6 NAG N . -26.79 21.45 -43.13
C7 NAG N . -24.45 23.59 -37.25
C8 NAG N . -25.01 23.22 -35.91
N2 NAG N . -25.29 23.47 -38.27
O3 NAG N . -24.24 24.57 -41.32
O4 NAG N . -27.62 24.08 -41.50
O5 NAG N . -25.38 21.30 -41.16
O6 NAG N . -25.57 21.40 -43.84
O7 NAG N . -23.27 23.96 -37.36
N1 3TR O . -8.07 0.00 -16.92
N2 3TR O . -8.45 -1.11 -17.68
C3 3TR O . -8.99 -2.01 -16.84
N4 3TR O . -8.98 -1.53 -15.59
C5 3TR O . -8.40 -0.30 -15.67
N3A 3TR O . -9.52 -3.29 -17.23
CA CA P . 25.66 22.68 -18.08
CA CA Q . -15.92 -13.21 -30.50
CA CA R . -25.49 -7.24 2.54
#